data_6CD0
#
_entry.id   6CD0
#
_cell.length_a   151.657
_cell.length_b   201.563
_cell.length_c   64.782
_cell.angle_alpha   90.00
_cell.angle_beta   90.00
_cell.angle_gamma   90.00
#
_symmetry.space_group_name_H-M   'P 21 21 2'
#
loop_
_entity.id
_entity.type
_entity.pdbx_description
1 polymer 'Serine hydroxymethyltransferase'
2 polymer 'Serine hydroxymethyltransferase'
3 non-polymer 'ACETATE ION'
4 non-polymer 'FORMIC ACID'
5 water water
#
loop_
_entity_poly.entity_id
_entity_poly.type
_entity_poly.pdbx_seq_one_letter_code
_entity_poly.pdbx_strand_id
1 'polypeptide(L)'
;SNAFLDYGLSEADPDVHAIINKEKDRQFRSLELIASENFTSKAVMEAVGSCLTNKYSEGLPGKRYYGGNEHIDELEILCQ
QRALAAFHLDGDKWGVNVQPLSGSPANFAVYTAILKPHDRIMGLDLPHGGHLSHGFMTAKRRVSGTSIYFESMPYRLDES
TGVIDYDMLEKTAALFRPKLIIAGASAYPRDIDYARFRKIADSVGAFLMMDMAHVSGLIAASVLADPFEFVDIVTTTTH
(LLP)SLRGPRGGMIFFKKDAVHGVDLESAINNAVFPGLQGGPHNHTIGGLAVCLKYAQSPDFKNYQNQVVANCRALANR
LVEHEYKLVSGGSDNHLVLVDLRPSGIDGARVEKILDMASITLNKNSVPGDKSALVPGGIRIGSPAMTTRGLGEKEFELI
ADLIHEGVRISLEAKSLVSGTKVQDFLNFVLAPEFPLGDKVSNLRRKVEALATQYPIPGV
;
A,B,D
2 'polypeptide(L)'
;SNAFLDYGLSEADPDVHAIINKEKDRQFRSLELIASENFTSKAVMEAVGSCLTNKYSEGLPGKRYYGGNEHIDELEILCQ
QRALAAFHLDGDKWGVNVQPLSGSPANFAVYTAILKPHDRIMGLDLPHGGHLSHGFMTAKRRVSGTSIYFESMPYRLDES
TGVIDYDMLEKTAALFRPKLIIAGASAYPRDIDYARFRKIADSVGAFLMMDMAHVSGLIAASVLADPFEFVDIVTTTTHK
SLRGPRGGMIFFKKDAVHGVDLESAINNAVFPGLQGGPHNHTIGGLAVCLKYAQSPDFKNYQNQVVANCRALANRLVEHE
YKLVSGGSDNHLVLVDLRPSGIDGARVEKILDMASITLNKNSVPGDKSALVPGGIRIGSPAMTTRGLGEKEFELIADLIH
EGVRISLEAKSLVSGTKVQDFLNFVLAPEFPLGDKVSNLRRKVEALATQYPIPGV
;
C
#
loop_
_chem_comp.id
_chem_comp.type
_chem_comp.name
_chem_comp.formula
ACT non-polymer 'ACETATE ION' 'C2 H3 O2 -1'
FMT non-polymer 'FORMIC ACID' 'C H2 O2'
#
# COMPACT_ATOMS: atom_id res chain seq x y z
N PHE A 4 -15.79 32.24 -42.72
CA PHE A 4 -15.55 30.84 -42.25
C PHE A 4 -14.54 30.12 -43.16
N LEU A 5 -13.53 29.49 -42.55
CA LEU A 5 -12.44 28.84 -43.30
C LEU A 5 -12.26 27.43 -42.78
N ASP A 6 -12.40 26.44 -43.68
CA ASP A 6 -12.17 25.04 -43.32
C ASP A 6 -11.42 24.37 -44.47
N TYR A 7 -10.20 24.87 -44.69
CA TYR A 7 -9.25 24.29 -45.62
C TYR A 7 -8.91 22.84 -45.34
N GLY A 8 -8.57 22.10 -46.39
CA GLY A 8 -8.05 20.75 -46.19
C GLY A 8 -6.61 20.80 -45.71
N LEU A 9 -6.09 19.62 -45.40
CA LEU A 9 -4.72 19.50 -44.88
C LEU A 9 -3.67 20.09 -45.82
N SER A 10 -3.73 19.80 -47.12
CA SER A 10 -2.71 20.32 -48.05
C SER A 10 -2.69 21.86 -48.05
N GLU A 11 -3.85 22.46 -47.89
CA GLU A 11 -4.01 23.90 -47.83
C GLU A 11 -3.64 24.53 -46.50
N ALA A 12 -4.05 23.87 -45.42
CA ALA A 12 -3.92 24.39 -44.05
C ALA A 12 -2.49 24.25 -43.49
N ASP A 13 -1.85 23.12 -43.77
CA ASP A 13 -0.59 22.73 -43.13
C ASP A 13 0.28 21.94 -44.11
N PRO A 14 0.93 22.64 -45.04
CA PRO A 14 1.80 21.94 -45.98
C PRO A 14 2.90 21.11 -45.35
N ASP A 15 3.45 21.54 -44.20
CA ASP A 15 4.49 20.74 -43.56
C ASP A 15 3.99 19.38 -43.08
N VAL A 16 2.86 19.36 -42.37
CA VAL A 16 2.28 18.09 -41.92
C VAL A 16 1.80 17.26 -43.09
N HIS A 17 1.15 17.89 -44.08
CA HIS A 17 0.74 17.18 -45.29
C HIS A 17 1.91 16.49 -45.99
N ALA A 18 3.03 17.17 -46.09
CA ALA A 18 4.22 16.60 -46.76
C ALA A 18 4.77 15.43 -45.94
N ILE A 19 4.80 15.56 -44.61
CA ILE A 19 5.25 14.47 -43.74
C ILE A 19 4.38 13.24 -43.91
N ILE A 20 3.06 13.42 -43.91
CA ILE A 20 2.17 12.30 -44.11
C ILE A 20 2.37 11.64 -45.47
N ASN A 21 2.51 12.45 -46.53
CA ASN A 21 2.84 11.90 -47.86
C ASN A 21 4.15 11.10 -47.85
N LYS A 22 5.18 11.64 -47.22
CA LYS A 22 6.45 10.90 -47.11
C LYS A 22 6.29 9.56 -46.35
N GLU A 23 5.51 9.59 -45.28
CA GLU A 23 5.28 8.38 -44.49
C GLU A 23 4.45 7.35 -45.26
N LYS A 24 3.41 7.79 -45.95
CA LYS A 24 2.63 6.91 -46.84
C LYS A 24 3.53 6.22 -47.87
N ASP A 25 4.42 7.00 -48.46
CA ASP A 25 5.31 6.48 -49.49
C ASP A 25 6.42 5.58 -48.94
N ARG A 26 6.93 5.91 -47.75
CA ARG A 26 7.89 5.04 -47.05
C ARG A 26 7.24 3.67 -46.79
N GLN A 27 6.02 3.70 -46.28
CA GLN A 27 5.28 2.44 -46.05
C GLN A 27 5.12 1.65 -47.32
N PHE A 28 4.79 2.35 -48.41
CA PHE A 28 4.63 1.72 -49.72
C PHE A 28 5.91 1.04 -50.25
N ARG A 29 7.05 1.71 -50.16
CA ARG A 29 8.28 1.14 -50.72
C ARG A 29 9.12 0.29 -49.79
N SER A 30 8.67 0.10 -48.54
CA SER A 30 9.41 -0.72 -47.59
C SER A 30 8.83 -2.12 -47.42
N LEU A 31 9.66 -3.04 -46.93
CA LEU A 31 9.17 -4.33 -46.43
C LEU A 31 8.94 -4.13 -44.94
N GLU A 32 7.68 -3.94 -44.56
CA GLU A 32 7.28 -3.77 -43.17
C GLU A 32 7.08 -5.13 -42.53
N LEU A 33 8.05 -5.53 -41.71
CA LEU A 33 8.06 -6.84 -41.08
C LEU A 33 7.95 -6.74 -39.55
N ILE A 34 7.61 -5.57 -39.04
CA ILE A 34 7.32 -5.40 -37.59
C ILE A 34 6.05 -6.17 -37.30
N ALA A 35 6.16 -7.14 -36.39
CA ALA A 35 5.09 -8.11 -36.15
C ALA A 35 3.84 -7.48 -35.54
N SER A 36 3.98 -6.32 -34.93
CA SER A 36 2.86 -5.60 -34.35
C SER A 36 2.26 -4.56 -35.31
N GLU A 37 2.75 -4.52 -36.55
CA GLU A 37 2.29 -3.52 -37.53
C GLU A 37 1.41 -4.18 -38.56
N ASN A 38 0.46 -3.41 -39.06
CA ASN A 38 -0.36 -3.83 -40.19
C ASN A 38 -0.75 -2.58 -40.95
N PHE A 39 -1.51 -2.76 -42.03
CA PHE A 39 -2.01 -1.66 -42.84
C PHE A 39 -3.52 -1.70 -42.74
N THR A 40 -4.11 -0.72 -42.06
CA THR A 40 -5.56 -0.71 -41.89
C THR A 40 -6.24 -0.22 -43.18
N SER A 41 -7.53 -0.51 -43.25
CA SER A 41 -8.29 -0.29 -44.46
C SER A 41 -8.69 1.15 -44.65
N LYS A 42 -9.03 1.48 -45.91
CA LYS A 42 -9.61 2.75 -46.24
C LYS A 42 -10.86 3.03 -45.42
N ALA A 43 -11.70 2.01 -45.26
CA ALA A 43 -12.98 2.19 -44.58
C ALA A 43 -12.77 2.50 -43.10
N VAL A 44 -11.83 1.82 -42.48
CA VAL A 44 -11.48 2.10 -41.07
C VAL A 44 -10.99 3.54 -40.95
N MET A 45 -10.07 3.94 -41.83
CA MET A 45 -9.55 5.33 -41.81
C MET A 45 -10.64 6.37 -42.01
N GLU A 46 -11.60 6.07 -42.90
CA GLU A 46 -12.73 6.98 -43.09
C GLU A 46 -13.58 7.19 -41.83
N ALA A 47 -13.83 6.12 -41.08
CA ALA A 47 -14.55 6.20 -39.81
C ALA A 47 -13.72 6.96 -38.78
N VAL A 48 -12.43 6.64 -38.71
CA VAL A 48 -11.57 7.28 -37.69
C VAL A 48 -11.40 8.79 -37.98
N GLY A 49 -11.34 9.16 -39.24
CA GLY A 49 -11.23 10.55 -39.65
C GLY A 49 -12.56 11.25 -39.90
N SER A 50 -13.55 11.00 -39.06
CA SER A 50 -14.91 11.54 -39.23
C SER A 50 -15.32 12.42 -38.06
N CYS A 51 -16.52 12.99 -38.19
CA CYS A 51 -17.13 13.83 -37.16
C CYS A 51 -17.44 13.13 -35.84
N LEU A 52 -17.29 11.80 -35.81
CA LEU A 52 -17.46 11.04 -34.57
C LEU A 52 -16.53 11.55 -33.47
N THR A 53 -15.37 12.09 -33.85
CA THR A 53 -14.40 12.67 -32.90
C THR A 53 -14.99 13.84 -32.07
N ASN A 54 -16.01 14.52 -32.58
CA ASN A 54 -16.56 15.67 -31.87
C ASN A 54 -17.43 15.39 -30.64
N LYS A 55 -17.88 14.17 -30.43
CA LYS A 55 -18.89 13.90 -29.39
C LYS A 55 -18.35 13.45 -28.03
N TYR A 56 -18.78 14.12 -26.93
CA TYR A 56 -18.58 13.63 -25.54
C TYR A 56 -19.69 12.68 -25.15
N SER A 57 -19.33 11.48 -24.69
CA SER A 57 -20.30 10.42 -24.37
C SER A 57 -19.88 9.57 -23.16
N GLU A 58 -19.48 10.23 -22.07
CA GLU A 58 -19.09 9.47 -20.88
C GLU A 58 -20.22 8.53 -20.46
N GLY A 59 -19.86 7.30 -20.10
CA GLY A 59 -20.80 6.31 -19.60
C GLY A 59 -20.92 5.16 -20.59
N LEU A 60 -22.07 4.49 -20.58
CA LEU A 60 -22.32 3.34 -21.44
C LEU A 60 -23.60 3.59 -22.21
N PRO A 61 -23.83 2.84 -23.31
CA PRO A 61 -25.05 3.03 -24.12
C PRO A 61 -26.33 2.98 -23.31
N GLY A 62 -27.21 3.97 -23.50
CA GLY A 62 -28.44 4.10 -22.74
C GLY A 62 -28.28 4.71 -21.35
N LYS A 63 -27.02 4.86 -20.88
CA LYS A 63 -26.70 5.39 -19.54
C LYS A 63 -25.55 6.41 -19.62
N ARG A 64 -25.76 7.51 -20.32
CA ARG A 64 -24.73 8.54 -20.55
C ARG A 64 -24.86 9.77 -19.65
N TYR A 65 -23.78 10.53 -19.55
CA TYR A 65 -23.71 11.76 -18.75
C TYR A 65 -23.79 13.08 -19.53
N TYR A 66 -24.30 13.00 -20.77
CA TYR A 66 -24.45 14.15 -21.67
C TYR A 66 -25.63 13.85 -22.58
N GLY A 67 -26.24 14.88 -23.14
CA GLY A 67 -27.25 14.66 -24.18
C GLY A 67 -26.62 14.38 -25.54
N GLY A 68 -27.48 14.13 -26.53
CA GLY A 68 -27.09 14.08 -27.94
C GLY A 68 -26.45 12.78 -28.38
N ASN A 69 -26.63 11.72 -27.60
CA ASN A 69 -25.92 10.46 -27.82
C ASN A 69 -26.73 9.35 -28.51
N GLU A 70 -27.86 9.66 -29.14
CA GLU A 70 -28.65 8.63 -29.86
C GLU A 70 -27.80 7.79 -30.84
N HIS A 71 -26.99 8.45 -31.65
CA HIS A 71 -26.29 7.76 -32.73
C HIS A 71 -25.00 7.12 -32.23
N ILE A 72 -24.29 7.81 -31.34
CA ILE A 72 -23.13 7.22 -30.61
C ILE A 72 -23.52 5.93 -29.89
N ASP A 73 -24.68 5.93 -29.25
CA ASP A 73 -25.17 4.71 -28.60
C ASP A 73 -25.43 3.59 -29.61
N GLU A 74 -26.05 3.91 -30.74
CA GLU A 74 -26.24 2.90 -31.79
C GLU A 74 -24.90 2.28 -32.23
N LEU A 75 -23.90 3.14 -32.40
CA LEU A 75 -22.60 2.71 -32.88
C LEU A 75 -21.90 1.83 -31.85
N GLU A 76 -21.94 2.23 -30.59
CA GLU A 76 -21.22 1.46 -29.56
C GLU A 76 -21.88 0.10 -29.34
N ILE A 77 -23.21 0.04 -29.33
CA ILE A 77 -23.92 -1.23 -29.26
C ILE A 77 -23.57 -2.14 -30.46
N LEU A 78 -23.60 -1.59 -31.65
CA LEU A 78 -23.21 -2.32 -32.86
C LEU A 78 -21.80 -2.88 -32.73
N CYS A 79 -20.88 -2.02 -32.28
CA CYS A 79 -19.49 -2.41 -32.08
C CYS A 79 -19.36 -3.58 -31.08
N GLN A 80 -20.05 -3.49 -29.95
CA GLN A 80 -20.03 -4.55 -28.95
C GLN A 80 -20.58 -5.86 -29.51
N GLN A 81 -21.68 -5.80 -30.27
N GLN A 81 -21.69 -5.78 -30.25
CA GLN A 81 -22.26 -7.02 -30.84
CA GLN A 81 -22.30 -6.94 -30.90
C GLN A 81 -21.37 -7.63 -31.91
C GLN A 81 -21.31 -7.60 -31.85
N ARG A 82 -20.68 -6.79 -32.70
CA ARG A 82 -19.70 -7.29 -33.66
C ARG A 82 -18.45 -7.92 -33.03
N ALA A 83 -17.98 -7.33 -31.92
CA ALA A 83 -16.86 -7.87 -31.16
C ALA A 83 -17.16 -9.31 -30.69
N LEU A 84 -18.34 -9.48 -30.12
CA LEU A 84 -18.80 -10.78 -29.61
C LEU A 84 -18.92 -11.79 -30.74
N ALA A 85 -19.50 -11.37 -31.86
CA ALA A 85 -19.65 -12.23 -33.05
C ALA A 85 -18.31 -12.61 -33.67
N ALA A 86 -17.37 -11.67 -33.74
CA ALA A 86 -16.05 -11.97 -34.31
C ALA A 86 -15.31 -13.08 -33.54
N PHE A 87 -15.56 -13.18 -32.24
CA PHE A 87 -14.91 -14.20 -31.39
C PHE A 87 -15.85 -15.36 -31.01
N HIS A 88 -17.04 -15.37 -31.62
CA HIS A 88 -18.01 -16.48 -31.56
C HIS A 88 -18.53 -16.70 -30.16
N LEU A 89 -18.90 -15.59 -29.51
CA LEU A 89 -19.27 -15.56 -28.13
C LEU A 89 -20.75 -15.32 -27.97
N ASP A 90 -21.36 -16.06 -27.05
CA ASP A 90 -22.75 -15.86 -26.66
C ASP A 90 -22.80 -14.67 -25.72
N GLY A 91 -23.63 -13.68 -26.07
CA GLY A 91 -23.79 -12.44 -25.30
C GLY A 91 -24.33 -12.62 -23.88
N ASP A 92 -25.04 -13.70 -23.61
CA ASP A 92 -25.45 -14.01 -22.22
C ASP A 92 -24.29 -14.47 -21.34
N LYS A 93 -23.25 -15.04 -21.94
CA LYS A 93 -22.08 -15.50 -21.17
C LYS A 93 -20.86 -14.55 -21.21
N TRP A 94 -20.74 -13.75 -22.27
CA TRP A 94 -19.63 -12.82 -22.46
C TRP A 94 -20.13 -11.42 -22.71
N GLY A 95 -19.45 -10.46 -22.09
CA GLY A 95 -19.63 -9.05 -22.37
C GLY A 95 -18.32 -8.46 -22.86
N VAL A 96 -18.40 -7.23 -23.33
CA VAL A 96 -17.27 -6.52 -23.91
C VAL A 96 -17.37 -5.00 -23.70
N ASN A 97 -16.23 -4.42 -23.35
CA ASN A 97 -16.06 -2.97 -23.31
C ASN A 97 -15.11 -2.59 -24.45
N VAL A 98 -15.60 -1.72 -25.34
CA VAL A 98 -14.89 -1.27 -26.54
C VAL A 98 -14.32 0.13 -26.38
N GLN A 99 -14.37 0.68 -25.16
CA GLN A 99 -13.82 1.99 -24.89
C GLN A 99 -12.33 2.12 -24.57
N PRO A 100 -11.62 1.02 -24.21
CA PRO A 100 -10.21 1.26 -23.81
C PRO A 100 -9.41 1.95 -24.90
N LEU A 101 -8.60 2.92 -24.51
CA LEU A 101 -7.87 3.74 -25.49
C LEU A 101 -6.76 3.01 -26.25
N SER A 102 -6.25 1.93 -25.67
CA SER A 102 -5.19 1.15 -26.29
C SER A 102 -5.04 -0.14 -25.50
N GLY A 103 -4.06 -0.97 -25.85
CA GLY A 103 -3.85 -2.26 -25.17
C GLY A 103 -3.42 -2.08 -23.71
N SER A 104 -2.52 -1.13 -23.47
CA SER A 104 -1.97 -0.90 -22.12
C SER A 104 -3.08 -0.42 -21.16
N PRO A 105 -3.91 0.57 -21.56
CA PRO A 105 -5.05 0.96 -20.71
C PRO A 105 -6.10 -0.13 -20.52
N ALA A 106 -6.29 -0.98 -21.52
CA ALA A 106 -7.19 -2.11 -21.42
C ALA A 106 -6.76 -3.01 -20.26
N ASN A 107 -5.47 -3.33 -20.23
CA ASN A 107 -4.91 -4.18 -19.20
C ASN A 107 -4.99 -3.52 -17.85
N PHE A 108 -4.65 -2.24 -17.77
CA PHE A 108 -4.66 -1.56 -16.48
C PHE A 108 -6.08 -1.46 -15.92
N ALA A 109 -7.05 -1.28 -16.81
CA ALA A 109 -8.45 -1.30 -16.38
C ALA A 109 -8.85 -2.65 -15.77
N VAL A 110 -8.39 -3.75 -16.35
CA VAL A 110 -8.68 -5.07 -15.81
C VAL A 110 -8.11 -5.18 -14.39
N TYR A 111 -6.86 -4.77 -14.23
CA TYR A 111 -6.20 -4.90 -12.91
C TYR A 111 -6.95 -4.04 -11.91
N THR A 112 -7.31 -2.83 -12.32
CA THR A 112 -8.09 -1.94 -11.45
C THR A 112 -9.47 -2.50 -11.08
N ALA A 113 -10.09 -3.19 -12.01
CA ALA A 113 -11.39 -3.81 -11.79
C ALA A 113 -11.39 -4.95 -10.75
N ILE A 114 -10.43 -5.87 -10.87
CA ILE A 114 -10.45 -7.12 -10.11
C ILE A 114 -9.42 -7.22 -8.99
N LEU A 115 -8.41 -6.36 -8.98
CA LEU A 115 -7.38 -6.37 -7.96
C LEU A 115 -7.41 -5.11 -7.13
N LYS A 116 -6.87 -5.21 -5.92
CA LYS A 116 -6.57 -4.05 -5.11
C LYS A 116 -5.11 -3.68 -5.30
N PRO A 117 -4.76 -2.42 -5.03
CA PRO A 117 -3.36 -2.04 -5.10
C PRO A 117 -2.45 -3.02 -4.31
N HIS A 118 -1.33 -3.37 -4.94
CA HIS A 118 -0.34 -4.33 -4.44
C HIS A 118 -0.74 -5.78 -4.45
N ASP A 119 -1.90 -6.12 -5.02
CA ASP A 119 -2.23 -7.49 -5.30
C ASP A 119 -1.25 -8.10 -6.33
N ARG A 120 -1.17 -9.42 -6.27
CA ARG A 120 -0.15 -10.19 -7.00
C ARG A 120 -0.56 -10.61 -8.38
N ILE A 121 0.36 -10.38 -9.33
CA ILE A 121 0.20 -10.72 -10.75
C ILE A 121 1.40 -11.52 -11.25
N MET A 122 1.15 -12.53 -12.09
CA MET A 122 2.22 -13.18 -12.86
C MET A 122 1.94 -13.06 -14.37
N GLY A 123 2.96 -12.64 -15.10
CA GLY A 123 2.95 -12.57 -16.56
C GLY A 123 4.28 -13.10 -17.09
N LEU A 124 4.35 -13.32 -18.39
CA LEU A 124 5.57 -13.77 -19.03
C LEU A 124 6.63 -12.68 -18.91
N ASP A 125 7.85 -13.07 -18.58
CA ASP A 125 8.95 -12.11 -18.32
C ASP A 125 9.22 -11.30 -19.60
N LEU A 126 9.51 -10.01 -19.42
CA LEU A 126 9.77 -9.11 -20.56
C LEU A 126 10.92 -9.60 -21.47
N PRO A 127 12.08 -9.96 -20.87
CA PRO A 127 13.14 -10.52 -21.72
C PRO A 127 12.81 -11.85 -22.41
N HIS A 128 11.70 -12.48 -22.05
CA HIS A 128 11.26 -13.75 -22.66
C HIS A 128 10.00 -13.62 -23.50
N GLY A 129 9.71 -12.42 -23.99
CA GLY A 129 8.65 -12.22 -24.97
C GLY A 129 7.39 -11.61 -24.38
N GLY A 130 7.44 -11.23 -23.10
CA GLY A 130 6.30 -10.64 -22.43
C GLY A 130 6.10 -9.19 -22.84
N HIS A 131 5.03 -8.57 -22.33
CA HIS A 131 4.78 -7.15 -22.55
C HIS A 131 4.98 -6.40 -21.26
N LEU A 132 5.52 -5.18 -21.36
CA LEU A 132 5.74 -4.32 -20.22
C LEU A 132 4.50 -4.18 -19.35
N SER A 133 3.32 -4.08 -19.96
CA SER A 133 2.08 -3.94 -19.18
C SER A 133 1.69 -5.15 -18.31
N HIS A 134 2.35 -6.30 -18.47
CA HIS A 134 2.14 -7.42 -17.56
C HIS A 134 3.05 -7.35 -16.34
N GLY A 135 3.91 -6.33 -16.27
CA GLY A 135 4.85 -6.14 -15.17
C GLY A 135 6.30 -6.23 -15.65
N PHE A 136 7.12 -5.33 -15.13
CA PHE A 136 8.55 -5.38 -15.35
C PHE A 136 9.25 -4.54 -14.30
N MET A 137 10.21 -5.15 -13.60
CA MET A 137 11.08 -4.48 -12.64
C MET A 137 12.52 -4.87 -12.95
N THR A 138 13.43 -3.91 -12.87
CA THR A 138 14.86 -4.21 -12.89
C THR A 138 15.33 -4.31 -11.45
N ALA A 139 16.59 -4.67 -11.27
CA ALA A 139 17.25 -4.54 -9.98
C ALA A 139 17.11 -3.13 -9.40
N LYS A 140 17.12 -2.11 -10.28
CA LYS A 140 17.08 -0.71 -9.86
C LYS A 140 15.67 -0.13 -9.63
N ARG A 141 14.67 -0.51 -10.45
CA ARG A 141 13.35 0.13 -10.33
C ARG A 141 12.18 -0.65 -10.90
N ARG A 142 11.00 -0.15 -10.55
CA ARG A 142 9.72 -0.60 -11.08
C ARG A 142 9.48 0.20 -12.37
N VAL A 143 9.63 -0.45 -13.50
CA VAL A 143 9.60 0.23 -14.82
C VAL A 143 8.16 0.43 -15.30
N SER A 144 7.42 -0.67 -15.31
CA SER A 144 6.02 -0.69 -15.69
C SER A 144 5.17 -0.12 -14.57
N GLY A 145 4.14 0.66 -14.93
CA GLY A 145 3.06 1.04 -14.02
C GLY A 145 2.45 -0.13 -13.29
N THR A 146 2.32 -1.25 -13.97
CA THR A 146 1.80 -2.48 -13.42
C THR A 146 2.61 -2.94 -12.20
N SER A 147 3.94 -2.82 -12.28
CA SER A 147 4.84 -3.19 -11.19
C SER A 147 4.95 -2.13 -10.08
N ILE A 148 4.49 -0.92 -10.36
CA ILE A 148 4.37 0.13 -9.34
C ILE A 148 3.14 -0.11 -8.49
N TYR A 149 1.99 -0.29 -9.13
CA TYR A 149 0.70 -0.33 -8.41
C TYR A 149 0.28 -1.74 -7.97
N PHE A 150 0.90 -2.75 -8.56
CA PHE A 150 0.65 -4.17 -8.24
C PHE A 150 1.97 -4.86 -8.01
N GLU A 151 1.89 -6.07 -7.49
CA GLU A 151 3.08 -6.87 -7.20
C GLU A 151 3.22 -7.97 -8.21
N SER A 152 4.12 -7.76 -9.20
CA SER A 152 4.26 -8.68 -10.32
C SER A 152 5.48 -9.55 -10.10
N MET A 153 5.37 -10.79 -10.48
CA MET A 153 6.50 -11.68 -10.55
C MET A 153 6.37 -12.44 -11.84
N PRO A 154 7.44 -12.45 -12.65
CA PRO A 154 7.36 -13.15 -13.92
C PRO A 154 7.32 -14.68 -13.85
N TYR A 155 6.82 -15.27 -14.91
CA TYR A 155 7.13 -16.65 -15.24
C TYR A 155 7.95 -16.65 -16.52
N ARG A 156 8.77 -17.68 -16.67
CA ARG A 156 9.81 -17.69 -17.69
C ARG A 156 9.65 -18.87 -18.63
N LEU A 157 10.24 -18.71 -19.80
CA LEU A 157 10.54 -19.80 -20.68
C LEU A 157 11.60 -20.70 -20.10
N ASP A 158 11.56 -21.94 -20.53
CA ASP A 158 12.68 -22.84 -20.40
C ASP A 158 13.71 -22.27 -21.38
N GLU A 159 14.85 -21.82 -20.87
CA GLU A 159 15.83 -21.10 -21.68
C GLU A 159 16.46 -21.97 -22.77
N SER A 160 16.48 -23.28 -22.55
CA SER A 160 17.05 -24.23 -23.52
C SER A 160 16.06 -24.61 -24.63
N THR A 161 14.75 -24.39 -24.42
CA THR A 161 13.72 -24.69 -25.42
C THR A 161 13.00 -23.48 -26.02
N GLY A 162 13.00 -22.35 -25.32
CA GLY A 162 12.25 -21.16 -25.78
C GLY A 162 10.73 -21.27 -25.63
N VAL A 163 10.25 -22.27 -24.87
CA VAL A 163 8.81 -22.52 -24.62
C VAL A 163 8.53 -22.23 -23.13
N ILE A 164 7.31 -21.77 -22.83
CA ILE A 164 6.89 -21.45 -21.43
C ILE A 164 7.16 -22.67 -20.55
N ASP A 165 7.85 -22.45 -19.44
CA ASP A 165 8.13 -23.51 -18.50
C ASP A 165 6.92 -23.68 -17.59
N TYR A 166 5.97 -24.47 -18.07
CA TYR A 166 4.71 -24.68 -17.37
C TYR A 166 4.91 -25.33 -16.00
N ASP A 167 5.81 -26.31 -15.91
CA ASP A 167 6.11 -26.97 -14.64
C ASP A 167 6.62 -25.99 -13.59
N MET A 168 7.48 -25.05 -14.01
CA MET A 168 8.00 -24.07 -13.08
C MET A 168 6.95 -23.02 -12.68
N LEU A 169 6.07 -22.64 -13.62
CA LEU A 169 4.93 -21.76 -13.30
C LEU A 169 4.01 -22.39 -12.25
N GLU A 170 3.73 -23.68 -12.42
CA GLU A 170 2.92 -24.44 -11.46
C GLU A 170 3.50 -24.33 -10.05
N LYS A 171 4.81 -24.52 -9.93
CA LYS A 171 5.49 -24.50 -8.65
C LYS A 171 5.52 -23.08 -8.05
N THR A 172 5.86 -22.09 -8.88
CA THR A 172 6.01 -20.73 -8.38
C THR A 172 4.65 -20.09 -8.10
N ALA A 173 3.60 -20.45 -8.86
CA ALA A 173 2.25 -19.95 -8.54
C ALA A 173 1.77 -20.44 -7.17
N ALA A 174 2.03 -21.71 -6.85
CA ALA A 174 1.70 -22.28 -5.54
C ALA A 174 2.39 -21.53 -4.39
N LEU A 175 3.58 -20.99 -4.62
CA LEU A 175 4.30 -20.21 -3.61
C LEU A 175 3.92 -18.75 -3.54
N PHE A 176 3.83 -18.10 -4.70
CA PHE A 176 3.55 -16.67 -4.81
C PHE A 176 2.06 -16.34 -4.63
N ARG A 177 1.16 -17.27 -4.94
CA ARG A 177 -0.28 -17.08 -4.77
C ARG A 177 -0.78 -15.84 -5.53
N PRO A 178 -0.54 -15.78 -6.84
CA PRO A 178 -1.03 -14.62 -7.61
C PRO A 178 -2.56 -14.53 -7.55
N LYS A 179 -3.10 -13.31 -7.46
CA LYS A 179 -4.53 -13.08 -7.64
C LYS A 179 -4.96 -13.13 -9.12
N LEU A 180 -4.01 -12.85 -10.02
CA LEU A 180 -4.26 -12.82 -11.45
C LEU A 180 -3.06 -13.44 -12.13
N ILE A 181 -3.31 -14.42 -12.98
CA ILE A 181 -2.31 -14.92 -13.92
C ILE A 181 -2.68 -14.45 -15.34
N ILE A 182 -1.66 -13.94 -16.05
CA ILE A 182 -1.80 -13.42 -17.42
C ILE A 182 -1.07 -14.35 -18.37
N ALA A 183 -1.82 -14.87 -19.31
CA ALA A 183 -1.28 -15.48 -20.53
C ALA A 183 -1.27 -14.46 -21.67
N GLY A 184 -0.37 -14.68 -22.62
CA GLY A 184 -0.27 -13.82 -23.80
C GLY A 184 1.05 -13.11 -23.81
N ALA A 185 1.46 -12.67 -25.00
CA ALA A 185 2.83 -12.21 -25.18
C ALA A 185 2.97 -11.31 -26.37
N SER A 186 4.07 -10.54 -26.38
CA SER A 186 4.42 -9.68 -27.50
C SER A 186 5.30 -10.39 -28.51
N ALA A 187 6.14 -11.32 -28.04
CA ALA A 187 7.07 -12.02 -28.91
C ALA A 187 7.18 -13.49 -28.52
N TYR A 188 6.06 -14.22 -28.59
CA TYR A 188 6.02 -15.66 -28.31
C TYR A 188 5.57 -16.36 -29.58
N PRO A 189 6.43 -17.23 -30.14
CA PRO A 189 6.13 -17.83 -31.45
C PRO A 189 5.26 -19.09 -31.43
N ARG A 190 4.79 -19.54 -30.25
CA ARG A 190 4.03 -20.78 -30.18
C ARG A 190 2.64 -20.56 -29.61
N ASP A 191 1.76 -21.52 -29.85
CA ASP A 191 0.43 -21.46 -29.24
C ASP A 191 0.55 -21.75 -27.73
N ILE A 192 -0.41 -21.25 -26.96
CA ILE A 192 -0.35 -21.30 -25.49
C ILE A 192 -1.27 -22.40 -24.98
N ASP A 193 -0.80 -23.15 -23.99
CA ASP A 193 -1.58 -24.21 -23.40
C ASP A 193 -2.58 -23.62 -22.40
N TYR A 194 -3.73 -23.21 -22.91
CA TYR A 194 -4.72 -22.52 -22.07
C TYR A 194 -5.31 -23.43 -20.98
N ALA A 195 -5.44 -24.71 -21.28
CA ALA A 195 -5.96 -25.68 -20.31
C ALA A 195 -5.02 -25.78 -19.10
N ARG A 196 -3.72 -25.82 -19.37
CA ARG A 196 -2.71 -25.84 -18.31
C ARG A 196 -2.74 -24.55 -17.49
N PHE A 197 -2.88 -23.39 -18.15
CA PHE A 197 -3.08 -22.14 -17.41
C PHE A 197 -4.30 -22.19 -16.49
N ARG A 198 -5.41 -22.78 -16.95
CA ARG A 198 -6.63 -22.91 -16.11
C ARG A 198 -6.39 -23.82 -14.91
N LYS A 199 -5.70 -24.93 -15.13
CA LYS A 199 -5.28 -25.81 -14.02
C LYS A 199 -4.44 -25.06 -13.00
N ILE A 200 -3.48 -24.28 -13.48
CA ILE A 200 -2.58 -23.57 -12.58
C ILE A 200 -3.31 -22.45 -11.82
N ALA A 201 -4.15 -21.69 -12.53
CA ALA A 201 -4.94 -20.65 -11.89
C ALA A 201 -5.84 -21.21 -10.78
N ASP A 202 -6.56 -22.29 -11.10
CA ASP A 202 -7.47 -22.92 -10.15
C ASP A 202 -6.76 -23.46 -8.92
N SER A 203 -5.52 -23.92 -9.10
CA SER A 203 -4.70 -24.45 -7.99
C SER A 203 -4.50 -23.41 -6.87
N VAL A 204 -4.50 -22.11 -7.22
CA VAL A 204 -4.37 -21.02 -6.26
C VAL A 204 -5.58 -20.06 -6.18
N GLY A 205 -6.65 -20.35 -6.90
CA GLY A 205 -7.84 -19.51 -6.91
C GLY A 205 -7.63 -18.18 -7.61
N ALA A 206 -6.77 -18.15 -8.62
CA ALA A 206 -6.44 -16.91 -9.33
C ALA A 206 -7.44 -16.68 -10.44
N PHE A 207 -7.69 -15.41 -10.73
CA PHE A 207 -8.30 -15.01 -12.00
C PHE A 207 -7.33 -15.33 -13.13
N LEU A 208 -7.87 -15.60 -14.31
CA LEU A 208 -7.08 -15.94 -15.47
C LEU A 208 -7.47 -15.07 -16.67
N MET A 209 -6.48 -14.39 -17.20
CA MET A 209 -6.65 -13.46 -18.32
C MET A 209 -5.75 -13.89 -19.48
N MET A 210 -6.26 -13.71 -20.70
CA MET A 210 -5.43 -13.79 -21.91
C MET A 210 -5.31 -12.40 -22.54
N ASP A 211 -4.10 -11.99 -22.86
CA ASP A 211 -3.87 -10.78 -23.64
C ASP A 211 -3.54 -11.23 -25.06
N MET A 212 -4.53 -11.11 -25.93
CA MET A 212 -4.43 -11.63 -27.28
C MET A 212 -4.04 -10.58 -28.32
N ALA A 213 -3.49 -9.44 -27.87
CA ALA A 213 -3.04 -8.37 -28.78
C ALA A 213 -2.36 -8.86 -30.06
N HIS A 214 -1.38 -9.76 -29.95
CA HIS A 214 -0.63 -10.22 -31.14
C HIS A 214 -1.31 -11.30 -31.96
N VAL A 215 -2.31 -11.95 -31.39
CA VAL A 215 -2.91 -13.13 -32.05
C VAL A 215 -4.41 -13.07 -32.24
N SER A 216 -5.03 -11.92 -31.96
CA SER A 216 -6.48 -11.83 -31.95
C SER A 216 -7.14 -12.26 -33.27
N GLY A 217 -6.55 -11.84 -34.39
CA GLY A 217 -7.08 -12.19 -35.70
C GLY A 217 -7.00 -13.67 -35.99
N LEU A 218 -5.88 -14.28 -35.58
CA LEU A 218 -5.68 -15.72 -35.71
C LEU A 218 -6.68 -16.54 -34.89
N ILE A 219 -7.03 -16.04 -33.71
CA ILE A 219 -8.08 -16.59 -32.88
C ILE A 219 -9.45 -16.40 -33.54
N ALA A 220 -9.73 -15.20 -34.06
CA ALA A 220 -11.04 -14.92 -34.68
C ALA A 220 -11.26 -15.82 -35.90
N ALA A 221 -10.17 -16.11 -36.60
CA ALA A 221 -10.20 -16.98 -37.79
C ALA A 221 -10.10 -18.48 -37.49
N SER A 222 -10.04 -18.85 -36.21
CA SER A 222 -9.84 -20.23 -35.74
C SER A 222 -8.58 -20.88 -36.27
N VAL A 223 -7.51 -20.11 -36.46
CA VAL A 223 -6.22 -20.66 -36.86
C VAL A 223 -5.46 -21.13 -35.63
N LEU A 224 -5.55 -20.34 -34.56
CA LEU A 224 -5.06 -20.75 -33.25
C LEU A 224 -6.21 -21.14 -32.32
N ALA A 225 -5.85 -21.78 -31.23
CA ALA A 225 -6.79 -22.24 -30.21
C ALA A 225 -7.52 -21.06 -29.58
N ASP A 226 -8.73 -21.33 -29.12
CA ASP A 226 -9.61 -20.31 -28.58
C ASP A 226 -9.34 -20.12 -27.07
N PRO A 227 -8.75 -18.96 -26.65
CA PRO A 227 -8.58 -18.74 -25.21
C PRO A 227 -9.89 -18.62 -24.44
N PHE A 228 -10.97 -18.22 -25.14
CA PHE A 228 -12.27 -18.02 -24.49
C PHE A 228 -12.87 -19.33 -23.93
N GLU A 229 -12.40 -20.48 -24.41
CA GLU A 229 -12.78 -21.76 -23.80
C GLU A 229 -12.29 -21.91 -22.35
N PHE A 230 -11.21 -21.20 -21.97
CA PHE A 230 -10.56 -21.40 -20.66
C PHE A 230 -10.41 -20.20 -19.73
N VAL A 231 -10.28 -18.98 -20.25
CA VAL A 231 -10.00 -17.80 -19.41
C VAL A 231 -11.25 -17.05 -18.94
N ASP A 232 -11.06 -16.16 -17.96
CA ASP A 232 -12.15 -15.34 -17.42
C ASP A 232 -12.30 -14.02 -18.21
N ILE A 233 -11.18 -13.51 -18.70
CA ILE A 233 -11.06 -12.14 -19.23
C ILE A 233 -10.08 -12.20 -20.40
N VAL A 234 -10.38 -11.50 -21.47
CA VAL A 234 -9.48 -11.37 -22.62
C VAL A 234 -9.34 -9.90 -22.95
N THR A 235 -8.10 -9.43 -23.03
CA THR A 235 -7.83 -8.08 -23.50
C THR A 235 -7.15 -8.14 -24.85
N THR A 236 -7.23 -7.04 -25.58
CA THR A 236 -6.58 -6.96 -26.89
C THR A 236 -6.41 -5.51 -27.34
N THR A 237 -5.41 -5.28 -28.16
CA THR A 237 -5.34 -4.11 -29.00
C THR A 237 -6.30 -4.39 -30.17
N THR A 238 -6.79 -3.32 -30.77
CA THR A 238 -7.63 -3.42 -32.00
C THR A 238 -6.83 -3.28 -33.29
N HIS A 239 -5.61 -2.77 -33.12
CA HIS A 239 -4.62 -2.70 -34.14
C HIS A 239 -3.81 -3.97 -33.88
N1 LLP A 240 -0.19 -6.33 -24.69
C2 LLP A 240 0.46 -7.00 -25.66
C2' LLP A 240 0.65 -8.51 -25.51
C3 LLP A 240 0.89 -6.28 -26.77
O3 LLP A 240 1.55 -7.01 -27.76
C4 LLP A 240 0.67 -4.90 -26.84
C4' LLP A 240 1.11 -4.17 -28.10
C5 LLP A 240 0.01 -4.26 -25.81
C6 LLP A 240 -0.40 -5.01 -24.73
C5' LLP A 240 -0.26 -2.76 -25.67
OP4 LLP A 240 -0.82 -2.07 -26.72
P LLP A 240 -0.50 -0.47 -26.87
OP1 LLP A 240 -1.59 -0.06 -27.83
OP2 LLP A 240 -0.65 0.17 -25.50
OP3 LLP A 240 0.89 -0.32 -27.49
N LLP A 240 -2.76 -4.16 -34.68
CA LLP A 240 -1.96 -5.39 -34.72
CB LLP A 240 -1.43 -5.90 -33.35
CG LLP A 240 -0.65 -4.86 -32.56
CD LLP A 240 -0.05 -5.50 -31.31
CE LLP A 240 0.82 -4.49 -30.54
NZ LLP A 240 0.75 -4.83 -29.12
C LLP A 240 -2.76 -6.41 -35.53
O LLP A 240 -3.22 -6.13 -36.64
N SER A 241 -2.92 -7.60 -34.96
CA SER A 241 -3.46 -8.75 -35.64
C SER A 241 -4.89 -8.52 -36.18
N LEU A 242 -5.70 -7.77 -35.45
CA LEU A 242 -7.09 -7.52 -35.87
C LEU A 242 -7.21 -6.55 -37.03
N ARG A 243 -6.12 -5.82 -37.33
CA ARG A 243 -6.05 -4.90 -38.46
C ARG A 243 -7.07 -3.73 -38.39
N GLY A 244 -7.37 -3.28 -37.18
CA GLY A 244 -8.29 -2.16 -36.95
C GLY A 244 -7.59 -0.88 -36.57
N PRO A 245 -8.34 0.09 -36.01
CA PRO A 245 -7.77 1.33 -35.60
C PRO A 245 -6.95 1.09 -34.31
N ARG A 246 -6.22 2.10 -33.87
CA ARG A 246 -5.47 2.00 -32.60
C ARG A 246 -6.46 2.19 -31.45
N GLY A 247 -6.62 1.16 -30.65
CA GLY A 247 -7.57 1.11 -29.55
C GLY A 247 -7.40 -0.19 -28.81
N GLY A 248 -8.36 -0.50 -27.96
CA GLY A 248 -8.34 -1.68 -27.14
C GLY A 248 -9.73 -2.20 -26.86
N MET A 249 -9.81 -3.44 -26.42
CA MET A 249 -11.06 -4.04 -25.97
C MET A 249 -10.79 -4.93 -24.78
N ILE A 250 -11.81 -5.08 -23.93
CA ILE A 250 -11.79 -6.03 -22.83
C ILE A 250 -13.06 -6.88 -22.92
N PHE A 251 -12.88 -8.21 -22.98
CA PHE A 251 -13.98 -9.17 -22.90
C PHE A 251 -13.99 -9.82 -21.52
N PHE A 252 -15.18 -10.18 -21.02
CA PHE A 252 -15.30 -10.75 -19.68
C PHE A 252 -16.52 -11.70 -19.58
N LYS A 253 -16.37 -12.74 -18.79
CA LYS A 253 -17.47 -13.59 -18.38
C LYS A 253 -18.52 -12.78 -17.62
N LYS A 254 -19.78 -13.09 -17.88
CA LYS A 254 -20.89 -12.44 -17.19
C LYS A 254 -21.40 -13.25 -15.98
N ASP A 255 -21.15 -14.56 -15.96
CA ASP A 255 -21.28 -15.33 -14.71
C ASP A 255 -20.20 -14.88 -13.70
N ALA A 256 -20.58 -14.83 -12.42
CA ALA A 256 -19.68 -14.41 -11.37
C ALA A 256 -18.46 -15.32 -11.33
N VAL A 257 -17.28 -14.72 -11.19
CA VAL A 257 -16.01 -15.44 -11.11
C VAL A 257 -15.40 -15.10 -9.77
N HIS A 258 -15.16 -16.12 -8.95
CA HIS A 258 -14.68 -15.93 -7.58
C HIS A 258 -15.50 -14.88 -6.83
N GLY A 259 -16.82 -14.94 -7.01
CA GLY A 259 -17.76 -14.06 -6.35
C GLY A 259 -17.92 -12.67 -6.94
N VAL A 260 -17.25 -12.39 -8.06
CA VAL A 260 -17.13 -11.01 -8.54
C VAL A 260 -17.92 -10.87 -9.85
N ASP A 261 -18.68 -9.77 -9.93
CA ASP A 261 -19.45 -9.38 -11.11
C ASP A 261 -18.45 -8.64 -12.00
N LEU A 262 -17.87 -9.35 -12.95
CA LEU A 262 -16.80 -8.79 -13.79
C LEU A 262 -17.28 -7.66 -14.68
N GLU A 263 -18.50 -7.77 -15.19
CA GLU A 263 -19.10 -6.73 -16.05
C GLU A 263 -19.09 -5.39 -15.35
N SER A 264 -19.67 -5.38 -14.15
CA SER A 264 -19.77 -4.17 -13.37
C SER A 264 -18.37 -3.66 -13.03
N ALA A 265 -17.51 -4.57 -12.61
CA ALA A 265 -16.17 -4.19 -12.17
C ALA A 265 -15.35 -3.58 -13.30
N ILE A 266 -15.36 -4.25 -14.44
CA ILE A 266 -14.58 -3.80 -15.59
C ILE A 266 -15.13 -2.51 -16.19
N ASN A 267 -16.44 -2.44 -16.35
CA ASN A 267 -17.06 -1.21 -16.88
C ASN A 267 -16.76 -0.01 -15.99
N ASN A 268 -16.86 -0.17 -14.66
CA ASN A 268 -16.57 0.90 -13.73
C ASN A 268 -15.11 1.31 -13.70
N ALA A 269 -14.21 0.35 -13.92
CA ALA A 269 -12.78 0.62 -13.98
C ALA A 269 -12.45 1.49 -15.19
N VAL A 270 -13.06 1.16 -16.32
CA VAL A 270 -12.84 1.94 -17.55
C VAL A 270 -13.37 3.35 -17.36
N PHE A 271 -14.63 3.44 -16.95
CA PHE A 271 -15.26 4.73 -16.61
C PHE A 271 -16.25 4.51 -15.45
N PRO A 272 -16.15 5.26 -14.35
CA PRO A 272 -15.35 6.48 -14.19
C PRO A 272 -13.90 6.28 -13.73
N GLY A 273 -13.44 5.04 -13.62
CA GLY A 273 -12.19 4.79 -12.94
C GLY A 273 -11.00 5.46 -13.58
N LEU A 274 -10.75 5.11 -14.84
CA LEU A 274 -9.49 5.45 -15.48
C LEU A 274 -9.58 6.39 -16.68
N GLN A 275 -10.70 6.34 -17.39
CA GLN A 275 -10.83 7.12 -18.62
C GLN A 275 -11.96 8.09 -18.47
N GLY A 276 -12.06 9.03 -19.41
CA GLY A 276 -13.18 9.92 -19.50
C GLY A 276 -14.03 9.56 -20.70
N GLY A 277 -14.17 10.50 -21.62
CA GLY A 277 -15.03 10.33 -22.76
C GLY A 277 -14.41 9.28 -23.69
N PRO A 278 -15.22 8.32 -24.16
CA PRO A 278 -14.79 7.38 -25.22
C PRO A 278 -14.41 8.10 -26.50
N HIS A 279 -13.49 7.52 -27.27
CA HIS A 279 -13.12 8.03 -28.58
C HIS A 279 -14.00 7.37 -29.63
N ASN A 280 -15.13 8.02 -29.94
CA ASN A 280 -16.14 7.42 -30.82
C ASN A 280 -15.71 7.24 -32.25
N HIS A 281 -14.80 8.09 -32.71
CA HIS A 281 -14.15 7.87 -34.01
C HIS A 281 -13.39 6.55 -34.08
N THR A 282 -12.61 6.25 -33.05
CA THR A 282 -11.96 4.95 -32.94
C THR A 282 -12.97 3.78 -32.83
N ILE A 283 -14.01 3.96 -32.03
CA ILE A 283 -15.04 2.95 -31.89
C ILE A 283 -15.69 2.69 -33.28
N GLY A 284 -15.91 3.75 -34.07
CA GLY A 284 -16.43 3.58 -35.45
C GLY A 284 -15.54 2.70 -36.32
N GLY A 285 -14.24 3.03 -36.32
CA GLY A 285 -13.26 2.21 -37.01
C GLY A 285 -13.20 0.79 -36.53
N LEU A 286 -13.36 0.60 -35.22
CA LEU A 286 -13.36 -0.70 -34.64
C LEU A 286 -14.54 -1.52 -35.15
N ALA A 287 -15.71 -0.89 -35.23
CA ALA A 287 -16.91 -1.60 -35.72
C ALA A 287 -16.69 -2.10 -37.15
N VAL A 288 -16.09 -1.25 -37.98
CA VAL A 288 -15.74 -1.57 -39.38
C VAL A 288 -14.82 -2.79 -39.44
N CYS A 289 -13.74 -2.76 -38.67
CA CYS A 289 -12.80 -3.89 -38.68
C CYS A 289 -13.40 -5.18 -38.14
N LEU A 290 -14.28 -5.09 -37.14
CA LEU A 290 -14.95 -6.26 -36.57
C LEU A 290 -15.96 -6.93 -37.52
N LYS A 291 -16.61 -6.16 -38.36
CA LYS A 291 -17.38 -6.69 -39.50
C LYS A 291 -16.47 -7.49 -40.42
N TYR A 292 -15.37 -6.91 -40.87
CA TYR A 292 -14.43 -7.61 -41.76
C TYR A 292 -13.87 -8.87 -41.15
N ALA A 293 -13.57 -8.82 -39.85
CA ALA A 293 -13.01 -9.92 -39.11
C ALA A 293 -13.86 -11.20 -39.16
N GLN A 294 -15.14 -11.04 -39.45
CA GLN A 294 -16.07 -12.17 -39.56
C GLN A 294 -16.18 -12.76 -40.96
N SER A 295 -15.47 -12.18 -41.93
CA SER A 295 -15.68 -12.52 -43.34
C SER A 295 -14.82 -13.73 -43.74
N PRO A 296 -15.24 -14.49 -44.78
CA PRO A 296 -14.36 -15.53 -45.30
C PRO A 296 -12.98 -15.02 -45.75
N ASP A 297 -12.90 -13.84 -46.35
CA ASP A 297 -11.60 -13.29 -46.79
C ASP A 297 -10.61 -13.07 -45.63
N PHE A 298 -11.12 -12.63 -44.48
CA PHE A 298 -10.26 -12.45 -43.30
C PHE A 298 -9.70 -13.78 -42.82
N LYS A 299 -10.54 -14.82 -42.83
CA LYS A 299 -10.12 -16.16 -42.52
C LYS A 299 -9.02 -16.64 -43.47
N ASN A 300 -9.23 -16.45 -44.78
CA ASN A 300 -8.19 -16.76 -45.79
C ASN A 300 -6.89 -15.99 -45.53
N TYR A 301 -7.04 -14.70 -45.27
CA TYR A 301 -5.90 -13.85 -44.88
C TYR A 301 -5.10 -14.43 -43.70
N GLN A 302 -5.79 -14.79 -42.63
CA GLN A 302 -5.09 -15.25 -41.42
C GLN A 302 -4.39 -16.58 -41.66
N ASN A 303 -4.98 -17.45 -42.49
CA ASN A 303 -4.27 -18.68 -42.90
C ASN A 303 -3.02 -18.39 -43.74
N GLN A 304 -3.12 -17.41 -44.64
CA GLN A 304 -1.96 -16.95 -45.41
C GLN A 304 -0.85 -16.33 -44.54
N VAL A 305 -1.22 -15.56 -43.51
CA VAL A 305 -0.24 -15.04 -42.53
C VAL A 305 0.64 -16.14 -41.93
N VAL A 306 0.01 -17.22 -41.49
CA VAL A 306 0.72 -18.36 -40.91
C VAL A 306 1.57 -19.05 -41.99
N ALA A 307 1.02 -19.24 -43.17
CA ALA A 307 1.75 -19.91 -44.29
C ALA A 307 2.97 -19.09 -44.73
N ASN A 308 2.79 -17.77 -44.80
CA ASN A 308 3.89 -16.86 -45.09
C ASN A 308 4.99 -16.82 -44.05
N CYS A 309 4.62 -16.81 -42.78
CA CYS A 309 5.61 -16.87 -41.71
C CYS A 309 6.42 -18.16 -41.79
N ARG A 310 5.72 -19.28 -41.99
CA ARG A 310 6.33 -20.61 -42.19
C ARG A 310 7.30 -20.65 -43.41
N ALA A 311 6.91 -20.02 -44.52
CA ALA A 311 7.77 -19.94 -45.72
C ALA A 311 9.05 -19.13 -45.48
N LEU A 312 8.88 -17.99 -44.79
CA LEU A 312 10.01 -17.17 -44.34
C LEU A 312 10.93 -17.93 -43.37
N ALA A 313 10.33 -18.57 -42.37
CA ALA A 313 11.07 -19.28 -41.33
C ALA A 313 11.94 -20.36 -41.95
N ASN A 314 11.31 -21.19 -42.79
CA ASN A 314 11.99 -22.31 -43.45
C ASN A 314 13.14 -21.82 -44.33
N ARG A 315 12.93 -20.73 -45.06
CA ARG A 315 14.00 -20.19 -45.88
C ARG A 315 15.16 -19.62 -45.05
N LEU A 316 14.85 -18.97 -43.94
CA LEU A 316 15.88 -18.50 -43.00
C LEU A 316 16.67 -19.68 -42.43
N VAL A 317 15.98 -20.79 -42.14
CA VAL A 317 16.62 -22.02 -41.66
C VAL A 317 17.55 -22.62 -42.73
N GLU A 318 17.16 -22.53 -44.00
CA GLU A 318 18.04 -22.90 -45.12
C GLU A 318 19.31 -22.05 -45.18
N HIS A 319 19.22 -20.79 -44.75
CA HIS A 319 20.41 -19.92 -44.62
C HIS A 319 21.15 -20.13 -43.29
N GLU A 320 20.69 -21.15 -42.54
CA GLU A 320 21.30 -21.61 -41.29
C GLU A 320 21.16 -20.67 -40.11
N TYR A 321 20.02 -19.97 -40.07
CA TYR A 321 19.61 -19.24 -38.88
C TYR A 321 18.93 -20.18 -37.92
N LYS A 322 19.16 -19.91 -36.63
CA LYS A 322 18.47 -20.59 -35.54
C LYS A 322 17.25 -19.77 -35.13
N LEU A 323 16.12 -20.46 -35.03
CA LEU A 323 14.86 -19.89 -34.57
C LEU A 323 14.62 -20.27 -33.12
N VAL A 324 14.16 -19.31 -32.33
CA VAL A 324 13.83 -19.54 -30.93
C VAL A 324 12.57 -20.41 -30.89
N SER A 325 12.63 -21.49 -30.10
CA SER A 325 11.59 -22.53 -30.05
C SER A 325 11.59 -23.47 -31.26
N GLY A 326 12.54 -23.29 -32.18
CA GLY A 326 12.64 -24.11 -33.40
C GLY A 326 11.75 -23.74 -34.57
N GLY A 327 10.98 -22.65 -34.45
CA GLY A 327 9.96 -22.30 -35.42
C GLY A 327 8.84 -21.47 -34.81
N SER A 328 7.67 -21.53 -35.43
CA SER A 328 6.49 -20.76 -35.02
C SER A 328 5.21 -21.48 -35.41
N ASP A 329 4.17 -21.26 -34.62
CA ASP A 329 2.80 -21.69 -34.88
C ASP A 329 1.98 -20.49 -35.38
N ASN A 330 2.58 -19.33 -35.52
CA ASN A 330 1.78 -18.12 -35.70
C ASN A 330 2.34 -17.18 -36.78
N HIS A 331 2.27 -15.89 -36.52
CA HIS A 331 2.49 -14.82 -37.48
C HIS A 331 3.89 -14.27 -37.33
N LEU A 332 4.64 -14.70 -36.32
CA LEU A 332 5.96 -14.16 -36.08
C LEU A 332 7.00 -15.26 -35.93
N VAL A 333 8.26 -14.90 -36.16
CA VAL A 333 9.38 -15.75 -35.81
C VAL A 333 10.42 -14.92 -35.11
N LEU A 334 11.16 -15.57 -34.23
CA LEU A 334 12.24 -14.99 -33.48
C LEU A 334 13.50 -15.62 -33.94
N VAL A 335 14.39 -14.82 -34.53
CA VAL A 335 15.67 -15.32 -34.99
C VAL A 335 16.67 -15.12 -33.87
N ASP A 336 17.27 -16.21 -33.40
CA ASP A 336 18.40 -16.16 -32.48
C ASP A 336 19.65 -15.89 -33.33
N LEU A 337 20.15 -14.66 -33.31
CA LEU A 337 21.30 -14.29 -34.13
C LEU A 337 22.66 -14.69 -33.54
N ARG A 338 22.70 -15.05 -32.26
CA ARG A 338 23.99 -15.26 -31.57
C ARG A 338 24.88 -16.29 -32.29
N PRO A 339 24.33 -17.47 -32.67
CA PRO A 339 25.12 -18.44 -33.44
C PRO A 339 25.63 -17.93 -34.80
N SER A 340 24.90 -16.98 -35.41
CA SER A 340 25.38 -16.29 -36.60
C SER A 340 26.48 -15.24 -36.29
N GLY A 341 26.70 -14.95 -35.03
CA GLY A 341 27.80 -14.10 -34.60
C GLY A 341 27.46 -12.63 -34.54
N ILE A 342 26.18 -12.34 -34.29
CA ILE A 342 25.71 -10.95 -34.25
C ILE A 342 24.45 -10.85 -33.39
N ASP A 343 24.09 -9.64 -33.05
CA ASP A 343 22.91 -9.32 -32.23
C ASP A 343 21.84 -8.63 -33.08
N GLY A 344 20.66 -8.46 -32.50
CA GLY A 344 19.55 -7.77 -33.16
C GLY A 344 19.61 -6.25 -33.31
N ALA A 345 20.29 -5.58 -32.39
CA ALA A 345 20.41 -4.12 -32.46
C ALA A 345 21.16 -3.71 -33.73
N ARG A 346 22.25 -4.40 -34.02
CA ARG A 346 23.06 -4.11 -35.20
C ARG A 346 22.31 -4.45 -36.48
N VAL A 347 21.71 -5.64 -36.53
CA VAL A 347 20.98 -6.12 -37.72
C VAL A 347 19.77 -5.22 -38.03
N GLU A 348 19.01 -4.88 -36.99
CA GLU A 348 17.85 -3.97 -37.14
C GLU A 348 18.20 -2.68 -37.88
N LYS A 349 19.32 -2.06 -37.51
CA LYS A 349 19.71 -0.78 -38.10
C LYS A 349 20.07 -0.90 -39.60
N ILE A 350 20.89 -1.90 -39.95
CA ILE A 350 21.24 -2.11 -41.35
C ILE A 350 20.01 -2.43 -42.20
N LEU A 351 19.16 -3.33 -41.70
CA LEU A 351 17.94 -3.68 -42.42
C LEU A 351 17.05 -2.46 -42.64
N ASP A 352 16.89 -1.62 -41.62
CA ASP A 352 16.15 -0.36 -41.74
C ASP A 352 16.73 0.56 -42.82
N MET A 353 18.05 0.65 -42.88
CA MET A 353 18.71 1.44 -43.94
C MET A 353 18.44 0.90 -45.34
N ALA A 354 18.20 -0.40 -45.45
CA ALA A 354 17.81 -1.03 -46.69
C ALA A 354 16.30 -1.14 -46.90
N SER A 355 15.51 -0.41 -46.10
CA SER A 355 14.03 -0.38 -46.20
C SER A 355 13.35 -1.70 -45.79
N ILE A 356 14.03 -2.52 -44.97
CA ILE A 356 13.44 -3.67 -44.31
C ILE A 356 13.25 -3.29 -42.85
N THR A 357 12.01 -3.20 -42.40
CA THR A 357 11.73 -2.77 -41.02
C THR A 357 11.30 -3.98 -40.18
N LEU A 358 12.06 -4.24 -39.14
CA LEU A 358 11.69 -5.24 -38.13
C LEU A 358 12.17 -4.68 -36.80
N ASN A 359 12.31 -5.52 -35.77
CA ASN A 359 12.89 -5.02 -34.54
C ASN A 359 13.76 -6.05 -33.82
N LYS A 360 14.79 -5.53 -33.17
CA LYS A 360 15.60 -6.31 -32.23
C LYS A 360 14.72 -6.86 -31.13
N ASN A 361 15.16 -7.96 -30.53
CA ASN A 361 14.36 -8.72 -29.62
C ASN A 361 15.27 -9.61 -28.75
N SER A 362 15.01 -9.65 -27.45
CA SER A 362 15.81 -10.48 -26.54
C SER A 362 15.54 -11.95 -26.78
N VAL A 363 16.60 -12.74 -26.65
CA VAL A 363 16.58 -14.18 -26.83
C VAL A 363 16.78 -14.80 -25.43
N PRO A 364 16.11 -15.93 -25.12
CA PRO A 364 16.39 -16.56 -23.82
C PRO A 364 17.86 -16.95 -23.69
N GLY A 365 18.50 -16.53 -22.60
CA GLY A 365 19.93 -16.73 -22.40
C GLY A 365 20.81 -15.52 -22.68
N ASP A 366 20.25 -14.44 -23.23
CA ASP A 366 21.00 -13.17 -23.39
C ASP A 366 21.56 -12.67 -22.05
N LYS A 367 22.86 -12.43 -22.01
CA LYS A 367 23.53 -11.93 -20.81
C LYS A 367 23.29 -10.44 -20.62
N SER A 368 23.52 -9.67 -21.69
CA SER A 368 23.27 -8.23 -21.69
C SER A 368 21.81 -7.95 -22.05
N ALA A 369 21.06 -7.39 -21.10
CA ALA A 369 19.71 -6.87 -21.38
C ALA A 369 19.75 -5.74 -22.41
N LEU A 370 20.81 -4.93 -22.37
CA LEU A 370 21.01 -3.80 -23.28
C LEU A 370 21.23 -4.23 -24.74
N VAL A 371 21.84 -5.39 -24.96
CA VAL A 371 22.23 -5.86 -26.30
C VAL A 371 21.46 -7.14 -26.71
N PRO A 372 20.25 -7.00 -27.30
CA PRO A 372 19.42 -8.17 -27.61
C PRO A 372 19.98 -9.07 -28.70
N GLY A 373 19.87 -10.39 -28.48
CA GLY A 373 20.54 -11.37 -29.33
C GLY A 373 19.74 -11.81 -30.55
N GLY A 374 18.57 -11.23 -30.77
CA GLY A 374 17.68 -11.70 -31.82
C GLY A 374 16.90 -10.63 -32.53
N ILE A 375 16.11 -11.05 -33.52
CA ILE A 375 15.18 -10.16 -34.22
C ILE A 375 13.82 -10.82 -34.29
N ARG A 376 12.78 -10.01 -34.22
CA ARG A 376 11.44 -10.49 -34.38
C ARG A 376 10.96 -10.08 -35.78
N ILE A 377 10.35 -11.01 -36.48
CA ILE A 377 9.89 -10.80 -37.85
C ILE A 377 8.45 -11.27 -37.90
N GLY A 378 7.57 -10.44 -38.43
CA GLY A 378 6.18 -10.83 -38.61
C GLY A 378 5.67 -10.68 -40.04
N SER A 379 4.78 -11.60 -40.41
CA SER A 379 4.13 -11.59 -41.72
C SER A 379 2.83 -10.78 -41.94
N PRO A 380 2.17 -10.28 -40.87
CA PRO A 380 0.84 -9.71 -41.14
C PRO A 380 0.75 -8.56 -42.16
N ALA A 381 1.65 -7.58 -42.04
CA ALA A 381 1.59 -6.36 -42.84
C ALA A 381 1.83 -6.64 -44.34
N MET A 382 2.87 -7.37 -44.67
CA MET A 382 3.10 -7.67 -46.11
C MET A 382 2.12 -8.71 -46.67
N THR A 383 1.59 -9.58 -45.82
CA THR A 383 0.50 -10.47 -46.23
C THR A 383 -0.73 -9.65 -46.63
N THR A 384 -1.02 -8.58 -45.88
CA THR A 384 -2.14 -7.70 -46.20
C THR A 384 -2.01 -7.10 -47.59
N ARG A 385 -0.77 -6.81 -47.98
CA ARG A 385 -0.49 -6.26 -49.33
C ARG A 385 -0.55 -7.29 -50.46
N GLY A 386 -0.67 -8.56 -50.12
CA GLY A 386 -0.92 -9.60 -51.09
C GLY A 386 0.27 -10.49 -51.39
N LEU A 387 1.37 -10.33 -50.66
CA LEU A 387 2.53 -11.21 -50.82
C LEU A 387 2.20 -12.64 -50.38
N GLY A 388 2.78 -13.61 -51.09
CA GLY A 388 2.61 -15.03 -50.83
C GLY A 388 3.91 -15.69 -50.40
N GLU A 389 3.90 -17.01 -50.38
CA GLU A 389 5.02 -17.78 -49.84
C GLU A 389 6.32 -17.57 -50.63
N LYS A 390 6.25 -17.52 -51.96
CA LYS A 390 7.43 -17.26 -52.80
C LYS A 390 8.06 -15.91 -52.44
N GLU A 391 7.21 -14.91 -52.21
CA GLU A 391 7.69 -13.56 -51.91
C GLU A 391 8.33 -13.50 -50.51
N PHE A 392 7.77 -14.26 -49.57
CA PHE A 392 8.34 -14.30 -48.22
C PHE A 392 9.67 -15.07 -48.20
N GLU A 393 9.79 -16.05 -49.09
CA GLU A 393 11.07 -16.70 -49.32
C GLU A 393 12.10 -15.67 -49.85
N LEU A 394 11.71 -14.80 -50.78
CA LEU A 394 12.60 -13.72 -51.22
C LEU A 394 12.94 -12.74 -50.09
N ILE A 395 11.94 -12.42 -49.25
CA ILE A 395 12.19 -11.61 -48.06
C ILE A 395 13.27 -12.21 -47.18
N ALA A 396 13.20 -13.52 -46.93
CA ALA A 396 14.23 -14.19 -46.16
C ALA A 396 15.63 -14.04 -46.77
N ASP A 397 15.71 -14.16 -48.11
CA ASP A 397 16.99 -13.98 -48.83
C ASP A 397 17.51 -12.56 -48.63
N LEU A 398 16.60 -11.60 -48.71
CA LEU A 398 16.99 -10.20 -48.56
C LEU A 398 17.44 -9.89 -47.13
N ILE A 399 16.76 -10.52 -46.15
CA ILE A 399 17.15 -10.42 -44.74
C ILE A 399 18.54 -11.00 -44.57
N HIS A 400 18.73 -12.23 -45.09
CA HIS A 400 20.03 -12.92 -45.09
C HIS A 400 21.12 -12.03 -45.70
N GLU A 401 20.83 -11.43 -46.85
CA GLU A 401 21.75 -10.44 -47.44
C GLU A 401 22.05 -9.28 -46.47
N GLY A 402 21.04 -8.76 -45.80
CA GLY A 402 21.22 -7.69 -44.81
C GLY A 402 22.03 -8.09 -43.56
N VAL A 403 21.82 -9.32 -43.11
CA VAL A 403 22.55 -9.86 -41.95
C VAL A 403 24.01 -10.07 -42.32
N ARG A 404 24.26 -10.55 -43.53
CA ARG A 404 25.65 -10.67 -44.03
C ARG A 404 26.31 -9.27 -44.07
N ILE A 405 25.58 -8.25 -44.52
CA ILE A 405 26.10 -6.88 -44.54
C ILE A 405 26.35 -6.45 -43.11
N SER A 406 25.42 -6.77 -42.21
CA SER A 406 25.53 -6.43 -40.78
C SER A 406 26.74 -7.09 -40.14
N LEU A 407 26.96 -8.37 -40.44
CA LEU A 407 28.14 -9.10 -39.95
C LEU A 407 29.42 -8.46 -40.46
N GLU A 408 29.42 -8.11 -41.74
CA GLU A 408 30.56 -7.43 -42.35
C GLU A 408 30.78 -6.07 -41.69
N ALA A 409 29.71 -5.32 -41.51
CA ALA A 409 29.75 -4.06 -40.76
C ALA A 409 30.25 -4.23 -39.31
N LYS A 410 29.81 -5.29 -38.62
CA LYS A 410 30.23 -5.54 -37.23
C LYS A 410 31.74 -5.85 -37.14
N SER A 411 32.21 -6.64 -38.08
CA SER A 411 33.64 -6.91 -38.20
C SER A 411 34.47 -5.63 -38.43
N LEU A 412 34.04 -4.79 -39.36
CA LEU A 412 34.80 -3.62 -39.79
C LEU A 412 34.81 -2.44 -38.80
N VAL A 413 33.78 -2.30 -37.96
CA VAL A 413 33.76 -1.23 -36.95
C VAL A 413 34.77 -1.56 -35.86
N SER A 414 35.56 -0.57 -35.44
CA SER A 414 36.56 -0.76 -34.39
C SER A 414 35.85 -0.72 -33.05
N GLY A 415 35.08 0.34 -32.83
CA GLY A 415 34.18 0.45 -31.70
C GLY A 415 33.36 -0.80 -31.40
N THR A 416 33.20 -1.05 -30.10
CA THR A 416 32.67 -2.30 -29.54
C THR A 416 31.18 -2.20 -29.10
N LYS A 417 30.71 -0.98 -28.85
CA LYS A 417 29.34 -0.74 -28.40
C LYS A 417 28.35 -0.60 -29.57
N VAL A 418 27.06 -0.72 -29.28
CA VAL A 418 26.03 -0.50 -30.31
C VAL A 418 26.15 0.91 -30.90
N GLN A 419 26.31 1.92 -30.05
CA GLN A 419 26.38 3.31 -30.54
C GLN A 419 27.57 3.54 -31.47
N ASP A 420 28.67 2.84 -31.22
CA ASP A 420 29.80 2.81 -32.18
C ASP A 420 29.37 2.28 -33.55
N PHE A 421 28.66 1.15 -33.54
CA PHE A 421 28.15 0.53 -34.77
C PHE A 421 27.23 1.50 -35.52
N LEU A 422 26.39 2.24 -34.79
CA LEU A 422 25.43 3.19 -35.39
C LEU A 422 26.14 4.37 -36.08
N ASN A 423 27.10 4.96 -35.39
CA ASN A 423 27.88 6.08 -35.92
C ASN A 423 28.61 5.68 -37.22
N PHE A 424 29.21 4.49 -37.19
CA PHE A 424 29.94 3.93 -38.32
C PHE A 424 29.03 3.69 -39.55
N VAL A 425 27.87 3.04 -39.34
CA VAL A 425 26.96 2.77 -40.47
C VAL A 425 26.31 4.03 -41.05
N LEU A 426 26.16 5.06 -40.23
CA LEU A 426 25.55 6.34 -40.66
C LEU A 426 26.56 7.38 -41.15
N ALA A 427 27.86 7.07 -41.10
CA ALA A 427 28.87 8.00 -41.58
C ALA A 427 28.78 8.06 -43.12
N PRO A 428 28.88 9.27 -43.72
CA PRO A 428 28.81 9.35 -45.20
C PRO A 428 29.89 8.54 -45.96
N GLU A 429 31.03 8.30 -45.30
CA GLU A 429 32.09 7.41 -45.81
C GLU A 429 31.92 5.92 -45.45
N PHE A 430 30.75 5.53 -44.92
CA PHE A 430 30.45 4.13 -44.59
C PHE A 430 30.81 3.20 -45.76
N PRO A 431 31.83 2.32 -45.58
CA PRO A 431 32.34 1.56 -46.73
C PRO A 431 31.39 0.52 -47.35
N LEU A 432 30.29 0.17 -46.66
CA LEU A 432 29.32 -0.79 -47.22
C LEU A 432 28.04 -0.12 -47.76
N GLY A 433 28.06 1.21 -47.93
CA GLY A 433 26.91 1.97 -48.40
C GLY A 433 26.35 1.48 -49.72
N ASP A 434 27.25 1.14 -50.65
CA ASP A 434 26.82 0.61 -51.94
C ASP A 434 26.14 -0.75 -51.81
N LYS A 435 26.61 -1.59 -50.89
CA LYS A 435 25.94 -2.86 -50.60
C LYS A 435 24.55 -2.62 -50.00
N VAL A 436 24.43 -1.63 -49.12
CA VAL A 436 23.13 -1.28 -48.53
C VAL A 436 22.19 -0.75 -49.61
N SER A 437 22.66 0.16 -50.46
CA SER A 437 21.85 0.73 -51.57
C SER A 437 21.38 -0.32 -52.56
N ASN A 438 22.27 -1.24 -52.91
CA ASN A 438 21.95 -2.35 -53.79
C ASN A 438 20.87 -3.23 -53.20
N LEU A 439 21.00 -3.53 -51.92
CA LEU A 439 19.99 -4.28 -51.19
C LEU A 439 18.67 -3.51 -51.18
N ARG A 440 18.73 -2.21 -50.91
CA ARG A 440 17.55 -1.34 -50.87
C ARG A 440 16.81 -1.35 -52.20
N ARG A 441 17.54 -1.29 -53.31
CA ARG A 441 16.91 -1.37 -54.63
C ARG A 441 16.08 -2.66 -54.83
N LYS A 442 16.60 -3.79 -54.37
CA LYS A 442 15.91 -5.06 -54.48
C LYS A 442 14.69 -5.12 -53.58
N VAL A 443 14.85 -4.66 -52.35
CA VAL A 443 13.76 -4.55 -51.40
C VAL A 443 12.62 -3.71 -51.94
N GLU A 444 12.93 -2.50 -52.40
CA GLU A 444 11.93 -1.57 -52.92
C GLU A 444 11.31 -2.08 -54.23
N ALA A 445 12.11 -2.73 -55.08
CA ALA A 445 11.60 -3.37 -56.29
C ALA A 445 10.58 -4.47 -56.02
N LEU A 446 10.71 -5.16 -54.88
CA LEU A 446 9.72 -6.13 -54.43
C LEU A 446 8.49 -5.43 -53.85
N ALA A 447 8.68 -4.60 -52.82
CA ALA A 447 7.57 -3.94 -52.13
C ALA A 447 6.63 -3.15 -53.07
N THR A 448 7.19 -2.40 -54.01
CA THR A 448 6.39 -1.52 -54.86
C THR A 448 5.56 -2.24 -55.94
N GLN A 449 5.68 -3.57 -56.04
CA GLN A 449 4.79 -4.37 -56.93
C GLN A 449 3.40 -4.61 -56.35
N TYR A 450 3.22 -4.32 -55.06
CA TYR A 450 2.00 -4.63 -54.36
C TYR A 450 1.31 -3.34 -53.93
N PRO A 451 -0.02 -3.28 -54.08
CA PRO A 451 -0.72 -2.12 -53.58
C PRO A 451 -0.72 -2.06 -52.04
N ILE A 452 -1.16 -0.93 -51.52
CA ILE A 452 -1.22 -0.73 -50.06
C ILE A 452 -2.60 -0.17 -49.74
N PRO A 453 -3.27 -0.67 -48.70
CA PRO A 453 -4.60 -0.11 -48.39
C PRO A 453 -4.51 1.23 -47.72
N GLY A 454 -5.67 1.86 -47.56
CA GLY A 454 -5.75 3.15 -46.90
C GLY A 454 -6.37 4.18 -47.81
N VAL A 455 -6.68 5.34 -47.22
CA VAL A 455 -7.22 6.45 -47.99
C VAL A 455 -6.17 6.99 -48.98
N PHE B 4 -7.21 -8.10 -54.18
CA PHE B 4 -7.10 -6.93 -53.25
C PHE B 4 -8.38 -6.07 -53.30
N LEU B 5 -9.05 -5.94 -52.15
CA LEU B 5 -10.29 -5.15 -52.03
C LEU B 5 -10.12 -4.13 -50.92
N ASP B 6 -10.34 -2.85 -51.23
CA ASP B 6 -10.20 -1.78 -50.24
C ASP B 6 -11.30 -0.75 -50.48
N TYR B 7 -12.54 -1.21 -50.31
CA TYR B 7 -13.71 -0.36 -50.50
C TYR B 7 -13.79 0.83 -49.55
N GLY B 8 -14.48 1.87 -49.97
CA GLY B 8 -14.88 2.94 -49.08
C GLY B 8 -15.95 2.49 -48.11
N LEU B 9 -16.18 3.31 -47.10
CA LEU B 9 -17.11 2.99 -46.02
C LEU B 9 -18.54 2.66 -46.53
N SER B 10 -19.09 3.45 -47.46
CA SER B 10 -20.45 3.19 -47.99
C SER B 10 -20.57 1.81 -48.65
N GLU B 11 -19.48 1.31 -49.20
CA GLU B 11 -19.45 0.00 -49.84
C GLU B 11 -19.14 -1.13 -48.84
N ALA B 12 -18.19 -0.88 -47.95
CA ALA B 12 -17.68 -1.88 -46.99
C ALA B 12 -18.63 -2.10 -45.80
N ASP B 13 -19.25 -1.05 -45.34
CA ASP B 13 -20.02 -1.08 -44.09
C ASP B 13 -21.16 -0.05 -44.12
N PRO B 14 -22.23 -0.39 -44.86
CA PRO B 14 -23.38 0.50 -44.92
C PRO B 14 -23.94 0.95 -43.55
N ASP B 15 -23.98 0.06 -42.56
CA ASP B 15 -24.52 0.41 -41.25
C ASP B 15 -23.69 1.48 -40.55
N VAL B 16 -22.36 1.33 -40.54
CA VAL B 16 -21.50 2.37 -39.94
C VAL B 16 -21.53 3.68 -40.72
N HIS B 17 -21.47 3.56 -42.04
CA HIS B 17 -21.67 4.71 -42.92
C HIS B 17 -22.95 5.47 -42.60
N ALA B 18 -24.06 4.74 -42.47
CA ALA B 18 -25.33 5.36 -42.15
C ALA B 18 -25.32 6.04 -40.77
N ILE B 19 -24.68 5.39 -39.80
CA ILE B 19 -24.65 5.96 -38.45
C ILE B 19 -23.85 7.23 -38.43
N ILE B 20 -22.69 7.23 -39.08
CA ILE B 20 -21.87 8.45 -39.16
C ILE B 20 -22.66 9.60 -39.80
N ASN B 21 -23.37 9.29 -40.87
CA ASN B 21 -24.20 10.30 -41.56
C ASN B 21 -25.28 10.86 -40.66
N LYS B 22 -25.91 10.01 -39.85
CA LYS B 22 -26.90 10.48 -38.85
C LYS B 22 -26.30 11.42 -37.80
N GLU B 23 -25.13 11.07 -37.31
CA GLU B 23 -24.44 11.91 -36.37
C GLU B 23 -24.02 13.25 -37.00
N LYS B 24 -23.57 13.20 -38.25
CA LYS B 24 -23.22 14.42 -38.96
C LYS B 24 -24.45 15.30 -39.13
N ASP B 25 -25.55 14.68 -39.54
CA ASP B 25 -26.85 15.36 -39.64
C ASP B 25 -27.22 16.00 -38.28
N ARG B 26 -27.10 15.23 -37.21
CA ARG B 26 -27.44 15.74 -35.87
C ARG B 26 -26.55 16.94 -35.46
N GLN B 27 -25.24 16.84 -35.68
CA GLN B 27 -24.33 17.95 -35.36
C GLN B 27 -24.69 19.23 -36.13
N PHE B 28 -25.04 19.09 -37.39
CA PHE B 28 -25.36 20.25 -38.22
C PHE B 28 -26.62 21.02 -37.74
N ARG B 29 -27.64 20.28 -37.32
CA ARG B 29 -28.93 20.91 -36.97
C ARG B 29 -29.15 21.17 -35.48
N SER B 30 -28.20 20.80 -34.61
CA SER B 30 -28.40 20.96 -33.17
C SER B 30 -27.65 22.18 -32.63
N LEU B 31 -28.08 22.70 -31.49
CA LEU B 31 -27.31 23.69 -30.76
C LEU B 31 -26.48 22.86 -29.79
N GLU B 32 -25.21 22.73 -30.13
CA GLU B 32 -24.30 21.93 -29.34
C GLU B 32 -23.66 22.81 -28.29
N LEU B 33 -24.15 22.68 -27.05
CA LEU B 33 -23.78 23.57 -25.96
C LEU B 33 -23.03 22.85 -24.85
N ILE B 34 -22.56 21.63 -25.12
CA ILE B 34 -21.71 20.92 -24.17
C ILE B 34 -20.37 21.66 -24.11
N ALA B 35 -20.00 22.12 -22.91
CA ALA B 35 -18.81 22.97 -22.75
C ALA B 35 -17.50 22.28 -23.08
N SER B 36 -17.49 20.95 -23.06
CA SER B 36 -16.30 20.16 -23.38
C SER B 36 -16.29 19.71 -24.84
N GLU B 37 -17.25 20.15 -25.64
CA GLU B 37 -17.27 19.78 -27.05
C GLU B 37 -16.84 20.92 -27.95
N ASN B 38 -16.30 20.56 -29.10
CA ASN B 38 -16.02 21.49 -30.17
C ASN B 38 -16.17 20.77 -31.49
N PHE B 39 -15.99 21.52 -32.57
CA PHE B 39 -15.98 20.97 -33.92
C PHE B 39 -14.59 21.17 -34.48
N THR B 40 -13.86 20.06 -34.64
CA THR B 40 -12.49 20.12 -35.13
C THR B 40 -12.47 20.24 -36.64
N SER B 41 -11.33 20.62 -37.18
CA SER B 41 -11.23 21.01 -38.60
C SER B 41 -11.13 19.83 -39.54
N LYS B 42 -11.47 20.09 -40.81
CA LYS B 42 -11.22 19.13 -41.85
C LYS B 42 -9.75 18.71 -41.88
N ALA B 43 -8.84 19.66 -41.68
CA ALA B 43 -7.39 19.35 -41.72
C ALA B 43 -7.00 18.39 -40.61
N VAL B 44 -7.55 18.60 -39.43
CA VAL B 44 -7.25 17.73 -38.29
C VAL B 44 -7.78 16.34 -38.61
N MET B 45 -9.05 16.25 -39.03
CA MET B 45 -9.63 14.95 -39.41
C MET B 45 -8.87 14.20 -40.49
N GLU B 46 -8.36 14.92 -41.48
CA GLU B 46 -7.55 14.29 -42.52
C GLU B 46 -6.26 13.71 -41.99
N ALA B 47 -5.63 14.37 -41.03
CA ALA B 47 -4.39 13.83 -40.44
C ALA B 47 -4.69 12.59 -39.55
N VAL B 48 -5.79 12.67 -38.82
CA VAL B 48 -6.18 11.59 -37.91
C VAL B 48 -6.64 10.34 -38.69
N GLY B 49 -7.32 10.54 -39.83
CA GLY B 49 -7.77 9.45 -40.69
C GLY B 49 -6.77 9.09 -41.78
N SER B 50 -5.48 9.06 -41.43
CA SER B 50 -4.39 8.82 -42.36
C SER B 50 -3.61 7.56 -42.01
N CYS B 51 -2.63 7.25 -42.87
CA CYS B 51 -1.70 6.14 -42.69
C CYS B 51 -0.77 6.23 -41.46
N LEU B 52 -0.76 7.37 -40.75
CA LEU B 52 0.02 7.54 -39.53
C LEU B 52 -0.37 6.51 -38.47
N THR B 53 -1.62 6.05 -38.54
CA THR B 53 -2.13 5.01 -37.64
C THR B 53 -1.35 3.68 -37.74
N ASN B 54 -0.72 3.41 -38.87
CA ASN B 54 -0.06 2.12 -39.06
C ASN B 54 1.27 1.94 -38.35
N LYS B 55 1.90 3.01 -37.88
CA LYS B 55 3.28 2.93 -37.35
C LYS B 55 3.39 2.72 -35.83
N TYR B 56 4.21 1.74 -35.41
CA TYR B 56 4.72 1.62 -34.00
C TYR B 56 5.96 2.47 -33.75
N SER B 57 5.91 3.33 -32.73
CA SER B 57 7.02 4.24 -32.43
C SER B 57 7.24 4.46 -30.93
N GLU B 58 7.22 3.36 -30.18
CA GLU B 58 7.53 3.45 -28.74
C GLU B 58 8.85 4.19 -28.50
N GLY B 59 8.87 5.04 -27.49
CA GLY B 59 10.04 5.83 -27.12
C GLY B 59 9.81 7.29 -27.48
N LEU B 60 10.89 8.01 -27.76
CA LEU B 60 10.85 9.44 -28.08
C LEU B 60 11.59 9.68 -29.39
N PRO B 61 11.40 10.85 -30.04
CA PRO B 61 12.12 11.10 -31.30
C PRO B 61 13.65 10.95 -31.16
N GLY B 62 14.25 10.25 -32.13
CA GLY B 62 15.69 9.94 -32.10
C GLY B 62 16.08 8.94 -31.03
N LYS B 63 15.09 8.34 -30.36
CA LYS B 63 15.28 7.47 -29.22
C LYS B 63 14.19 6.38 -29.22
N ARG B 64 13.99 5.75 -30.36
CA ARG B 64 12.88 4.80 -30.61
C ARG B 64 13.30 3.36 -30.46
N TYR B 65 12.34 2.52 -30.11
CA TYR B 65 12.57 1.07 -30.04
C TYR B 65 12.72 0.43 -31.41
N TYR B 66 11.90 0.88 -32.38
CA TYR B 66 11.83 0.25 -33.70
C TYR B 66 12.39 1.15 -34.80
N GLY B 67 12.69 0.54 -35.94
CA GLY B 67 13.07 1.27 -37.14
C GLY B 67 11.91 1.86 -37.95
N GLY B 68 12.27 2.59 -39.00
CA GLY B 68 11.31 3.18 -39.93
C GLY B 68 10.64 4.43 -39.42
N ASN B 69 11.20 5.07 -38.38
CA ASN B 69 10.54 6.22 -37.74
C ASN B 69 11.05 7.63 -38.13
N GLU B 70 11.77 7.74 -39.24
CA GLU B 70 12.27 9.05 -39.71
C GLU B 70 11.18 10.13 -39.84
N HIS B 71 10.03 9.79 -40.41
CA HIS B 71 8.96 10.78 -40.65
C HIS B 71 8.10 11.00 -39.40
N ILE B 72 7.81 9.90 -38.69
CA ILE B 72 7.18 10.01 -37.36
C ILE B 72 7.99 10.89 -36.41
N ASP B 73 9.32 10.77 -36.40
CA ASP B 73 10.15 11.62 -35.57
C ASP B 73 10.06 13.07 -35.98
N GLU B 74 10.07 13.36 -37.28
CA GLU B 74 9.91 14.74 -37.75
C GLU B 74 8.58 15.32 -37.26
N LEU B 75 7.53 14.51 -37.35
CA LEU B 75 6.21 14.93 -36.93
C LEU B 75 6.10 15.19 -35.42
N GLU B 76 6.64 14.28 -34.61
CA GLU B 76 6.53 14.45 -33.17
C GLU B 76 7.34 15.66 -32.70
N ILE B 77 8.53 15.87 -33.28
CA ILE B 77 9.35 17.03 -32.97
C ILE B 77 8.61 18.32 -33.36
N LEU B 78 8.00 18.32 -34.53
CA LEU B 78 7.21 19.47 -35.01
C LEU B 78 6.05 19.76 -34.06
N CYS B 79 5.35 18.70 -33.67
CA CYS B 79 4.22 18.81 -32.75
C CYS B 79 4.63 19.42 -31.40
N GLN B 80 5.77 18.97 -30.86
CA GLN B 80 6.32 19.47 -29.61
C GLN B 80 6.67 20.95 -29.71
N GLN B 81 7.32 21.32 -30.81
CA GLN B 81 7.72 22.72 -31.04
C GLN B 81 6.50 23.61 -31.13
N ARG B 82 5.45 23.12 -31.80
CA ARG B 82 4.23 23.90 -31.96
C ARG B 82 3.46 24.02 -30.64
N ALA B 83 3.51 23.00 -29.79
CA ALA B 83 2.89 23.05 -28.46
C ALA B 83 3.51 24.15 -27.59
N LEU B 84 4.83 24.17 -27.56
CA LEU B 84 5.56 25.20 -26.81
C LEU B 84 5.28 26.60 -27.37
N ALA B 85 5.36 26.75 -28.68
CA ALA B 85 5.03 28.03 -29.34
C ALA B 85 3.58 28.49 -29.07
N ALA B 86 2.61 27.58 -29.10
CA ALA B 86 1.21 27.99 -28.90
C ALA B 86 0.94 28.56 -27.51
N PHE B 87 1.71 28.10 -26.53
CA PHE B 87 1.61 28.58 -25.14
C PHE B 87 2.72 29.54 -24.73
N HIS B 88 3.44 30.04 -25.74
CA HIS B 88 4.47 31.07 -25.57
C HIS B 88 5.55 30.69 -24.58
N LEU B 89 6.04 29.46 -24.73
CA LEU B 89 7.02 28.88 -23.84
C LEU B 89 8.43 28.80 -24.45
N ASP B 90 9.43 29.15 -23.65
CA ASP B 90 10.84 28.94 -24.01
C ASP B 90 11.17 27.46 -23.81
N GLY B 91 11.68 26.83 -24.87
CA GLY B 91 12.02 25.41 -24.86
C GLY B 91 13.16 24.98 -23.96
N ASP B 92 13.96 25.92 -23.48
CA ASP B 92 14.93 25.63 -22.43
C ASP B 92 14.33 25.65 -21.01
N LYS B 93 13.23 26.38 -20.81
CA LYS B 93 12.51 26.36 -19.53
C LYS B 93 11.41 25.29 -19.43
N TRP B 94 10.79 24.96 -20.57
CA TRP B 94 9.63 24.08 -20.62
C TRP B 94 9.83 22.96 -21.63
N GLY B 95 9.45 21.75 -21.22
CA GLY B 95 9.31 20.62 -22.12
C GLY B 95 7.85 20.18 -22.25
N VAL B 96 7.59 19.33 -23.22
CA VAL B 96 6.23 18.82 -23.48
C VAL B 96 6.26 17.38 -23.95
N ASN B 97 5.29 16.57 -23.50
CA ASN B 97 5.09 15.24 -24.00
C ASN B 97 3.72 15.25 -24.68
N VAL B 98 3.72 14.91 -25.96
CA VAL B 98 2.51 14.96 -26.79
C VAL B 98 1.89 13.59 -27.01
N GLN B 99 2.39 12.55 -26.33
CA GLN B 99 1.87 11.19 -26.47
C GLN B 99 0.66 10.77 -25.61
N PRO B 100 0.30 11.52 -24.54
CA PRO B 100 -0.82 10.99 -23.73
C PRO B 100 -2.11 10.80 -24.51
N LEU B 101 -2.77 9.67 -24.24
CA LEU B 101 -3.89 9.24 -25.06
C LEU B 101 -5.13 10.10 -24.87
N SER B 102 -5.23 10.78 -23.72
CA SER B 102 -6.36 11.63 -23.40
C SER B 102 -6.01 12.44 -22.14
N GLY B 103 -6.95 13.25 -21.65
CA GLY B 103 -6.72 14.08 -20.47
C GLY B 103 -6.49 13.26 -19.21
N SER B 104 -7.31 12.23 -19.02
CA SER B 104 -7.19 11.37 -17.83
C SER B 104 -5.85 10.63 -17.77
N PRO B 105 -5.43 9.98 -18.87
CA PRO B 105 -4.10 9.36 -18.88
C PRO B 105 -2.93 10.36 -18.71
N ALA B 106 -3.08 11.57 -19.23
CA ALA B 106 -2.08 12.61 -19.03
C ALA B 106 -1.95 12.91 -17.53
N ASN B 107 -3.07 13.08 -16.85
CA ASN B 107 -3.01 13.32 -15.39
C ASN B 107 -2.38 12.15 -14.63
N PHE B 108 -2.84 10.95 -14.94
CA PHE B 108 -2.33 9.76 -14.26
C PHE B 108 -0.85 9.58 -14.49
N ALA B 109 -0.36 9.93 -15.68
CA ALA B 109 1.09 9.87 -15.94
C ALA B 109 1.86 10.87 -15.05
N VAL B 110 1.33 12.07 -14.89
CA VAL B 110 1.94 13.04 -13.98
C VAL B 110 2.00 12.46 -12.57
N TYR B 111 0.90 11.85 -12.10
CA TYR B 111 0.91 11.35 -10.71
C TYR B 111 1.95 10.27 -10.55
N THR B 112 2.03 9.41 -11.55
CA THR B 112 2.97 8.31 -11.59
C THR B 112 4.41 8.84 -11.63
N ALA B 113 4.63 9.92 -12.36
CA ALA B 113 5.96 10.53 -12.49
C ALA B 113 6.50 11.07 -11.17
N ILE B 114 5.68 11.80 -10.42
CA ILE B 114 6.17 12.60 -9.28
C ILE B 114 5.74 12.08 -7.90
N LEU B 115 4.77 11.17 -7.83
CA LEU B 115 4.25 10.64 -6.57
C LEU B 115 4.51 9.16 -6.47
N LYS B 116 4.51 8.65 -5.24
CA LYS B 116 4.49 7.24 -4.96
C LYS B 116 3.07 6.83 -4.64
N PRO B 117 2.76 5.54 -4.77
CA PRO B 117 1.42 5.12 -4.43
C PRO B 117 1.04 5.58 -3.03
N HIS B 118 -0.20 6.02 -2.91
CA HIS B 118 -0.75 6.54 -1.64
C HIS B 118 -0.23 7.89 -1.22
N ASP B 119 0.59 8.57 -2.03
CA ASP B 119 0.93 9.97 -1.75
C ASP B 119 -0.29 10.86 -1.87
N ARG B 120 -0.22 11.99 -1.18
CA ARG B 120 -1.37 12.88 -1.03
C ARG B 120 -1.55 13.91 -2.13
N ILE B 121 -2.81 14.04 -2.58
CA ILE B 121 -3.21 14.95 -3.64
C ILE B 121 -4.41 15.75 -3.17
N MET B 122 -4.42 17.04 -3.49
CA MET B 122 -5.65 17.84 -3.37
C MET B 122 -6.09 18.43 -4.71
N GLY B 123 -7.39 18.29 -4.99
CA GLY B 123 -8.00 18.87 -6.18
C GLY B 123 -9.38 19.44 -5.86
N LEU B 124 -9.94 20.19 -6.79
CA LEU B 124 -11.29 20.75 -6.59
C LEU B 124 -12.32 19.62 -6.52
N ASP B 125 -13.21 19.72 -5.54
CA ASP B 125 -14.20 18.67 -5.25
C ASP B 125 -15.11 18.53 -6.48
N LEU B 126 -15.42 17.29 -6.83
CA LEU B 126 -16.24 16.96 -8.02
C LEU B 126 -17.57 17.73 -8.05
N PRO B 127 -18.36 17.70 -6.95
CA PRO B 127 -19.61 18.48 -6.95
C PRO B 127 -19.46 19.99 -6.96
N HIS B 128 -18.22 20.50 -6.84
CA HIS B 128 -17.95 21.93 -6.88
C HIS B 128 -17.23 22.38 -8.18
N GLY B 129 -17.25 21.51 -9.19
CA GLY B 129 -16.71 21.83 -10.52
C GLY B 129 -15.44 21.08 -10.89
N GLY B 130 -15.02 20.15 -10.03
CA GLY B 130 -13.80 19.38 -10.24
C GLY B 130 -13.95 18.28 -11.26
N HIS B 131 -12.84 17.65 -11.61
CA HIS B 131 -12.86 16.52 -12.52
C HIS B 131 -12.54 15.24 -11.75
N LEU B 132 -13.20 14.14 -12.12
CA LEU B 132 -12.99 12.81 -11.51
C LEU B 132 -11.52 12.45 -11.39
N SER B 133 -10.73 12.69 -12.44
CA SER B 133 -9.29 12.36 -12.40
C SER B 133 -8.43 13.13 -11.38
N HIS B 134 -8.96 14.19 -10.77
CA HIS B 134 -8.26 14.86 -9.65
C HIS B 134 -8.56 14.18 -8.32
N GLY B 135 -9.42 13.17 -8.32
CA GLY B 135 -9.78 12.42 -7.11
C GLY B 135 -11.26 12.49 -6.86
N PHE B 136 -11.84 11.35 -6.53
CA PHE B 136 -13.23 11.32 -6.09
C PHE B 136 -13.53 10.04 -5.32
N MET B 137 -14.02 10.23 -4.09
CA MET B 137 -14.44 9.15 -3.22
C MET B 137 -15.82 9.50 -2.69
N THR B 138 -16.70 8.50 -2.63
CA THR B 138 -18.01 8.63 -2.01
C THR B 138 -17.89 8.07 -0.62
N ALA B 139 -18.99 8.14 0.13
CA ALA B 139 -19.07 7.50 1.43
C ALA B 139 -18.75 5.99 1.37
N LYS B 140 -19.09 5.32 0.28
CA LYS B 140 -18.91 3.86 0.18
C LYS B 140 -17.84 3.32 -0.79
N ARG B 141 -17.32 4.14 -1.71
CA ARG B 141 -16.21 3.66 -2.58
C ARG B 141 -15.25 4.72 -3.13
N ARG B 142 -14.07 4.25 -3.52
CA ARG B 142 -13.11 5.05 -4.27
C ARG B 142 -13.49 4.93 -5.74
N VAL B 143 -13.95 6.03 -6.30
CA VAL B 143 -14.57 6.03 -7.63
C VAL B 143 -13.50 6.26 -8.71
N SER B 144 -12.72 7.33 -8.56
CA SER B 144 -11.61 7.63 -9.46
C SER B 144 -10.41 6.70 -9.20
N GLY B 145 -9.74 6.26 -10.25
CA GLY B 145 -8.45 5.62 -10.12
C GLY B 145 -7.43 6.43 -9.33
N THR B 146 -7.52 7.75 -9.44
CA THR B 146 -6.70 8.69 -8.67
C THR B 146 -6.87 8.46 -7.16
N SER B 147 -8.11 8.26 -6.72
CA SER B 147 -8.40 7.99 -5.31
C SER B 147 -8.15 6.56 -4.87
N ILE B 148 -7.99 5.63 -5.82
CA ILE B 148 -7.56 4.28 -5.53
C ILE B 148 -6.06 4.24 -5.29
N TYR B 149 -5.28 4.79 -6.21
CA TYR B 149 -3.80 4.64 -6.15
C TYR B 149 -3.10 5.73 -5.35
N PHE B 150 -3.80 6.82 -5.06
CA PHE B 150 -3.29 7.95 -4.29
C PHE B 150 -4.34 8.33 -3.25
N GLU B 151 -3.94 9.21 -2.35
CA GLU B 151 -4.80 9.66 -1.26
C GLU B 151 -5.21 11.09 -1.53
N SER B 152 -6.43 11.24 -2.05
CA SER B 152 -6.94 12.53 -2.48
C SER B 152 -7.83 13.09 -1.38
N MET B 153 -7.73 14.38 -1.18
CA MET B 153 -8.66 15.13 -0.34
C MET B 153 -9.06 16.40 -1.08
N PRO B 154 -10.38 16.67 -1.19
CA PRO B 154 -10.80 17.81 -1.97
C PRO B 154 -10.63 19.16 -1.29
N TYR B 155 -10.58 20.21 -2.08
CA TYR B 155 -10.84 21.52 -1.57
C TYR B 155 -12.16 21.96 -2.22
N ARG B 156 -12.82 22.91 -1.59
CA ARG B 156 -14.20 23.24 -1.93
C ARG B 156 -14.36 24.74 -2.16
N LEU B 157 -15.31 25.06 -3.01
CA LEU B 157 -15.91 26.37 -3.08
C LEU B 157 -16.56 26.70 -1.75
N ASP B 158 -16.55 27.98 -1.42
CA ASP B 158 -17.51 28.50 -0.47
C ASP B 158 -18.91 28.35 -1.09
N GLU B 159 -19.71 27.40 -0.59
CA GLU B 159 -21.03 27.05 -1.18
C GLU B 159 -21.99 28.24 -1.27
N SER B 160 -21.87 29.19 -0.34
CA SER B 160 -22.65 30.43 -0.37
C SER B 160 -22.23 31.39 -1.50
N THR B 161 -21.01 31.26 -2.03
CA THR B 161 -20.51 32.13 -3.13
C THR B 161 -20.29 31.43 -4.47
N GLY B 162 -19.79 30.19 -4.44
CA GLY B 162 -19.40 29.49 -5.67
C GLY B 162 -18.01 29.88 -6.22
N VAL B 163 -17.15 30.45 -5.37
CA VAL B 163 -15.73 30.72 -5.68
C VAL B 163 -14.83 29.88 -4.74
N ILE B 164 -13.65 29.46 -5.23
CA ILE B 164 -12.71 28.58 -4.46
C ILE B 164 -12.39 29.24 -3.11
N ASP B 165 -12.53 28.46 -2.04
CA ASP B 165 -12.24 28.95 -0.70
C ASP B 165 -10.75 28.81 -0.45
N TYR B 166 -10.00 29.79 -0.93
CA TYR B 166 -8.54 29.79 -0.81
C TYR B 166 -8.04 29.81 0.63
N ASP B 167 -8.73 30.55 1.50
CA ASP B 167 -8.41 30.55 2.92
C ASP B 167 -8.55 29.17 3.55
N MET B 168 -9.60 28.44 3.19
CA MET B 168 -9.79 27.10 3.75
C MET B 168 -8.80 26.09 3.15
N LEU B 169 -8.52 26.20 1.85
CA LEU B 169 -7.44 25.39 1.21
C LEU B 169 -6.10 25.58 1.92
N GLU B 170 -5.73 26.84 2.18
CA GLU B 170 -4.54 27.21 2.96
C GLU B 170 -4.48 26.44 4.29
N LYS B 171 -5.60 26.43 5.02
CA LYS B 171 -5.66 25.75 6.31
C LYS B 171 -5.62 24.23 6.19
N THR B 172 -6.36 23.67 5.24
CA THR B 172 -6.44 22.22 5.11
C THR B 172 -5.17 21.64 4.48
N ALA B 173 -4.53 22.41 3.60
CA ALA B 173 -3.24 21.99 3.03
C ALA B 173 -2.18 21.85 4.11
N ALA B 174 -2.16 22.81 5.02
CA ALA B 174 -1.22 22.77 6.16
C ALA B 174 -1.40 21.55 7.05
N LEU B 175 -2.64 21.05 7.18
CA LEU B 175 -2.95 19.86 7.97
C LEU B 175 -2.72 18.57 7.22
N PHE B 176 -3.21 18.52 5.98
CA PHE B 176 -3.17 17.29 5.18
C PHE B 176 -1.80 17.07 4.50
N ARG B 177 -1.10 18.16 4.20
CA ARG B 177 0.25 18.12 3.64
C ARG B 177 0.31 17.36 2.31
N PRO B 178 -0.46 17.83 1.34
CA PRO B 178 -0.37 17.17 0.04
C PRO B 178 1.01 17.28 -0.59
N LYS B 179 1.40 16.23 -1.31
CA LYS B 179 2.56 16.25 -2.21
C LYS B 179 2.30 17.00 -3.51
N LEU B 180 1.03 17.03 -3.93
CA LEU B 180 0.60 17.64 -5.16
C LEU B 180 -0.71 18.36 -4.94
N ILE B 181 -0.76 19.62 -5.35
CA ILE B 181 -2.01 20.39 -5.42
C ILE B 181 -2.32 20.60 -6.91
N ILE B 182 -3.56 20.27 -7.27
CA ILE B 182 -4.08 20.44 -8.62
C ILE B 182 -5.04 21.63 -8.67
N ALA B 183 -4.74 22.55 -9.56
CA ALA B 183 -5.67 23.62 -9.96
C ALA B 183 -6.29 23.20 -11.28
N GLY B 184 -7.47 23.73 -11.57
CA GLY B 184 -8.11 23.49 -12.85
C GLY B 184 -9.37 22.68 -12.60
N ALA B 185 -10.29 22.72 -13.56
CA ALA B 185 -11.65 22.24 -13.30
C ALA B 185 -12.43 21.96 -14.58
N SER B 186 -13.50 21.20 -14.41
CA SER B 186 -14.42 20.86 -15.49
C SER B 186 -15.58 21.83 -15.58
N ALA B 187 -16.00 22.40 -14.45
CA ALA B 187 -17.17 23.30 -14.44
C ALA B 187 -16.95 24.45 -13.50
N TYR B 188 -15.83 25.14 -13.64
CA TYR B 188 -15.56 26.29 -12.81
C TYR B 188 -15.60 27.50 -13.69
N PRO B 189 -16.59 28.40 -13.44
CA PRO B 189 -16.80 29.52 -14.35
C PRO B 189 -15.89 30.73 -14.15
N ARG B 190 -14.99 30.73 -13.17
CA ARG B 190 -14.15 31.91 -12.93
C ARG B 190 -12.71 31.59 -13.20
N ASP B 191 -11.90 32.63 -13.37
CA ASP B 191 -10.44 32.44 -13.50
C ASP B 191 -9.85 32.08 -12.10
N ILE B 192 -8.70 31.43 -12.13
CA ILE B 192 -8.09 30.81 -10.94
C ILE B 192 -6.98 31.72 -10.44
N ASP B 193 -6.90 31.91 -9.11
CA ASP B 193 -5.84 32.73 -8.53
C ASP B 193 -4.57 31.89 -8.46
N TYR B 194 -3.78 31.89 -9.53
CA TYR B 194 -2.61 31.02 -9.62
C TYR B 194 -1.52 31.43 -8.62
N ALA B 195 -1.36 32.74 -8.39
CA ALA B 195 -0.39 33.21 -7.36
C ALA B 195 -0.71 32.64 -5.98
N ARG B 196 -1.99 32.63 -5.62
CA ARG B 196 -2.40 32.09 -4.32
C ARG B 196 -2.17 30.58 -4.26
N PHE B 197 -2.40 29.86 -5.36
CA PHE B 197 -2.09 28.42 -5.40
C PHE B 197 -0.61 28.16 -5.17
N ARG B 198 0.24 29.00 -5.77
CA ARG B 198 1.69 28.89 -5.58
C ARG B 198 2.07 29.12 -4.10
N LYS B 199 1.52 30.18 -3.50
CA LYS B 199 1.78 30.47 -2.08
C LYS B 199 1.42 29.27 -1.21
N ILE B 200 0.27 28.66 -1.50
CA ILE B 200 -0.22 27.53 -0.70
C ILE B 200 0.65 26.29 -0.95
N ALA B 201 0.97 26.00 -2.20
CA ALA B 201 1.86 24.87 -2.49
C ALA B 201 3.22 25.01 -1.76
N ASP B 202 3.80 26.20 -1.83
CA ASP B 202 5.11 26.46 -1.18
C ASP B 202 5.05 26.33 0.34
N SER B 203 3.92 26.75 0.93
CA SER B 203 3.67 26.57 2.37
C SER B 203 3.89 25.10 2.86
N VAL B 204 3.64 24.12 2.00
CA VAL B 204 3.84 22.71 2.36
C VAL B 204 4.82 21.93 1.47
N GLY B 205 5.55 22.61 0.60
CA GLY B 205 6.51 21.97 -0.28
C GLY B 205 5.85 21.09 -1.34
N ALA B 206 4.62 21.42 -1.74
CA ALA B 206 3.90 20.60 -2.71
C ALA B 206 4.29 20.98 -4.11
N PHE B 207 4.24 19.99 -5.00
CA PHE B 207 4.21 20.24 -6.44
C PHE B 207 2.89 20.94 -6.76
N LEU B 208 2.90 21.78 -7.79
CA LEU B 208 1.69 22.48 -8.23
C LEU B 208 1.48 22.22 -9.71
N MET B 209 0.29 21.74 -10.04
CA MET B 209 -0.10 21.45 -11.40
C MET B 209 -1.38 22.21 -11.76
N MET B 210 -1.48 22.61 -13.02
CA MET B 210 -2.74 23.12 -13.62
C MET B 210 -3.22 22.13 -14.67
N ASP B 211 -4.48 21.70 -14.54
CA ASP B 211 -5.18 20.94 -15.57
C ASP B 211 -6.01 21.94 -16.35
N MET B 212 -5.49 22.34 -17.51
CA MET B 212 -6.13 23.38 -18.32
C MET B 212 -7.05 22.83 -19.43
N ALA B 213 -7.50 21.57 -19.31
CA ALA B 213 -8.36 20.96 -20.34
C ALA B 213 -9.45 21.89 -20.86
N HIS B 214 -10.21 22.49 -19.94
CA HIS B 214 -11.36 23.32 -20.35
C HIS B 214 -10.99 24.71 -20.85
N VAL B 215 -9.79 25.20 -20.53
CA VAL B 215 -9.44 26.59 -20.83
C VAL B 215 -8.18 26.80 -21.65
N SER B 216 -7.63 25.74 -22.22
CA SER B 216 -6.31 25.77 -22.87
C SER B 216 -6.23 26.80 -24.01
N GLY B 217 -7.27 26.88 -24.81
CA GLY B 217 -7.28 27.80 -25.94
C GLY B 217 -7.39 29.24 -25.51
N LEU B 218 -8.15 29.47 -24.42
CA LEU B 218 -8.25 30.79 -23.83
C LEU B 218 -6.92 31.26 -23.25
N ILE B 219 -6.17 30.32 -22.67
CA ILE B 219 -4.81 30.60 -22.21
C ILE B 219 -3.86 30.88 -23.38
N ALA B 220 -3.90 30.02 -24.39
CA ALA B 220 -3.10 30.20 -25.63
C ALA B 220 -3.33 31.56 -26.27
N ALA B 221 -4.59 32.00 -26.29
CA ALA B 221 -4.96 33.31 -26.85
C ALA B 221 -4.81 34.50 -25.88
N SER B 222 -4.22 34.26 -24.71
CA SER B 222 -4.08 35.24 -23.62
C SER B 222 -5.37 35.92 -23.20
N VAL B 223 -6.50 35.22 -23.34
CA VAL B 223 -7.79 35.71 -22.86
C VAL B 223 -7.89 35.57 -21.35
N LEU B 224 -7.41 34.45 -20.81
CA LEU B 224 -7.34 34.20 -19.37
C LEU B 224 -5.88 34.27 -18.93
N ALA B 225 -5.69 34.32 -17.61
CA ALA B 225 -4.34 34.39 -17.03
C ALA B 225 -3.56 33.13 -17.36
N ASP B 226 -2.24 33.27 -17.38
CA ASP B 226 -1.31 32.22 -17.80
C ASP B 226 -0.86 31.40 -16.60
N PRO B 227 -1.30 30.13 -16.49
CA PRO B 227 -0.83 29.30 -15.37
C PRO B 227 0.66 28.99 -15.42
N PHE B 228 1.27 29.07 -16.60
CA PHE B 228 2.69 28.77 -16.78
C PHE B 228 3.61 29.76 -16.05
N GLU B 229 3.08 30.92 -15.67
CA GLU B 229 3.79 31.86 -14.80
C GLU B 229 4.04 31.32 -13.40
N PHE B 230 3.19 30.41 -12.92
CA PHE B 230 3.20 29.95 -11.53
C PHE B 230 3.38 28.45 -11.26
N VAL B 231 2.89 27.57 -12.13
CA VAL B 231 2.87 26.13 -11.85
C VAL B 231 4.10 25.39 -12.37
N ASP B 232 4.24 24.15 -11.92
CA ASP B 232 5.35 23.28 -12.30
C ASP B 232 5.03 22.46 -13.54
N ILE B 233 3.78 22.03 -13.61
CA ILE B 233 3.31 21.06 -14.61
C ILE B 233 1.95 21.52 -15.08
N VAL B 234 1.68 21.37 -16.38
CA VAL B 234 0.37 21.66 -16.95
C VAL B 234 -0.08 20.48 -17.79
N THR B 235 -1.31 20.01 -17.55
CA THR B 235 -1.89 18.99 -18.39
C THR B 235 -3.07 19.56 -19.14
N THR B 236 -3.41 18.88 -20.23
CA THR B 236 -4.57 19.30 -21.00
C THR B 236 -5.03 18.17 -21.89
N THR B 237 -6.32 18.23 -22.22
CA THR B 237 -6.86 17.56 -23.37
C THR B 237 -6.52 18.39 -24.62
N THR B 238 -6.61 17.76 -25.77
CA THR B 238 -6.38 18.47 -27.03
C THR B 238 -7.68 18.75 -27.80
N HIS B 239 -8.73 18.03 -27.45
N HIS B 239 -8.84 18.31 -27.30
CA HIS B 239 -10.07 18.37 -27.87
CA HIS B 239 -10.12 18.39 -28.05
C HIS B 239 -10.48 19.54 -26.96
C HIS B 239 -11.10 19.58 -27.77
N1 LLP B 240 -9.48 17.10 -16.71
C2 LLP B 240 -10.37 18.07 -16.96
C2' LLP B 240 -10.34 19.34 -16.12
C3 LLP B 240 -11.29 17.89 -18.01
O3 LLP B 240 -12.19 18.92 -18.24
C4 LLP B 240 -11.28 16.71 -18.74
C4' LLP B 240 -12.24 16.58 -19.91
C5 LLP B 240 -10.34 15.73 -18.47
C6 LLP B 240 -9.45 15.94 -17.41
C5' LLP B 240 -10.24 14.35 -19.13
OP4 LLP B 240 -10.24 14.31 -20.52
P LLP B 240 -10.65 12.87 -21.20
OP1 LLP B 240 -10.09 12.99 -22.61
OP2 LLP B 240 -10.00 11.71 -20.49
OP3 LLP B 240 -12.17 12.78 -21.22
N LLP B 240 -11.74 19.66 -26.60
CA LLP B 240 -12.28 20.90 -26.04
CB LLP B 240 -12.17 20.78 -24.47
CG LLP B 240 -12.31 19.36 -23.91
CD LLP B 240 -12.42 19.33 -22.38
CE LLP B 240 -12.86 17.95 -21.89
NZ LLP B 240 -12.21 17.64 -20.63
C LLP B 240 -11.81 22.27 -26.60
O LLP B 240 -11.91 22.54 -27.80
N SER B 241 -11.39 23.16 -25.70
CA SER B 241 -10.92 24.50 -25.97
C SER B 241 -9.91 24.64 -27.14
N LEU B 242 -8.94 23.73 -27.20
CA LEU B 242 -7.90 23.75 -28.23
C LEU B 242 -8.40 23.34 -29.61
N ARG B 243 -9.56 22.71 -29.66
CA ARG B 243 -10.25 22.40 -30.92
C ARG B 243 -9.45 21.44 -31.80
N GLY B 244 -8.72 20.53 -31.15
CA GLY B 244 -7.90 19.55 -31.83
C GLY B 244 -8.51 18.15 -31.82
N PRO B 245 -7.69 17.12 -32.10
CA PRO B 245 -8.13 15.73 -32.00
C PRO B 245 -8.28 15.28 -30.55
N ARG B 246 -8.83 14.09 -30.34
CA ARG B 246 -8.95 13.54 -28.96
C ARG B 246 -7.58 13.01 -28.57
N GLY B 247 -6.99 13.68 -27.59
CA GLY B 247 -5.65 13.35 -27.11
C GLY B 247 -5.32 14.18 -25.88
N GLY B 248 -4.05 14.21 -25.52
CA GLY B 248 -3.61 14.89 -24.31
C GLY B 248 -2.16 15.33 -24.45
N MET B 249 -1.76 16.25 -23.60
CA MET B 249 -0.39 16.72 -23.52
C MET B 249 -0.04 17.01 -22.07
N ILE B 250 1.25 16.90 -21.76
CA ILE B 250 1.79 17.29 -20.46
C ILE B 250 2.96 18.25 -20.68
N PHE B 251 2.88 19.42 -20.07
CA PHE B 251 3.97 20.39 -20.08
C PHE B 251 4.62 20.37 -18.72
N PHE B 252 5.93 20.61 -18.68
CA PHE B 252 6.71 20.54 -17.44
C PHE B 252 7.92 21.46 -17.48
N LYS B 253 8.25 22.01 -16.31
CA LYS B 253 9.49 22.74 -16.12
C LYS B 253 10.67 21.80 -16.33
N LYS B 254 11.71 22.32 -17.00
CA LYS B 254 12.95 21.57 -17.19
C LYS B 254 13.98 21.78 -16.08
N ASP B 255 13.88 22.90 -15.37
CA ASP B 255 14.64 23.10 -14.12
C ASP B 255 14.11 22.17 -13.04
N ALA B 256 15.01 21.61 -12.21
CA ALA B 256 14.61 20.69 -11.15
C ALA B 256 13.58 21.36 -10.23
N VAL B 257 12.58 20.60 -9.84
CA VAL B 257 11.54 21.08 -8.94
C VAL B 257 11.56 20.16 -7.74
N HIS B 258 11.81 20.72 -6.56
CA HIS B 258 11.95 19.90 -5.35
C HIS B 258 12.92 18.74 -5.58
N GLY B 259 14.02 19.05 -6.26
CA GLY B 259 15.06 18.07 -6.56
C GLY B 259 14.71 17.00 -7.58
N VAL B 260 13.65 17.20 -8.35
CA VAL B 260 13.18 16.21 -9.32
C VAL B 260 13.33 16.77 -10.74
N ASP B 261 13.89 15.92 -11.59
CA ASP B 261 14.01 16.15 -13.03
C ASP B 261 12.65 15.74 -13.61
N LEU B 262 11.77 16.72 -13.80
CA LEU B 262 10.39 16.43 -14.25
C LEU B 262 10.35 15.88 -15.66
N GLU B 263 11.26 16.32 -16.53
CA GLU B 263 11.30 15.83 -17.90
C GLU B 263 11.49 14.32 -17.92
N SER B 264 12.54 13.87 -17.25
CA SER B 264 12.84 12.47 -17.19
C SER B 264 11.70 11.66 -16.52
N ALA B 265 11.16 12.19 -15.42
CA ALA B 265 10.11 11.47 -14.67
C ALA B 265 8.82 11.33 -15.47
N ILE B 266 8.39 12.43 -16.07
CA ILE B 266 7.13 12.45 -16.85
C ILE B 266 7.25 11.63 -18.13
N ASN B 267 8.33 11.82 -18.88
CA ASN B 267 8.52 11.03 -20.08
C ASN B 267 8.55 9.52 -19.77
N ASN B 268 9.28 9.12 -18.73
CA ASN B 268 9.34 7.69 -18.34
C ASN B 268 8.00 7.14 -17.85
N ALA B 269 7.20 7.99 -17.22
CA ALA B 269 5.88 7.59 -16.75
C ALA B 269 4.95 7.30 -17.95
N VAL B 270 5.03 8.13 -18.97
CA VAL B 270 4.20 7.95 -20.18
C VAL B 270 4.61 6.68 -20.88
N PHE B 271 5.91 6.56 -21.16
CA PHE B 271 6.50 5.35 -21.71
C PHE B 271 7.92 5.16 -21.14
N PRO B 272 8.27 4.01 -20.57
CA PRO B 272 7.50 2.76 -20.58
C PRO B 272 6.47 2.57 -19.50
N GLY B 273 6.23 3.57 -18.66
CA GLY B 273 5.38 3.40 -17.49
C GLY B 273 3.96 2.95 -17.76
N LEU B 274 3.20 3.78 -18.48
CA LEU B 274 1.78 3.55 -18.61
C LEU B 274 1.24 3.24 -19.99
N GLN B 275 1.90 3.73 -21.05
CA GLN B 275 1.42 3.54 -22.41
C GLN B 275 2.42 2.73 -23.19
N GLY B 276 1.96 2.26 -24.36
CA GLY B 276 2.83 1.66 -25.33
C GLY B 276 3.06 2.61 -26.48
N GLY B 277 2.71 2.15 -27.67
CA GLY B 277 3.01 2.90 -28.89
C GLY B 277 2.17 4.18 -28.96
N PRO B 278 2.80 5.30 -29.29
CA PRO B 278 2.05 6.55 -29.49
C PRO B 278 1.06 6.43 -30.64
N HIS B 279 -0.04 7.18 -30.56
CA HIS B 279 -0.99 7.24 -31.64
C HIS B 279 -0.58 8.37 -32.56
N ASN B 280 0.23 8.02 -33.54
CA ASN B 280 0.80 9.05 -34.44
C ASN B 280 -0.20 9.78 -35.30
N HIS B 281 -1.28 9.12 -35.67
CA HIS B 281 -2.40 9.81 -36.36
C HIS B 281 -2.97 10.95 -35.53
N THR B 282 -3.13 10.71 -34.23
CA THR B 282 -3.55 11.77 -33.31
C THR B 282 -2.52 12.86 -33.16
N ILE B 283 -1.25 12.48 -33.04
CA ILE B 283 -0.14 13.44 -32.96
C ILE B 283 -0.10 14.36 -34.21
N GLY B 284 -0.35 13.77 -35.38
CA GLY B 284 -0.54 14.52 -36.64
C GLY B 284 -1.61 15.59 -36.56
N GLY B 285 -2.80 15.17 -36.11
CA GLY B 285 -3.93 16.07 -35.92
C GLY B 285 -3.61 17.16 -34.91
N LEU B 286 -2.88 16.79 -33.86
CA LEU B 286 -2.51 17.73 -32.84
C LEU B 286 -1.56 18.80 -33.39
N ALA B 287 -0.59 18.39 -34.19
CA ALA B 287 0.33 19.34 -34.79
C ALA B 287 -0.45 20.36 -35.65
N VAL B 288 -1.43 19.90 -36.41
CA VAL B 288 -2.28 20.74 -37.23
C VAL B 288 -3.00 21.77 -36.37
N CYS B 289 -3.65 21.30 -35.33
CA CYS B 289 -4.40 22.17 -34.44
C CYS B 289 -3.51 23.18 -33.69
N LEU B 290 -2.28 22.78 -33.35
CA LEU B 290 -1.34 23.68 -32.68
C LEU B 290 -0.78 24.80 -33.59
N LYS B 291 -0.66 24.53 -34.88
CA LYS B 291 -0.32 25.56 -35.86
C LYS B 291 -1.45 26.59 -35.87
N TYR B 292 -2.69 26.11 -35.95
CA TYR B 292 -3.84 27.01 -35.99
C TYR B 292 -3.96 27.83 -34.71
N ALA B 293 -3.61 27.22 -33.58
CA ALA B 293 -3.64 27.88 -32.28
C ALA B 293 -2.81 29.15 -32.19
N GLN B 294 -1.81 29.29 -33.05
CA GLN B 294 -0.92 30.46 -33.08
C GLN B 294 -1.44 31.61 -33.94
N SER B 295 -2.54 31.39 -34.66
CA SER B 295 -3.01 32.32 -35.68
C SER B 295 -3.85 33.44 -35.07
N PRO B 296 -3.90 34.62 -35.73
CA PRO B 296 -4.78 35.70 -35.25
C PRO B 296 -6.26 35.32 -35.21
N ASP B 297 -6.70 34.49 -36.17
CA ASP B 297 -8.09 34.01 -36.23
C ASP B 297 -8.48 33.19 -35.00
N PHE B 298 -7.56 32.35 -34.51
CA PHE B 298 -7.75 31.63 -33.28
C PHE B 298 -7.87 32.57 -32.07
N LYS B 299 -7.02 33.59 -32.02
CA LYS B 299 -7.12 34.61 -30.97
C LYS B 299 -8.49 35.33 -31.01
N ASN B 300 -8.92 35.73 -32.20
CA ASN B 300 -10.27 36.33 -32.37
C ASN B 300 -11.39 35.39 -31.95
N TYR B 301 -11.28 34.13 -32.37
CA TYR B 301 -12.21 33.07 -31.95
C TYR B 301 -12.35 32.98 -30.43
N GLN B 302 -11.23 32.92 -29.71
CA GLN B 302 -11.28 32.76 -28.24
C GLN B 302 -11.87 33.98 -27.54
N ASN B 303 -11.59 35.18 -28.06
CA ASN B 303 -12.26 36.37 -27.53
C ASN B 303 -13.76 36.32 -27.78
N GLN B 304 -14.17 35.83 -28.95
CA GLN B 304 -15.58 35.66 -29.27
C GLN B 304 -16.25 34.61 -28.37
N VAL B 305 -15.52 33.54 -28.03
CA VAL B 305 -16.01 32.54 -27.09
C VAL B 305 -16.48 33.16 -25.78
N VAL B 306 -15.62 34.01 -25.21
CA VAL B 306 -15.91 34.64 -23.94
C VAL B 306 -17.03 35.68 -24.12
N ALA B 307 -17.01 36.44 -25.22
CA ALA B 307 -18.10 37.41 -25.47
C ALA B 307 -19.45 36.72 -25.65
N ASN B 308 -19.46 35.55 -26.30
CA ASN B 308 -20.69 34.82 -26.50
C ASN B 308 -21.24 34.20 -25.22
N CYS B 309 -20.35 33.65 -24.41
CA CYS B 309 -20.77 33.13 -23.10
C CYS B 309 -21.38 34.26 -22.23
N ARG B 310 -20.75 35.43 -22.27
CA ARG B 310 -21.25 36.64 -21.56
C ARG B 310 -22.65 37.06 -22.03
N ALA B 311 -22.85 37.11 -23.34
CA ALA B 311 -24.16 37.44 -23.96
C ALA B 311 -25.25 36.46 -23.51
N LEU B 312 -24.91 35.18 -23.54
CA LEU B 312 -25.83 34.12 -23.10
C LEU B 312 -26.15 34.21 -21.60
N ALA B 313 -25.14 34.46 -20.78
CA ALA B 313 -25.28 34.51 -19.35
C ALA B 313 -26.22 35.68 -19.01
N ASN B 314 -25.97 36.83 -19.62
CA ASN B 314 -26.76 38.04 -19.36
C ASN B 314 -28.23 37.85 -19.66
N ARG B 315 -28.52 37.20 -20.78
CA ARG B 315 -29.89 36.93 -21.17
C ARG B 315 -30.59 35.89 -20.25
N LEU B 316 -29.85 34.85 -19.82
CA LEU B 316 -30.42 33.90 -18.85
C LEU B 316 -30.83 34.59 -17.55
N VAL B 317 -29.94 35.42 -17.02
CA VAL B 317 -30.18 36.26 -15.84
C VAL B 317 -31.39 37.18 -16.01
N GLU B 318 -31.56 37.73 -17.21
CA GLU B 318 -32.76 38.50 -17.55
C GLU B 318 -34.04 37.66 -17.52
N HIS B 319 -33.92 36.37 -17.87
CA HIS B 319 -35.02 35.41 -17.64
C HIS B 319 -35.14 34.94 -16.18
N GLU B 320 -34.26 35.48 -15.31
CA GLU B 320 -34.25 35.30 -13.84
C GLU B 320 -33.66 33.99 -13.35
N TYR B 321 -32.81 33.37 -14.18
CA TYR B 321 -32.02 32.23 -13.73
C TYR B 321 -30.88 32.71 -12.83
N LYS B 322 -30.56 31.83 -11.84
CA LYS B 322 -29.36 32.03 -11.01
C LYS B 322 -28.19 31.26 -11.63
N LEU B 323 -27.04 31.91 -11.67
CA LEU B 323 -25.80 31.34 -12.16
C LEU B 323 -24.90 31.04 -10.99
N VAL B 324 -24.21 29.91 -11.04
CA VAL B 324 -23.28 29.57 -9.99
C VAL B 324 -22.13 30.57 -10.05
N SER B 325 -21.75 31.10 -8.89
CA SER B 325 -20.76 32.21 -8.81
C SER B 325 -21.23 33.54 -9.33
N GLY B 326 -22.47 33.61 -9.85
CA GLY B 326 -23.06 34.86 -10.32
C GLY B 326 -22.70 35.28 -11.72
N GLY B 327 -22.15 34.38 -12.52
CA GLY B 327 -21.60 34.74 -13.81
C GLY B 327 -20.46 33.84 -14.24
N SER B 328 -19.65 34.34 -15.15
CA SER B 328 -18.52 33.60 -15.67
C SER B 328 -17.46 34.54 -16.22
N ASP B 329 -16.20 34.13 -16.16
CA ASP B 329 -15.06 34.82 -16.81
C ASP B 329 -14.59 34.03 -18.04
N ASN B 330 -15.23 32.91 -18.33
CA ASN B 330 -14.72 32.04 -19.38
C ASN B 330 -15.77 31.62 -20.40
N HIS B 331 -15.52 30.48 -21.02
CA HIS B 331 -16.39 29.85 -22.00
C HIS B 331 -17.66 29.16 -21.49
N LEU B 332 -17.82 28.99 -20.18
CA LEU B 332 -18.96 28.25 -19.65
C LEU B 332 -19.72 29.01 -18.57
N VAL B 333 -21.00 28.64 -18.39
CA VAL B 333 -21.82 29.07 -17.26
C VAL B 333 -22.52 27.87 -16.65
N LEU B 334 -22.76 27.94 -15.33
CA LEU B 334 -23.50 26.91 -14.61
C LEU B 334 -24.76 27.53 -14.10
N VAL B 335 -25.90 27.02 -14.53
CA VAL B 335 -27.16 27.55 -14.11
C VAL B 335 -27.61 26.72 -12.92
N ASP B 336 -27.85 27.39 -11.81
CA ASP B 336 -28.44 26.79 -10.62
C ASP B 336 -29.94 26.83 -10.85
N LEU B 337 -30.53 25.68 -11.18
CA LEU B 337 -31.96 25.60 -11.50
C LEU B 337 -32.89 25.47 -10.28
N ARG B 338 -32.32 25.28 -9.10
CA ARG B 338 -33.13 25.04 -7.90
C ARG B 338 -34.08 26.20 -7.63
N PRO B 339 -33.58 27.46 -7.60
CA PRO B 339 -34.52 28.59 -7.48
C PRO B 339 -35.63 28.63 -8.53
N SER B 340 -35.39 28.08 -9.71
CA SER B 340 -36.42 27.98 -10.76
C SER B 340 -37.40 26.83 -10.55
N GLY B 341 -37.11 25.93 -9.61
CA GLY B 341 -38.03 24.86 -9.23
C GLY B 341 -37.90 23.57 -10.01
N ILE B 342 -36.69 23.29 -10.49
CA ILE B 342 -36.40 22.09 -11.25
C ILE B 342 -34.91 21.78 -11.19
N ASP B 343 -34.56 20.56 -11.58
CA ASP B 343 -33.18 20.09 -11.58
C ASP B 343 -32.65 19.95 -13.01
N GLY B 344 -31.35 19.69 -13.09
CA GLY B 344 -30.68 19.52 -14.37
C GLY B 344 -30.93 18.23 -15.12
N ALA B 345 -31.25 17.14 -14.42
CA ALA B 345 -31.53 15.87 -15.10
C ALA B 345 -32.78 15.99 -15.96
N ARG B 346 -33.83 16.55 -15.38
CA ARG B 346 -35.09 16.78 -16.09
C ARG B 346 -34.89 17.73 -17.28
N VAL B 347 -34.24 18.87 -17.02
CA VAL B 347 -34.04 19.91 -18.04
C VAL B 347 -33.14 19.40 -19.17
N GLU B 348 -32.08 18.66 -18.84
CA GLU B 348 -31.19 18.10 -19.88
C GLU B 348 -31.96 17.26 -20.91
N LYS B 349 -32.90 16.44 -20.43
CA LYS B 349 -33.59 15.50 -21.33
C LYS B 349 -34.52 16.23 -22.29
N ILE B 350 -35.33 17.15 -21.75
CA ILE B 350 -36.24 17.95 -22.60
C ILE B 350 -35.49 18.77 -23.63
N LEU B 351 -34.44 19.47 -23.20
CA LEU B 351 -33.60 20.26 -24.10
C LEU B 351 -32.99 19.40 -25.23
N ASP B 352 -32.49 18.23 -24.87
CA ASP B 352 -31.96 17.27 -25.85
C ASP B 352 -33.02 16.85 -26.88
N MET B 353 -34.24 16.61 -26.39
CA MET B 353 -35.35 16.27 -27.29
C MET B 353 -35.65 17.39 -28.30
N ALA B 354 -35.34 18.64 -27.93
CA ALA B 354 -35.43 19.81 -28.82
C ALA B 354 -34.11 20.21 -29.52
N SER B 355 -33.15 19.30 -29.57
CA SER B 355 -31.85 19.52 -30.27
C SER B 355 -30.96 20.59 -29.62
N ILE B 356 -31.14 20.81 -28.31
CA ILE B 356 -30.28 21.66 -27.50
C ILE B 356 -29.53 20.72 -26.59
N THR B 357 -28.23 20.57 -26.87
CA THR B 357 -27.41 19.55 -26.22
C THR B 357 -26.50 20.21 -25.22
N LEU B 358 -26.61 19.80 -23.98
CA LEU B 358 -25.76 20.30 -22.88
C LEU B 358 -25.75 19.17 -21.86
N ASN B 359 -25.31 19.44 -20.63
CA ASN B 359 -25.36 18.44 -19.58
C ASN B 359 -25.79 18.97 -18.25
N LYS B 360 -26.47 18.12 -17.48
CA LYS B 360 -26.73 18.35 -16.08
C LYS B 360 -25.39 18.40 -15.36
N ASN B 361 -25.35 19.15 -14.28
CA ASN B 361 -24.13 19.38 -13.53
C ASN B 361 -24.54 19.63 -12.11
N SER B 362 -23.81 19.06 -11.16
CA SER B 362 -24.05 19.34 -9.75
C SER B 362 -23.76 20.80 -9.46
N VAL B 363 -24.44 21.31 -8.43
CA VAL B 363 -24.39 22.68 -8.01
C VAL B 363 -24.01 22.67 -6.51
N PRO B 364 -23.23 23.67 -6.04
CA PRO B 364 -22.95 23.80 -4.59
C PRO B 364 -24.20 23.89 -3.71
N GLY B 365 -24.30 23.00 -2.73
CA GLY B 365 -25.49 22.90 -1.86
C GLY B 365 -26.43 21.74 -2.17
N ASP B 366 -26.34 21.16 -3.37
CA ASP B 366 -27.15 19.96 -3.74
C ASP B 366 -27.18 18.90 -2.63
N LYS B 367 -28.39 18.55 -2.21
CA LYS B 367 -28.62 17.50 -1.18
C LYS B 367 -28.24 16.12 -1.71
N SER B 368 -28.63 15.86 -2.96
CA SER B 368 -28.53 14.56 -3.61
C SER B 368 -27.57 14.61 -4.79
N ALA B 369 -26.53 13.79 -4.77
CA ALA B 369 -25.66 13.58 -5.94
C ALA B 369 -26.42 12.93 -7.11
N LEU B 370 -27.42 12.11 -6.80
CA LEU B 370 -28.29 11.47 -7.79
C LEU B 370 -29.33 12.41 -8.45
N VAL B 371 -29.48 13.64 -7.95
CA VAL B 371 -30.30 14.68 -8.61
C VAL B 371 -29.48 15.98 -8.78
N PRO B 372 -28.81 16.15 -9.94
CA PRO B 372 -28.01 17.36 -10.20
C PRO B 372 -28.86 18.63 -10.26
N GLY B 373 -28.43 19.66 -9.55
CA GLY B 373 -29.23 20.87 -9.38
C GLY B 373 -29.15 21.86 -10.53
N GLY B 374 -28.17 21.67 -11.42
CA GLY B 374 -27.90 22.66 -12.45
C GLY B 374 -27.67 22.09 -13.83
N ILE B 375 -27.37 22.99 -14.75
CA ILE B 375 -26.92 22.62 -16.10
C ILE B 375 -25.67 23.43 -16.43
N ARG B 376 -24.76 22.82 -17.19
CA ARG B 376 -23.55 23.50 -17.65
C ARG B 376 -23.76 23.83 -19.13
N ILE B 377 -23.42 25.06 -19.50
CA ILE B 377 -23.58 25.53 -20.89
C ILE B 377 -22.25 26.13 -21.34
N GLY B 378 -21.78 25.74 -22.52
CA GLY B 378 -20.57 26.34 -23.10
C GLY B 378 -20.76 26.90 -24.50
N SER B 379 -20.01 27.96 -24.81
CA SER B 379 -20.01 28.61 -26.12
C SER B 379 -19.01 28.11 -27.18
N PRO B 380 -17.96 27.31 -26.83
CA PRO B 380 -16.97 27.04 -27.90
C PRO B 380 -17.48 26.44 -29.22
N ALA B 381 -18.36 25.46 -29.16
CA ALA B 381 -18.75 24.71 -30.35
C ALA B 381 -19.55 25.58 -31.31
N MET B 382 -20.55 26.32 -30.80
CA MET B 382 -21.32 27.16 -31.71
C MET B 382 -20.58 28.42 -32.11
N THR B 383 -19.61 28.86 -31.31
CA THR B 383 -18.74 29.97 -31.70
C THR B 383 -17.89 29.57 -32.90
N THR B 384 -17.41 28.32 -32.92
CA THR B 384 -16.68 27.78 -34.05
C THR B 384 -17.49 27.85 -35.33
N ARG B 385 -18.80 27.64 -35.21
CA ARG B 385 -19.69 27.73 -36.37
C ARG B 385 -20.00 29.16 -36.86
N GLY B 386 -19.59 30.17 -36.10
CA GLY B 386 -19.71 31.56 -36.48
C GLY B 386 -20.85 32.30 -35.81
N LEU B 387 -21.49 31.71 -34.81
CA LEU B 387 -22.50 32.46 -34.03
C LEU B 387 -21.86 33.58 -33.21
N GLY B 388 -22.56 34.71 -33.13
CA GLY B 388 -22.12 35.87 -32.37
C GLY B 388 -23.01 36.12 -31.18
N GLU B 389 -22.86 37.29 -30.59
CA GLU B 389 -23.56 37.63 -29.35
C GLU B 389 -25.10 37.61 -29.48
N LYS B 390 -25.62 38.15 -30.57
CA LYS B 390 -27.08 38.15 -30.82
C LYS B 390 -27.67 36.75 -30.89
N GLU B 391 -26.94 35.83 -31.51
CA GLU B 391 -27.43 34.47 -31.68
C GLU B 391 -27.38 33.73 -30.33
N PHE B 392 -26.40 34.08 -29.49
CA PHE B 392 -26.29 33.48 -28.15
C PHE B 392 -27.35 34.01 -27.19
N GLU B 393 -27.86 35.22 -27.46
CA GLU B 393 -29.02 35.69 -26.74
C GLU B 393 -30.27 34.91 -27.15
N LEU B 394 -30.39 34.61 -28.42
CA LEU B 394 -31.46 33.74 -28.92
C LEU B 394 -31.34 32.35 -28.32
N ILE B 395 -30.12 31.81 -28.25
CA ILE B 395 -29.89 30.52 -27.59
C ILE B 395 -30.46 30.54 -26.15
N ALA B 396 -30.14 31.58 -25.40
CA ALA B 396 -30.68 31.80 -24.05
C ALA B 396 -32.20 31.73 -24.02
N ASP B 397 -32.87 32.41 -24.96
CA ASP B 397 -34.34 32.41 -25.02
C ASP B 397 -34.87 31.00 -25.32
N LEU B 398 -34.16 30.29 -26.20
CA LEU B 398 -34.56 28.92 -26.55
C LEU B 398 -34.39 27.96 -25.37
N ILE B 399 -33.30 28.12 -24.63
CA ILE B 399 -33.08 27.38 -23.38
C ILE B 399 -34.22 27.69 -22.41
N HIS B 400 -34.54 28.97 -22.24
CA HIS B 400 -35.61 29.42 -21.32
C HIS B 400 -36.94 28.75 -21.68
N GLU B 401 -37.28 28.79 -22.97
CA GLU B 401 -38.43 28.06 -23.49
C GLU B 401 -38.41 26.56 -23.16
N GLY B 402 -37.24 25.93 -23.32
CA GLY B 402 -37.03 24.53 -22.94
C GLY B 402 -37.26 24.23 -21.46
N VAL B 403 -36.72 25.11 -20.60
CA VAL B 403 -36.88 24.99 -19.15
C VAL B 403 -38.34 25.16 -18.74
N ARG B 404 -39.03 26.14 -19.34
CA ARG B 404 -40.49 26.28 -19.19
C ARG B 404 -41.22 24.99 -19.55
N ILE B 405 -40.85 24.36 -20.66
CA ILE B 405 -41.47 23.09 -21.05
C ILE B 405 -41.15 21.99 -20.03
N SER B 406 -39.90 21.99 -19.54
CA SER B 406 -39.47 21.03 -18.54
C SER B 406 -40.24 21.19 -17.25
N LEU B 407 -40.44 22.45 -16.84
CA LEU B 407 -41.21 22.77 -15.61
C LEU B 407 -42.65 22.30 -15.75
N GLU B 408 -43.21 22.54 -16.91
CA GLU B 408 -44.55 22.08 -17.22
C GLU B 408 -44.63 20.56 -17.23
N ALA B 409 -43.67 19.90 -17.86
CA ALA B 409 -43.61 18.44 -17.83
C ALA B 409 -43.47 17.89 -16.41
N LYS B 410 -42.66 18.55 -15.58
CA LYS B 410 -42.45 18.11 -14.20
C LYS B 410 -43.77 18.12 -13.42
N SER B 411 -44.51 19.21 -13.53
CA SER B 411 -45.80 19.32 -12.83
C SER B 411 -46.79 18.25 -13.31
N LEU B 412 -46.76 17.94 -14.62
CA LEU B 412 -47.69 16.97 -15.21
C LEU B 412 -47.38 15.50 -14.90
N VAL B 413 -46.12 15.17 -14.61
CA VAL B 413 -45.74 13.79 -14.25
C VAL B 413 -46.18 13.51 -12.80
N SER B 414 -46.94 12.44 -12.59
CA SER B 414 -47.43 12.09 -11.23
C SER B 414 -46.29 11.60 -10.35
N GLY B 415 -45.48 10.68 -10.88
CA GLY B 415 -44.28 10.21 -10.21
C GLY B 415 -43.34 11.34 -9.81
N THR B 416 -42.70 11.16 -8.65
CA THR B 416 -41.82 12.17 -8.05
C THR B 416 -40.34 11.97 -8.46
N LYS B 417 -40.06 10.84 -9.10
CA LYS B 417 -38.70 10.35 -9.34
C LYS B 417 -38.20 10.80 -10.71
N VAL B 418 -36.88 10.92 -10.88
CA VAL B 418 -36.30 11.27 -12.18
C VAL B 418 -36.69 10.24 -13.25
N GLN B 419 -36.65 8.96 -12.89
CA GLN B 419 -37.01 7.91 -13.84
C GLN B 419 -38.46 8.00 -14.31
N ASP B 420 -39.35 8.44 -13.41
CA ASP B 420 -40.77 8.66 -13.78
C ASP B 420 -40.91 9.81 -14.78
N PHE B 421 -40.10 10.86 -14.60
CA PHE B 421 -40.03 11.94 -15.57
C PHE B 421 -39.57 11.43 -16.93
N LEU B 422 -38.54 10.58 -16.94
CA LEU B 422 -37.98 10.06 -18.20
C LEU B 422 -38.97 9.17 -18.97
N ASN B 423 -39.66 8.29 -18.26
CA ASN B 423 -40.68 7.43 -18.88
C ASN B 423 -41.83 8.23 -19.48
N PHE B 424 -42.20 9.31 -18.79
CA PHE B 424 -43.29 10.19 -19.21
C PHE B 424 -42.93 10.98 -20.48
N VAL B 425 -41.75 11.59 -20.49
CA VAL B 425 -41.33 12.38 -21.67
C VAL B 425 -41.01 11.53 -22.91
N LEU B 426 -40.63 10.28 -22.70
CA LEU B 426 -40.24 9.36 -23.80
C LEU B 426 -41.40 8.52 -24.31
N ALA B 427 -42.52 8.51 -23.58
CA ALA B 427 -43.70 7.76 -24.01
C ALA B 427 -44.28 8.39 -25.28
N PRO B 428 -44.80 7.57 -26.21
CA PRO B 428 -45.38 8.10 -27.45
C PRO B 428 -46.64 8.96 -27.24
N GLU B 429 -47.32 8.78 -26.10
CA GLU B 429 -48.43 9.66 -25.69
C GLU B 429 -47.97 10.90 -24.87
N PHE B 430 -46.68 11.25 -24.91
CA PHE B 430 -46.17 12.44 -24.20
C PHE B 430 -46.93 13.70 -24.68
N PRO B 431 -47.69 14.33 -23.75
CA PRO B 431 -48.62 15.40 -24.17
C PRO B 431 -47.98 16.74 -24.55
N LEU B 432 -46.70 16.98 -24.25
CA LEU B 432 -46.06 18.24 -24.67
C LEU B 432 -45.15 18.06 -25.89
N GLY B 433 -45.35 16.98 -26.64
CA GLY B 433 -44.59 16.69 -27.86
C GLY B 433 -44.57 17.84 -28.84
N ASP B 434 -45.72 18.49 -29.05
CA ASP B 434 -45.84 19.63 -29.97
C ASP B 434 -45.11 20.90 -29.52
N LYS B 435 -45.05 21.15 -28.22
CA LYS B 435 -44.23 22.25 -27.69
C LYS B 435 -42.74 21.97 -27.92
N VAL B 436 -42.36 20.72 -27.76
CA VAL B 436 -40.97 20.30 -27.99
C VAL B 436 -40.65 20.42 -29.49
N SER B 437 -41.57 20.01 -30.37
CA SER B 437 -41.37 20.13 -31.81
C SER B 437 -41.27 21.58 -32.26
N ASN B 438 -42.14 22.43 -31.73
CA ASN B 438 -42.08 23.87 -32.02
C ASN B 438 -40.75 24.48 -31.63
N LEU B 439 -40.23 24.07 -30.47
CA LEU B 439 -38.94 24.56 -29.99
C LEU B 439 -37.84 24.04 -30.89
N ARG B 440 -37.88 22.75 -31.19
CA ARG B 440 -36.89 22.09 -32.05
C ARG B 440 -36.82 22.76 -33.42
N ARG B 441 -37.99 23.14 -33.96
CA ARG B 441 -38.06 23.85 -35.25
C ARG B 441 -37.22 25.12 -35.20
N LYS B 442 -37.36 25.91 -34.13
CA LYS B 442 -36.63 27.17 -33.96
C LYS B 442 -35.12 26.98 -33.73
N VAL B 443 -34.81 25.98 -32.90
CA VAL B 443 -33.44 25.58 -32.64
C VAL B 443 -32.72 25.21 -33.94
N GLU B 444 -33.32 24.31 -34.70
CA GLU B 444 -32.73 23.86 -35.97
C GLU B 444 -32.71 24.96 -37.03
N ALA B 445 -33.73 25.83 -37.01
CA ALA B 445 -33.75 27.00 -37.90
C ALA B 445 -32.57 27.94 -37.63
N LEU B 446 -32.13 28.06 -36.38
CA LEU B 446 -30.93 28.82 -36.05
C LEU B 446 -29.65 28.07 -36.46
N ALA B 447 -29.50 26.85 -35.96
CA ALA B 447 -28.28 26.05 -36.18
C ALA B 447 -27.95 25.89 -37.65
N THR B 448 -28.95 25.61 -38.47
CA THR B 448 -28.73 25.29 -39.89
C THR B 448 -28.42 26.50 -40.77
N GLN B 449 -28.44 27.70 -40.21
CA GLN B 449 -27.94 28.88 -40.92
C GLN B 449 -26.42 28.97 -40.98
N TYR B 450 -25.70 28.09 -40.28
CA TYR B 450 -24.26 28.21 -40.08
C TYR B 450 -23.50 27.03 -40.63
N PRO B 451 -22.27 27.31 -41.12
CA PRO B 451 -21.43 26.23 -41.60
C PRO B 451 -20.91 25.42 -40.42
N ILE B 452 -20.28 24.30 -40.75
CA ILE B 452 -19.68 23.47 -39.71
C ILE B 452 -18.39 22.89 -40.28
N PRO B 453 -17.28 22.87 -39.48
CA PRO B 453 -16.05 22.30 -40.06
C PRO B 453 -16.09 20.80 -40.12
N GLY B 454 -15.18 20.24 -40.90
CA GLY B 454 -14.97 18.81 -40.96
C GLY B 454 -14.95 18.31 -42.37
N VAL B 455 -14.54 17.05 -42.53
CA VAL B 455 -14.49 16.42 -43.85
C VAL B 455 -15.88 16.22 -44.43
N PHE C 4 23.50 -28.12 40.54
CA PHE C 4 22.43 -27.06 40.45
C PHE C 4 22.73 -25.88 41.40
N LEU C 5 22.87 -24.67 40.84
CA LEU C 5 23.03 -23.45 41.65
C LEU C 5 22.02 -22.38 41.19
N ASP C 6 21.36 -21.72 42.14
CA ASP C 6 20.31 -20.73 41.81
C ASP C 6 20.42 -19.59 42.83
N TYR C 7 21.56 -18.89 42.76
CA TYR C 7 21.90 -17.80 43.68
C TYR C 7 20.93 -16.64 43.59
N GLY C 8 20.76 -15.92 44.69
CA GLY C 8 20.06 -14.64 44.62
C GLY C 8 20.84 -13.62 43.79
N LEU C 9 20.17 -12.54 43.44
CA LEU C 9 20.75 -11.50 42.58
C LEU C 9 22.02 -10.90 43.15
N SER C 10 22.07 -10.63 44.46
CA SER C 10 23.28 -10.07 45.07
C SER C 10 24.51 -10.96 44.88
N GLU C 11 24.35 -12.28 44.79
CA GLU C 11 25.49 -13.18 44.53
C GLU C 11 25.71 -13.41 43.05
N ALA C 12 24.62 -13.61 42.30
CA ALA C 12 24.67 -13.90 40.88
C ALA C 12 25.21 -12.74 40.05
N ASP C 13 24.80 -11.54 40.40
CA ASP C 13 25.12 -10.37 39.57
C ASP C 13 25.22 -9.13 40.45
N PRO C 14 26.34 -9.00 41.17
CA PRO C 14 26.57 -7.87 42.04
C PRO C 14 26.40 -6.52 41.35
N ASP C 15 26.88 -6.38 40.12
CA ASP C 15 26.73 -5.11 39.39
C ASP C 15 25.27 -4.69 39.12
N VAL C 16 24.41 -5.64 38.73
CA VAL C 16 23.01 -5.34 38.51
C VAL C 16 22.32 -5.08 39.86
N HIS C 17 22.69 -5.83 40.88
CA HIS C 17 22.15 -5.61 42.21
C HIS C 17 22.48 -4.17 42.69
N ALA C 18 23.72 -3.75 42.47
CA ALA C 18 24.17 -2.38 42.81
C ALA C 18 23.36 -1.32 42.06
N ILE C 19 23.13 -1.54 40.76
CA ILE C 19 22.34 -0.63 39.97
C ILE C 19 20.93 -0.49 40.50
N ILE C 20 20.30 -1.60 40.86
CA ILE C 20 18.96 -1.53 41.40
C ILE C 20 18.97 -0.75 42.73
N ASN C 21 19.98 -0.98 43.57
CA ASN C 21 20.09 -0.23 44.84
C ASN C 21 20.23 1.26 44.62
N LYS C 22 21.01 1.64 43.62
CA LYS C 22 21.12 3.05 43.25
C LYS C 22 19.78 3.64 42.80
N GLU C 23 19.03 2.85 42.03
CA GLU C 23 17.71 3.27 41.60
C GLU C 23 16.76 3.41 42.77
N LYS C 24 16.83 2.51 43.76
CA LYS C 24 16.03 2.69 45.00
C LYS C 24 16.32 4.04 45.67
N ASP C 25 17.60 4.35 45.76
CA ASP C 25 18.07 5.65 46.28
C ASP C 25 17.48 6.82 45.49
N ARG C 26 17.62 6.79 44.16
CA ARG C 26 17.15 7.86 43.30
C ARG C 26 15.65 8.09 43.45
N GLN C 27 14.88 7.00 43.46
CA GLN C 27 13.43 7.07 43.60
C GLN C 27 13.06 7.67 44.96
N PHE C 28 13.74 7.24 46.01
CA PHE C 28 13.48 7.74 47.35
C PHE C 28 13.75 9.26 47.49
N ARG C 29 14.88 9.71 46.96
CA ARG C 29 15.32 11.10 47.09
C ARG C 29 14.65 12.13 46.17
N SER C 30 14.03 11.69 45.09
CA SER C 30 13.62 12.61 44.04
C SER C 30 12.16 12.97 44.12
N LEU C 31 11.81 14.13 43.56
CA LEU C 31 10.40 14.46 43.35
C LEU C 31 10.10 14.08 41.91
N GLU C 32 9.35 12.99 41.76
CA GLU C 32 8.95 12.43 40.47
C GLU C 32 7.69 13.13 40.04
N LEU C 33 7.84 14.08 39.13
CA LEU C 33 6.71 14.83 38.59
C LEU C 33 6.47 14.54 37.10
N ILE C 34 7.08 13.47 36.58
CA ILE C 34 6.76 13.01 35.22
C ILE C 34 5.32 12.54 35.23
N ALA C 35 4.47 13.17 34.42
CA ALA C 35 3.02 12.95 34.52
C ALA C 35 2.57 11.52 34.17
N SER C 36 3.39 10.81 33.37
CA SER C 36 3.14 9.41 33.02
C SER C 36 3.76 8.41 34.00
N GLU C 37 4.42 8.86 35.06
CA GLU C 37 5.06 7.92 35.95
C GLU C 37 4.21 7.67 37.20
N ASN C 38 4.51 6.56 37.85
CA ASN C 38 3.86 6.21 39.11
C ASN C 38 4.70 5.17 39.82
N PHE C 39 4.25 4.78 41.01
CA PHE C 39 4.94 3.76 41.78
C PHE C 39 3.99 2.58 41.96
N THR C 40 4.37 1.42 41.44
CA THR C 40 3.56 0.23 41.63
C THR C 40 3.84 -0.41 42.99
N SER C 41 2.92 -1.28 43.38
CA SER C 41 2.97 -1.88 44.70
C SER C 41 3.89 -3.08 44.79
N LYS C 42 4.24 -3.43 46.02
CA LYS C 42 4.97 -4.63 46.32
C LYS C 42 4.25 -5.86 45.77
N ALA C 43 2.93 -5.91 45.89
CA ALA C 43 2.15 -7.04 45.45
C ALA C 43 2.24 -7.24 43.93
N VAL C 44 2.14 -6.14 43.19
CA VAL C 44 2.32 -6.20 41.73
C VAL C 44 3.70 -6.75 41.41
N MET C 45 4.73 -6.19 42.04
CA MET C 45 6.09 -6.59 41.76
C MET C 45 6.34 -8.08 42.04
N GLU C 46 5.74 -8.59 43.11
N GLU C 46 5.76 -8.58 43.13
CA GLU C 46 5.88 -10.01 43.43
CA GLU C 46 5.83 -10.01 43.41
C GLU C 46 5.18 -10.92 42.41
C GLU C 46 5.27 -10.86 42.30
N ALA C 47 4.11 -10.47 41.77
CA ALA C 47 3.48 -11.26 40.68
C ALA C 47 4.34 -11.18 39.42
N VAL C 48 4.86 -9.98 39.12
CA VAL C 48 5.68 -9.77 37.93
C VAL C 48 6.99 -10.57 38.04
N GLY C 49 7.56 -10.65 39.24
CA GLY C 49 8.80 -11.38 39.49
C GLY C 49 8.60 -12.81 39.90
N SER C 50 7.64 -13.51 39.28
CA SER C 50 7.30 -14.89 39.65
C SER C 50 7.53 -15.86 38.50
N CYS C 51 7.28 -17.15 38.78
CA CYS C 51 7.35 -18.21 37.77
C CYS C 51 6.34 -18.10 36.63
N LEU C 52 5.43 -17.13 36.70
CA LEU C 52 4.51 -16.91 35.60
C LEU C 52 5.25 -16.58 34.31
N THR C 53 6.44 -16.02 34.41
CA THR C 53 7.28 -15.76 33.23
C THR C 53 7.68 -17.02 32.43
N ASN C 54 7.58 -18.23 32.96
N ASN C 54 7.78 -18.15 33.14
CA ASN C 54 8.05 -19.40 32.21
CA ASN C 54 7.93 -19.48 32.57
C ASN C 54 7.14 -20.00 31.09
C ASN C 54 6.59 -20.15 32.38
N LYS C 55 5.87 -19.60 31.05
N LYS C 55 5.51 -19.53 32.84
CA LYS C 55 4.87 -20.34 30.28
CA LYS C 55 4.20 -20.10 32.57
C LYS C 55 4.58 -19.73 28.90
C LYS C 55 3.89 -19.93 31.09
N TYR C 56 4.65 -20.54 27.85
N TYR C 56 3.68 -21.05 30.42
CA TYR C 56 4.14 -20.15 26.53
CA TYR C 56 3.28 -21.05 29.03
C TYR C 56 2.65 -20.44 26.41
C TYR C 56 1.78 -21.26 28.99
N SER C 57 1.88 -19.42 26.04
N SER C 57 1.04 -20.30 28.43
CA SER C 57 0.42 -19.56 26.02
CA SER C 57 -0.41 -20.45 28.35
C SER C 57 -0.24 -18.84 24.84
C SER C 57 -0.79 -20.74 26.91
N GLU C 58 0.34 -18.97 23.66
N GLU C 58 -0.43 -19.80 26.04
CA GLU C 58 -0.24 -18.37 22.49
CA GLU C 58 -0.69 -19.88 24.61
C GLU C 58 -1.70 -18.80 22.34
C GLU C 58 0.62 -19.67 23.87
N GLY C 59 -2.54 -17.85 21.94
N GLY C 59 0.83 -20.39 22.77
CA GLY C 59 -3.96 -18.10 21.82
CA GLY C 59 2.02 -20.23 21.96
C GLY C 59 -4.75 -17.37 22.89
C GLY C 59 1.76 -20.09 20.47
N LEU C 60 -5.94 -17.87 23.15
N LEU C 60 2.66 -19.42 19.75
CA LEU C 60 -6.84 -17.32 24.15
CA LEU C 60 2.58 -19.39 18.30
C LEU C 60 -7.20 -18.43 25.13
C LEU C 60 2.81 -20.79 17.71
N PRO C 61 -7.72 -18.07 26.31
N PRO C 61 2.20 -21.10 16.55
CA PRO C 61 -8.02 -19.10 27.30
CA PRO C 61 1.29 -20.34 15.68
C PRO C 61 -8.98 -20.13 26.76
C PRO C 61 -0.10 -20.02 16.22
N GLY C 62 -8.64 -21.38 26.99
N GLY C 62 -0.74 -20.94 16.93
CA GLY C 62 -9.44 -22.51 26.53
CA GLY C 62 -2.07 -20.60 17.43
C GLY C 62 -9.25 -22.78 25.05
C GLY C 62 -3.09 -21.70 17.24
N LYS C 63 -8.40 -21.99 24.42
N LYS C 63 -4.06 -21.79 18.15
CA LYS C 63 -8.12 -22.13 22.99
CA LYS C 63 -5.13 -22.79 18.05
C LYS C 63 -6.67 -21.75 22.71
C LYS C 63 -6.03 -22.53 16.85
N ARG C 64 -5.74 -22.55 23.26
N ARG C 64 -6.29 -21.25 16.59
CA ARG C 64 -4.30 -22.30 23.18
CA ARG C 64 -6.99 -20.82 15.37
C ARG C 64 -3.58 -23.23 22.21
C ARG C 64 -6.29 -21.33 14.12
N TYR C 65 -2.39 -22.84 21.76
N TYR C 65 -4.96 -21.30 14.11
CA TYR C 65 -1.59 -23.70 20.87
CA TYR C 65 -4.20 -21.81 12.99
C TYR C 65 -0.44 -24.33 21.61
C TYR C 65 -4.45 -23.31 12.84
N TYR C 66 -0.60 -24.44 22.92
N TYR C 66 -4.84 -23.95 13.94
CA TYR C 66 0.39 -25.09 23.77
CA TYR C 66 -5.21 -25.37 13.92
C TYR C 66 -0.36 -25.79 24.90
C TYR C 66 -6.72 -25.57 13.90
N GLY C 67 0.13 -26.95 25.32
N GLY C 67 -7.47 -24.47 13.96
CA GLY C 67 -0.49 -27.64 26.45
CA GLY C 67 -8.93 -24.55 13.99
C GLY C 67 -0.04 -27.01 27.76
C GLY C 67 -9.43 -24.93 15.37
N GLY C 68 -0.61 -27.48 28.86
N GLY C 68 -8.59 -24.69 16.37
CA GLY C 68 -0.14 -27.11 30.18
CA GLY C 68 -8.90 -25.10 17.73
C GLY C 68 -0.66 -25.77 30.67
C GLY C 68 -9.83 -24.13 18.45
N ASN C 69 -1.71 -25.25 30.04
N ASN C 69 -10.36 -24.59 19.57
CA ASN C 69 -2.10 -23.87 30.30
CA ASN C 69 -11.23 -23.79 20.42
C ASN C 69 -3.33 -23.68 31.22
C ASN C 69 -10.44 -22.69 21.11
N GLU C 70 -3.68 -24.70 32.00
N GLU C 70 -11.16 -21.68 21.60
CA GLU C 70 -4.86 -24.62 32.88
CA GLU C 70 -10.53 -20.57 22.29
C GLU C 70 -4.84 -23.37 33.78
C GLU C 70 -9.85 -21.05 23.56
N HIS C 71 -3.69 -23.10 34.42
N HIS C 71 -8.81 -20.34 23.97
CA HIS C 71 -3.61 -22.02 35.41
CA HIS C 71 -8.00 -20.75 25.11
C HIS C 71 -3.41 -20.65 34.76
C HIS C 71 -8.59 -20.30 26.46
N ILE C 72 -2.62 -20.61 33.70
N ILE C 72 -8.58 -21.22 27.42
CA ILE C 72 -2.52 -19.41 32.89
CA ILE C 72 -9.08 -20.98 28.77
C ILE C 72 -3.89 -18.99 32.34
C ILE C 72 -7.91 -20.88 29.75
N ASP C 73 -4.73 -19.98 31.98
N ASP C 73 -7.73 -19.71 30.37
CA ASP C 73 -6.09 -19.70 31.53
CA ASP C 73 -6.72 -19.58 31.41
C ASP C 73 -6.92 -19.05 32.66
C ASP C 73 -7.30 -18.87 32.63
N GLU C 74 -6.84 -19.64 33.85
N GLU C 74 -7.13 -19.47 33.81
CA GLU C 74 -7.43 -19.12 35.07
CA GLU C 74 -7.69 -18.89 35.03
C GLU C 74 -7.16 -17.61 35.26
C GLU C 74 -7.20 -17.47 35.25
N LEU C 75 -5.89 -17.27 35.15
CA LEU C 75 -5.37 -15.95 35.40
C LEU C 75 -5.84 -14.89 34.39
N GLU C 76 -5.79 -15.23 33.11
CA GLU C 76 -6.25 -14.32 32.07
C GLU C 76 -7.74 -14.01 32.19
N ILE C 77 -8.54 -15.02 32.48
CA ILE C 77 -9.98 -14.81 32.68
C ILE C 77 -10.22 -13.88 33.88
N LEU C 78 -9.49 -14.11 34.96
CA LEU C 78 -9.64 -13.30 36.15
C LEU C 78 -9.25 -11.85 35.86
N CYS C 79 -8.14 -11.69 35.16
CA CYS C 79 -7.71 -10.38 34.73
C CYS C 79 -8.76 -9.67 33.87
N GLN C 80 -9.37 -10.39 32.95
CA GLN C 80 -10.40 -9.80 32.10
C GLN C 80 -11.61 -9.38 32.93
N GLN C 81 -12.08 -10.27 33.81
CA GLN C 81 -13.19 -9.96 34.73
C GLN C 81 -12.92 -8.69 35.54
N ARG C 82 -11.72 -8.59 36.10
CA ARG C 82 -11.37 -7.43 36.93
C ARG C 82 -11.25 -6.11 36.13
N ALA C 83 -10.77 -6.20 34.89
CA ALA C 83 -10.66 -5.02 34.01
C ALA C 83 -12.04 -4.48 33.71
N LEU C 84 -12.97 -5.38 33.38
CA LEU C 84 -14.35 -4.97 33.17
C LEU C 84 -14.98 -4.37 34.41
N ALA C 85 -14.81 -5.01 35.57
CA ALA C 85 -15.37 -4.48 36.81
C ALA C 85 -14.75 -3.13 37.22
N ALA C 86 -13.44 -2.96 37.00
CA ALA C 86 -12.77 -1.69 37.35
C ALA C 86 -13.32 -0.48 36.59
N PHE C 87 -13.78 -0.71 35.35
CA PHE C 87 -14.38 0.34 34.53
C PHE C 87 -15.89 0.25 34.46
N HIS C 88 -16.48 -0.56 35.35
CA HIS C 88 -17.92 -0.63 35.54
C HIS C 88 -18.67 -1.01 34.27
N LEU C 89 -18.15 -2.05 33.60
CA LEU C 89 -18.65 -2.44 32.28
C LEU C 89 -19.44 -3.74 32.33
N ASP C 90 -20.51 -3.75 31.55
CA ASP C 90 -21.32 -4.92 31.35
C ASP C 90 -20.61 -5.83 30.38
N GLY C 91 -20.26 -7.04 30.84
CA GLY C 91 -19.62 -8.04 30.00
C GLY C 91 -20.42 -8.55 28.81
N ASP C 92 -21.73 -8.37 28.81
CA ASP C 92 -22.53 -8.64 27.61
C ASP C 92 -22.28 -7.60 26.52
N LYS C 93 -21.85 -6.40 26.91
CA LYS C 93 -21.66 -5.25 26.01
C LYS C 93 -20.18 -4.95 25.66
N TRP C 94 -19.25 -5.29 26.56
CA TRP C 94 -17.83 -4.97 26.41
C TRP C 94 -16.99 -6.21 26.65
N GLY C 95 -15.94 -6.35 25.84
CA GLY C 95 -14.88 -7.33 26.05
C GLY C 95 -13.56 -6.62 26.24
N VAL C 96 -12.54 -7.36 26.63
CA VAL C 96 -11.21 -6.80 26.83
C VAL C 96 -10.15 -7.80 26.45
N ASN C 97 -9.07 -7.30 25.87
CA ASN C 97 -7.91 -8.11 25.61
C ASN C 97 -6.81 -7.55 26.49
N VAL C 98 -6.25 -8.40 27.36
CA VAL C 98 -5.25 -7.98 28.34
C VAL C 98 -3.82 -8.39 27.95
N GLN C 99 -3.64 -8.91 26.71
CA GLN C 99 -2.33 -9.33 26.24
C GLN C 99 -1.38 -8.25 25.65
N PRO C 100 -1.89 -7.05 25.25
CA PRO C 100 -0.90 -6.11 24.63
C PRO C 100 0.29 -5.79 25.51
N LEU C 101 1.47 -5.67 24.90
CA LEU C 101 2.69 -5.53 25.68
C LEU C 101 2.96 -4.13 26.21
N SER C 102 2.30 -3.15 25.58
CA SER C 102 2.44 -1.75 25.94
C SER C 102 1.36 -0.95 25.20
N GLY C 103 1.34 0.37 25.42
CA GLY C 103 0.28 1.20 24.82
C GLY C 103 0.40 1.34 23.31
N SER C 104 1.60 1.60 22.80
CA SER C 104 1.77 1.73 21.35
C SER C 104 1.39 0.45 20.60
N PRO C 105 1.84 -0.73 21.04
CA PRO C 105 1.37 -1.96 20.36
C PRO C 105 -0.11 -2.25 20.52
N ALA C 106 -0.71 -1.81 21.63
CA ALA C 106 -2.16 -1.93 21.82
C ALA C 106 -2.88 -1.11 20.74
N ASN C 107 -2.43 0.12 20.57
CA ASN C 107 -3.00 0.98 19.54
C ASN C 107 -2.80 0.41 18.14
N PHE C 108 -1.61 -0.10 17.88
CA PHE C 108 -1.32 -0.65 16.54
C PHE C 108 -2.14 -1.91 16.25
N ALA C 109 -2.44 -2.69 17.29
CA ALA C 109 -3.31 -3.85 17.14
C ALA C 109 -4.73 -3.45 16.78
N VAL C 110 -5.23 -2.38 17.39
CA VAL C 110 -6.55 -1.85 17.05
C VAL C 110 -6.58 -1.43 15.57
N TYR C 111 -5.57 -0.69 15.15
CA TYR C 111 -5.51 -0.21 13.75
C TYR C 111 -5.49 -1.42 12.79
N THR C 112 -4.69 -2.42 13.12
CA THR C 112 -4.58 -3.65 12.34
C THR C 112 -5.93 -4.41 12.29
N ALA C 113 -6.65 -4.39 13.38
CA ALA C 113 -7.94 -5.09 13.45
C ALA C 113 -9.00 -4.44 12.59
N ILE C 114 -9.13 -3.12 12.63
CA ILE C 114 -10.28 -2.46 12.02
C ILE C 114 -9.98 -1.69 10.74
N LEU C 115 -8.70 -1.47 10.43
CA LEU C 115 -8.32 -0.73 9.24
C LEU C 115 -7.53 -1.59 8.30
N LYS C 116 -7.50 -1.18 7.04
CA LYS C 116 -6.55 -1.70 6.07
C LYS C 116 -5.33 -0.79 5.98
N PRO C 117 -4.18 -1.33 5.50
CA PRO C 117 -3.05 -0.42 5.31
C PRO C 117 -3.46 0.85 4.51
N HIS C 118 -2.92 2.01 4.92
CA HIS C 118 -3.18 3.32 4.34
C HIS C 118 -4.54 3.92 4.59
N ASP C 119 -5.38 3.26 5.39
CA ASP C 119 -6.62 3.88 5.83
C ASP C 119 -6.32 5.10 6.71
N ARG C 120 -7.32 5.97 6.79
CA ARG C 120 -7.17 7.27 7.38
C ARG C 120 -7.54 7.32 8.86
N ILE C 121 -6.69 8.04 9.60
CA ILE C 121 -6.81 8.17 11.04
C ILE C 121 -6.65 9.63 11.41
N MET C 122 -7.44 10.12 12.36
CA MET C 122 -7.21 11.42 12.98
C MET C 122 -6.98 11.28 14.48
N GLY C 123 -5.94 11.94 14.96
CA GLY C 123 -5.64 12.04 16.39
C GLY C 123 -5.11 13.43 16.73
N LEU C 124 -5.06 13.75 18.03
CA LEU C 124 -4.58 15.07 18.44
C LEU C 124 -3.12 15.22 18.04
N ASP C 125 -2.76 16.39 17.48
CA ASP C 125 -1.42 16.67 16.98
C ASP C 125 -0.40 16.52 18.12
N LEU C 126 0.72 15.86 17.84
CA LEU C 126 1.77 15.64 18.86
C LEU C 126 2.27 16.96 19.48
N PRO C 127 2.56 17.99 18.66
CA PRO C 127 2.98 19.23 19.29
C PRO C 127 1.88 19.97 20.07
N HIS C 128 0.64 19.49 20.01
CA HIS C 128 -0.47 19.99 20.83
C HIS C 128 -0.85 19.03 21.98
N GLY C 129 0.04 18.08 22.28
CA GLY C 129 -0.08 17.21 23.43
C GLY C 129 -0.64 15.84 23.11
N GLY C 130 -0.70 15.51 21.82
CA GLY C 130 -1.15 14.21 21.39
C GLY C 130 -0.13 13.11 21.71
N HIS C 131 -0.55 11.88 21.41
CA HIS C 131 0.30 10.67 21.52
C HIS C 131 0.96 10.43 20.17
N LEU C 132 2.27 10.20 20.17
CA LEU C 132 2.97 9.87 18.95
C LEU C 132 2.35 8.68 18.21
N SER C 133 1.89 7.67 18.95
CA SER C 133 1.28 6.50 18.29
C SER C 133 -0.06 6.75 17.60
N HIS C 134 -0.64 7.93 17.75
CA HIS C 134 -1.86 8.30 17.00
C HIS C 134 -1.52 8.84 15.61
N GLY C 135 -0.22 9.00 15.33
CA GLY C 135 0.28 9.47 14.05
C GLY C 135 1.17 10.66 14.29
N PHE C 136 2.31 10.68 13.60
CA PHE C 136 3.20 11.82 13.61
C PHE C 136 4.14 11.75 12.44
N MET C 137 4.09 12.79 11.61
CA MET C 137 5.00 13.00 10.49
C MET C 137 5.63 14.37 10.58
N THR C 138 6.94 14.46 10.31
CA THR C 138 7.61 15.74 10.17
C THR C 138 7.51 16.19 8.71
N ALA C 139 8.05 17.37 8.43
CA ALA C 139 8.11 17.86 7.07
C ALA C 139 8.77 16.87 6.13
N LYS C 140 9.71 16.03 6.60
CA LYS C 140 10.31 15.03 5.69
C LYS C 140 10.41 13.56 6.15
N ARG C 141 9.77 13.18 7.26
CA ARG C 141 9.66 11.74 7.54
C ARG C 141 8.43 11.33 8.31
N ARG C 142 8.03 10.09 8.08
CA ARG C 142 6.96 9.46 8.84
C ARG C 142 7.65 8.85 10.06
N VAL C 143 7.41 9.43 11.22
CA VAL C 143 8.18 9.06 12.43
C VAL C 143 7.51 7.90 13.17
N SER C 144 6.22 8.05 13.40
CA SER C 144 5.44 7.02 14.02
C SER C 144 5.22 5.91 13.01
N GLY C 145 5.33 4.66 13.44
CA GLY C 145 4.85 3.50 12.67
C GLY C 145 3.42 3.67 12.19
N THR C 146 2.60 4.29 13.02
CA THR C 146 1.21 4.60 12.64
C THR C 146 1.15 5.39 11.35
N SER C 147 2.03 6.37 11.19
CA SER C 147 2.05 7.20 9.97
C SER C 147 2.71 6.55 8.78
N ILE C 148 3.47 5.48 9.03
CA ILE C 148 4.05 4.70 7.95
C ILE C 148 2.99 3.81 7.35
N TYR C 149 2.27 3.08 8.19
CA TYR C 149 1.33 2.05 7.73
C TYR C 149 -0.09 2.53 7.47
N PHE C 150 -0.41 3.70 8.02
CA PHE C 150 -1.71 4.34 7.87
C PHE C 150 -1.51 5.80 7.51
N GLU C 151 -2.59 6.42 7.05
CA GLU C 151 -2.58 7.83 6.66
C GLU C 151 -3.18 8.67 7.74
N SER C 152 -2.32 9.32 8.53
CA SER C 152 -2.76 10.13 9.66
C SER C 152 -2.80 11.61 9.32
N MET C 153 -3.83 12.28 9.83
CA MET C 153 -3.91 13.71 9.80
C MET C 153 -4.35 14.20 11.16
N PRO C 154 -3.64 15.17 11.76
CA PRO C 154 -3.98 15.60 13.09
C PRO C 154 -5.17 16.55 13.16
N TYR C 155 -5.75 16.64 14.35
CA TYR C 155 -6.55 17.78 14.70
C TYR C 155 -5.82 18.56 15.78
N ARG C 156 -6.24 19.80 15.97
CA ARG C 156 -5.46 20.73 16.77
C ARG C 156 -6.32 21.42 17.83
N LEU C 157 -5.62 21.95 18.83
CA LEU C 157 -6.21 22.91 19.79
C LEU C 157 -6.46 24.26 19.15
N ASP C 158 -7.45 24.96 19.70
CA ASP C 158 -7.59 26.39 19.51
C ASP C 158 -6.48 27.03 20.35
N GLU C 159 -5.49 27.66 19.68
CA GLU C 159 -4.33 28.21 20.40
C GLU C 159 -4.71 29.32 21.37
N SER C 160 -5.79 30.05 21.12
CA SER C 160 -6.25 31.10 22.04
C SER C 160 -6.89 30.54 23.34
N THR C 161 -7.42 29.32 23.32
CA THR C 161 -8.05 28.73 24.50
C THR C 161 -7.30 27.52 25.09
N GLY C 162 -6.41 26.89 24.32
CA GLY C 162 -5.80 25.62 24.72
C GLY C 162 -6.72 24.42 24.79
N VAL C 163 -7.91 24.52 24.18
CA VAL C 163 -8.90 23.44 24.18
C VAL C 163 -8.97 22.91 22.75
N ILE C 164 -9.29 21.62 22.60
CA ILE C 164 -9.48 21.00 21.30
C ILE C 164 -10.40 21.88 20.45
N ASP C 165 -9.99 22.19 19.22
CA ASP C 165 -10.84 22.99 18.32
C ASP C 165 -11.85 22.05 17.66
N TYR C 166 -12.94 21.81 18.36
CA TYR C 166 -13.96 20.85 17.90
C TYR C 166 -14.63 21.29 16.60
N ASP C 167 -14.87 22.60 16.46
CA ASP C 167 -15.44 23.16 15.23
C ASP C 167 -14.56 22.86 14.01
N MET C 168 -13.24 23.03 14.15
CA MET C 168 -12.33 22.74 13.04
C MET C 168 -12.23 21.24 12.79
N LEU C 169 -12.22 20.43 13.85
CA LEU C 169 -12.26 18.97 13.70
C LEU C 169 -13.50 18.50 12.91
N GLU C 170 -14.65 19.08 13.23
CA GLU C 170 -15.90 18.79 12.51
C GLU C 170 -15.71 19.02 10.99
N LYS C 171 -15.13 20.15 10.63
CA LYS C 171 -14.90 20.50 9.22
C LYS C 171 -13.84 19.63 8.53
N THR C 172 -12.71 19.43 9.19
CA THR C 172 -11.61 18.65 8.57
C THR C 172 -11.93 17.17 8.46
N ALA C 173 -12.65 16.62 9.44
CA ALA C 173 -13.14 15.24 9.35
C ALA C 173 -14.05 15.04 8.14
N ALA C 174 -14.98 15.97 7.92
CA ALA C 174 -15.85 15.93 6.75
C ALA C 174 -15.05 15.90 5.42
N LEU C 175 -13.92 16.61 5.36
CA LEU C 175 -13.06 16.63 4.16
C LEU C 175 -12.16 15.39 4.04
N PHE C 176 -11.48 15.05 5.12
CA PHE C 176 -10.51 13.94 5.15
C PHE C 176 -11.14 12.57 5.20
N ARG C 177 -12.32 12.46 5.81
CA ARG C 177 -13.05 11.19 5.87
C ARG C 177 -12.24 10.08 6.56
N PRO C 178 -11.83 10.34 7.81
CA PRO C 178 -11.10 9.29 8.54
C PRO C 178 -11.95 8.03 8.70
N LYS C 179 -11.31 6.86 8.62
CA LYS C 179 -11.96 5.61 9.03
C LYS C 179 -11.98 5.45 10.55
N LEU C 180 -11.04 6.13 11.22
CA LEU C 180 -10.90 6.10 12.68
C LEU C 180 -10.57 7.48 13.21
N ILE C 181 -11.28 7.91 14.25
CA ILE C 181 -10.95 9.11 14.99
C ILE C 181 -10.56 8.68 16.41
N ILE C 182 -9.46 9.22 16.89
CA ILE C 182 -8.89 8.89 18.21
C ILE C 182 -8.97 10.10 19.09
N ALA C 183 -9.50 9.89 20.28
CA ALA C 183 -9.44 10.84 21.36
C ALA C 183 -8.42 10.35 22.38
N GLY C 184 -7.92 11.26 23.21
CA GLY C 184 -6.93 10.92 24.22
C GLY C 184 -5.63 11.63 23.92
N ALA C 185 -4.84 11.86 24.95
CA ALA C 185 -3.67 12.70 24.82
C ALA C 185 -2.63 12.39 25.89
N SER C 186 -1.38 12.75 25.61
N SER C 186 -1.38 12.76 25.62
CA SER C 186 -0.28 12.67 26.58
CA SER C 186 -0.29 12.66 26.61
C SER C 186 -0.16 13.93 27.44
C SER C 186 -0.06 13.95 27.40
N ALA C 187 -0.59 15.07 26.91
CA ALA C 187 -0.37 16.34 27.57
C ALA C 187 -1.50 17.32 27.35
N TYR C 188 -2.73 16.83 27.53
CA TYR C 188 -3.93 17.65 27.45
C TYR C 188 -4.54 17.78 28.82
N PRO C 189 -4.65 19.03 29.32
CA PRO C 189 -5.05 19.20 30.71
C PRO C 189 -6.56 19.21 30.97
N ARG C 190 -7.40 18.93 29.98
CA ARG C 190 -8.84 19.01 30.15
C ARG C 190 -9.47 17.70 29.81
N ASP C 191 -10.71 17.53 30.25
CA ASP C 191 -11.52 16.37 29.90
C ASP C 191 -11.95 16.53 28.44
N ILE C 192 -12.43 15.45 27.86
CA ILE C 192 -12.75 15.39 26.44
C ILE C 192 -14.27 15.39 26.28
N ASP C 193 -14.75 16.13 25.30
CA ASP C 193 -16.17 16.15 24.95
C ASP C 193 -16.51 14.92 24.10
N TYR C 194 -16.78 13.81 24.77
CA TYR C 194 -17.02 12.52 24.07
C TYR C 194 -18.26 12.55 23.19
N ALA C 195 -19.32 13.21 23.66
CA ALA C 195 -20.53 13.37 22.85
C ALA C 195 -20.23 14.04 21.51
N ARG C 196 -19.39 15.08 21.53
CA ARG C 196 -19.01 15.79 20.30
C ARG C 196 -18.14 14.93 19.38
N PHE C 197 -17.21 14.18 19.97
CA PHE C 197 -16.42 13.20 19.18
C PHE C 197 -17.34 12.16 18.50
N ARG C 198 -18.38 11.71 19.21
CA ARG C 198 -19.34 10.76 18.65
C ARG C 198 -20.10 11.38 17.48
N LYS C 199 -20.54 12.62 17.67
CA LYS C 199 -21.24 13.35 16.62
C LYS C 199 -20.39 13.45 15.35
N ILE C 200 -19.12 13.84 15.53
CA ILE C 200 -18.17 14.01 14.41
C ILE C 200 -17.87 12.66 13.76
N ALA C 201 -17.59 11.63 14.58
CA ALA C 201 -17.36 10.28 14.05
C ALA C 201 -18.54 9.79 13.20
N ASP C 202 -19.75 9.93 13.75
CA ASP C 202 -20.97 9.53 13.03
C ASP C 202 -21.16 10.30 11.70
N SER C 203 -20.70 11.55 11.63
CA SER C 203 -20.83 12.38 10.41
C SER C 203 -20.07 11.82 9.21
N VAL C 204 -19.04 11.01 9.45
CA VAL C 204 -18.26 10.38 8.36
C VAL C 204 -18.25 8.85 8.43
N GLY C 205 -19.07 8.27 9.31
CA GLY C 205 -19.08 6.82 9.55
C GLY C 205 -17.78 6.25 10.11
N ALA C 206 -17.06 7.04 10.89
CA ALA C 206 -15.79 6.58 11.46
C ALA C 206 -15.98 5.73 12.72
N PHE C 207 -15.05 4.82 12.93
CA PHE C 207 -14.87 4.23 14.26
C PHE C 207 -14.35 5.32 15.18
N LEU C 208 -14.64 5.18 16.48
CA LEU C 208 -14.24 6.16 17.47
C LEU C 208 -13.55 5.43 18.61
N MET C 209 -12.34 5.85 18.92
CA MET C 209 -11.52 5.22 19.94
C MET C 209 -11.09 6.28 20.95
N MET C 210 -11.01 5.88 22.23
CA MET C 210 -10.37 6.67 23.25
C MET C 210 -9.08 5.94 23.69
N ASP C 211 -7.95 6.65 23.69
CA ASP C 211 -6.72 6.13 24.29
C ASP C 211 -6.66 6.81 25.66
N MET C 212 -7.01 6.05 26.71
CA MET C 212 -7.04 6.59 28.07
C MET C 212 -5.78 6.36 28.88
N ALA C 213 -4.67 6.04 28.21
CA ALA C 213 -3.41 5.71 28.91
C ALA C 213 -3.08 6.63 30.10
N HIS C 214 -3.20 7.92 29.90
CA HIS C 214 -2.80 8.89 30.94
C HIS C 214 -3.82 9.17 32.02
N VAL C 215 -5.06 8.74 31.80
CA VAL C 215 -6.18 9.10 32.65
C VAL C 215 -7.01 7.91 33.09
N SER C 216 -6.53 6.69 32.84
CA SER C 216 -7.36 5.49 33.07
C SER C 216 -7.88 5.39 34.52
N GLY C 217 -7.01 5.66 35.49
CA GLY C 217 -7.40 5.61 36.91
C GLY C 217 -8.43 6.66 37.28
N LEU C 218 -8.30 7.84 36.71
CA LEU C 218 -9.29 8.91 36.90
C LEU C 218 -10.68 8.54 36.34
N ILE C 219 -10.68 7.81 35.22
CA ILE C 219 -11.89 7.27 34.64
C ILE C 219 -12.48 6.15 35.50
N ALA C 220 -11.65 5.23 35.92
CA ALA C 220 -12.07 4.13 36.79
C ALA C 220 -12.70 4.65 38.09
N ALA C 221 -12.14 5.73 38.62
CA ALA C 221 -12.62 6.33 39.88
C ALA C 221 -13.75 7.34 39.71
N SER C 222 -14.24 7.48 38.48
CA SER C 222 -15.30 8.44 38.11
C SER C 222 -14.96 9.90 38.40
N VAL C 223 -13.67 10.25 38.37
CA VAL C 223 -13.25 11.63 38.52
C VAL C 223 -13.47 12.41 37.21
N LEU C 224 -13.13 11.78 36.11
CA LEU C 224 -13.35 12.30 34.76
C LEU C 224 -14.53 11.58 34.13
N ALA C 225 -15.00 12.12 33.01
CA ALA C 225 -16.09 11.54 32.26
C ALA C 225 -15.74 10.15 31.73
N ASP C 226 -16.78 9.35 31.54
CA ASP C 226 -16.65 7.97 31.10
C ASP C 226 -16.65 7.85 29.55
N PRO C 227 -15.49 7.51 28.95
CA PRO C 227 -15.48 7.35 27.48
C PRO C 227 -16.33 6.19 27.00
N PHE C 228 -16.51 5.19 27.86
CA PHE C 228 -17.26 3.99 27.47
C PHE C 228 -18.74 4.28 27.22
N GLU C 229 -19.22 5.44 27.64
CA GLU C 229 -20.55 5.87 27.24
C GLU C 229 -20.69 6.18 25.73
N PHE C 230 -19.60 6.53 25.06
CA PHE C 230 -19.66 7.04 23.67
C PHE C 230 -18.80 6.36 22.63
N VAL C 231 -17.64 5.81 23.02
CA VAL C 231 -16.70 5.29 22.06
C VAL C 231 -16.89 3.79 21.78
N ASP C 232 -16.24 3.31 20.73
CA ASP C 232 -16.30 1.92 20.29
C ASP C 232 -15.24 1.06 20.94
N ILE C 233 -14.08 1.66 21.17
CA ILE C 233 -12.84 0.96 21.51
C ILE C 233 -12.11 1.87 22.49
N VAL C 234 -11.54 1.30 23.54
CA VAL C 234 -10.72 2.05 24.49
C VAL C 234 -9.41 1.29 24.67
N THR C 235 -8.30 2.00 24.50
CA THR C 235 -7.00 1.45 24.77
C THR C 235 -6.37 2.12 25.96
N THR C 236 -5.41 1.43 26.56
CA THR C 236 -4.75 1.99 27.73
C THR C 236 -3.46 1.27 28.00
N THR C 237 -2.55 1.97 28.64
CA THR C 237 -1.41 1.36 29.30
C THR C 237 -1.86 0.92 30.68
N THR C 238 -1.01 0.20 31.39
CA THR C 238 -1.38 -0.32 32.71
C THR C 238 -0.56 0.28 33.88
N HIS C 239 0.51 0.99 33.54
CA HIS C 239 1.51 1.42 34.51
C HIS C 239 1.27 2.86 35.07
N LYS C 240 0.79 3.76 34.23
CA LYS C 240 0.78 5.18 34.56
C LYS C 240 -0.24 5.54 35.65
N SER C 241 -1.49 5.36 35.35
CA SER C 241 -2.56 5.91 36.15
C SER C 241 -3.19 4.78 37.00
N LEU C 242 -3.25 3.57 36.42
CA LEU C 242 -3.67 2.37 37.12
C LEU C 242 -2.65 1.81 38.11
N ARG C 243 -1.37 2.24 38.01
CA ARG C 243 -0.31 1.80 38.91
C ARG C 243 -0.05 0.32 38.88
N GLY C 244 -0.18 -0.25 37.70
CA GLY C 244 0.09 -1.63 37.47
C GLY C 244 1.48 -1.85 36.89
N PRO C 245 1.71 -3.04 36.34
CA PRO C 245 2.96 -3.33 35.70
C PRO C 245 2.96 -2.65 34.35
N ARG C 246 4.10 -2.66 33.66
CA ARG C 246 4.17 -2.08 32.31
CA ARG C 246 4.13 -2.06 32.33
C ARG C 246 3.46 -3.01 31.32
N GLY C 247 2.41 -2.54 30.68
CA GLY C 247 1.59 -3.37 29.81
C GLY C 247 0.51 -2.55 29.16
N GLY C 248 -0.46 -3.23 28.57
CA GLY C 248 -1.56 -2.55 27.85
C GLY C 248 -2.82 -3.40 27.86
N MET C 249 -3.95 -2.79 27.52
CA MET C 249 -5.23 -3.49 27.37
C MET C 249 -6.00 -2.81 26.25
N ILE C 250 -6.90 -3.56 25.62
CA ILE C 250 -7.84 -3.02 24.63
C ILE C 250 -9.24 -3.45 25.01
N PHE C 251 -10.13 -2.50 25.24
CA PHE C 251 -11.56 -2.78 25.46
C PHE C 251 -12.34 -2.54 24.16
N PHE C 252 -13.39 -3.31 23.92
CA PHE C 252 -14.17 -3.19 22.66
C PHE C 252 -15.63 -3.54 22.89
N LYS C 253 -16.51 -2.89 22.13
CA LYS C 253 -17.89 -3.31 22.08
C LYS C 253 -18.01 -4.72 21.53
N LYS C 254 -18.97 -5.48 22.06
CA LYS C 254 -19.27 -6.83 21.59
C LYS C 254 -20.37 -6.86 20.50
N ASP C 255 -21.21 -5.84 20.47
CA ASP C 255 -22.15 -5.66 19.36
C ASP C 255 -21.39 -5.17 18.13
N ALA C 256 -21.82 -5.64 16.95
CA ALA C 256 -21.17 -5.24 15.70
C ALA C 256 -21.13 -3.71 15.58
N VAL C 257 -20.00 -3.17 15.14
CA VAL C 257 -19.86 -1.74 14.90
C VAL C 257 -19.52 -1.54 13.43
N HIS C 258 -20.35 -0.80 12.69
CA HIS C 258 -20.19 -0.68 11.23
C HIS C 258 -20.01 -2.06 10.58
N GLY C 259 -20.82 -3.01 11.00
CA GLY C 259 -20.78 -4.38 10.48
C GLY C 259 -19.62 -5.29 10.88
N VAL C 260 -18.79 -4.85 11.84
CA VAL C 260 -17.54 -5.51 12.20
C VAL C 260 -17.62 -6.11 13.60
N ASP C 261 -17.18 -7.37 13.71
CA ASP C 261 -17.12 -8.07 15.00
C ASP C 261 -15.78 -7.65 15.60
N LEU C 262 -15.80 -6.65 16.49
CA LEU C 262 -14.56 -6.10 17.05
C LEU C 262 -13.80 -7.09 17.91
N GLU C 263 -14.53 -7.94 18.63
CA GLU C 263 -13.92 -8.95 19.48
C GLU C 263 -13.00 -9.87 18.68
N SER C 264 -13.53 -10.53 17.65
CA SER C 264 -12.70 -11.41 16.83
C SER C 264 -11.61 -10.63 16.10
N ALA C 265 -11.94 -9.46 15.57
CA ALA C 265 -10.95 -8.66 14.83
C ALA C 265 -9.76 -8.26 15.71
N ILE C 266 -10.07 -7.71 16.89
CA ILE C 266 -9.03 -7.28 17.84
C ILE C 266 -8.24 -8.44 18.36
N ASN C 267 -8.91 -9.51 18.78
CA ASN C 267 -8.19 -10.66 19.34
C ASN C 267 -7.23 -11.26 18.31
N ASN C 268 -7.69 -11.42 17.07
CA ASN C 268 -6.84 -11.93 15.99
C ASN C 268 -5.67 -11.03 15.62
N ALA C 269 -5.86 -9.72 15.71
CA ALA C 269 -4.76 -8.77 15.47
C ALA C 269 -3.68 -8.89 16.54
N VAL C 270 -4.09 -9.03 17.81
CA VAL C 270 -3.12 -9.18 18.89
C VAL C 270 -2.34 -10.49 18.71
N PHE C 271 -3.07 -11.59 18.55
CA PHE C 271 -2.49 -12.90 18.27
C PHE C 271 -3.44 -13.68 17.36
N PRO C 272 -2.97 -14.24 16.23
CA PRO C 272 -1.56 -14.34 15.84
C PRO C 272 -0.99 -13.14 15.06
N GLY C 273 -1.75 -12.05 14.94
CA GLY C 273 -1.35 -10.97 14.03
C GLY C 273 -0.01 -10.35 14.38
N LEU C 274 0.11 -9.82 15.59
CA LEU C 274 1.25 -8.97 15.91
C LEU C 274 2.15 -9.44 17.00
N GLN C 275 1.64 -10.29 17.90
CA GLN C 275 2.40 -10.74 19.05
C GLN C 275 2.46 -12.24 19.07
N GLY C 276 3.37 -12.76 19.88
CA GLY C 276 3.41 -14.16 20.14
C GLY C 276 2.79 -14.49 21.48
N GLY C 277 3.53 -15.25 22.26
CA GLY C 277 3.07 -15.68 23.55
C GLY C 277 2.84 -14.52 24.51
N PRO C 278 1.69 -14.50 25.20
CA PRO C 278 1.41 -13.50 26.26
C PRO C 278 2.42 -13.55 27.40
N HIS C 279 2.66 -12.40 28.00
CA HIS C 279 3.56 -12.28 29.15
C HIS C 279 2.72 -12.45 30.43
N ASN C 280 2.66 -13.70 30.90
CA ASN C 280 1.72 -14.03 31.98
C ASN C 280 2.12 -13.45 33.32
N HIS C 281 3.41 -13.20 33.54
CA HIS C 281 3.87 -12.46 34.72
C HIS C 281 3.32 -11.02 34.76
N THR C 282 3.35 -10.34 33.61
CA THR C 282 2.71 -9.03 33.49
C THR C 282 1.19 -9.12 33.72
N ILE C 283 0.54 -10.10 33.11
CA ILE C 283 -0.91 -10.27 33.27
C ILE C 283 -1.24 -10.52 34.75
N GLY C 284 -0.41 -11.30 35.43
CA GLY C 284 -0.58 -11.49 36.87
C GLY C 284 -0.53 -10.21 37.66
N GLY C 285 0.48 -9.39 37.39
CA GLY C 285 0.61 -8.08 38.01
C GLY C 285 -0.57 -7.17 37.70
N LEU C 286 -1.01 -7.22 36.46
CA LEU C 286 -2.17 -6.43 36.03
C LEU C 286 -3.42 -6.84 36.82
N ALA C 287 -3.64 -8.15 36.97
CA ALA C 287 -4.77 -8.63 37.74
C ALA C 287 -4.75 -8.06 39.18
N VAL C 288 -3.57 -8.00 39.78
CA VAL C 288 -3.40 -7.46 41.13
C VAL C 288 -3.83 -5.97 41.15
N CYS C 289 -3.34 -5.21 40.19
CA CYS C 289 -3.65 -3.77 40.21
C CYS C 289 -5.14 -3.48 39.92
N LEU C 290 -5.77 -4.34 39.13
CA LEU C 290 -7.18 -4.17 38.80
C LEU C 290 -8.11 -4.50 40.00
N LYS C 291 -7.69 -5.41 40.86
CA LYS C 291 -8.37 -5.63 42.14
C LYS C 291 -8.36 -4.34 42.94
N TYR C 292 -7.17 -3.78 43.13
CA TYR C 292 -7.03 -2.55 43.92
C TYR C 292 -7.80 -1.38 43.30
N ALA C 293 -7.84 -1.34 41.97
CA ALA C 293 -8.51 -0.27 41.24
C ALA C 293 -10.01 -0.17 41.58
N GLN C 294 -10.59 -1.23 42.12
CA GLN C 294 -11.99 -1.23 42.52
C GLN C 294 -12.24 -0.75 43.93
N SER C 295 -11.19 -0.48 44.69
CA SER C 295 -11.30 -0.21 46.11
C SER C 295 -11.63 1.24 46.40
N PRO C 296 -12.29 1.50 47.54
CA PRO C 296 -12.51 2.89 47.91
C PRO C 296 -11.21 3.71 48.09
N ASP C 297 -10.14 3.10 48.57
CA ASP C 297 -8.85 3.81 48.70
C ASP C 297 -8.28 4.25 47.36
N PHE C 298 -8.48 3.45 46.31
CA PHE C 298 -8.09 3.87 44.95
C PHE C 298 -8.88 5.10 44.50
N LYS C 299 -10.17 5.09 44.77
CA LYS C 299 -11.01 6.25 44.45
C LYS C 299 -10.54 7.52 45.21
N ASN C 300 -10.20 7.35 46.48
CA ASN C 300 -9.71 8.47 47.30
C ASN C 300 -8.37 8.99 46.75
N TYR C 301 -7.50 8.07 46.37
CA TYR C 301 -6.22 8.41 45.75
C TYR C 301 -6.42 9.25 44.48
N GLN C 302 -7.33 8.84 43.61
CA GLN C 302 -7.54 9.54 42.34
C GLN C 302 -8.11 10.94 42.54
N ASN C 303 -8.99 11.10 43.53
CA ASN C 303 -9.45 12.43 43.89
C ASN C 303 -8.32 13.30 44.46
N GLN C 304 -7.41 12.70 45.21
CA GLN C 304 -6.24 13.43 45.72
C GLN C 304 -5.30 13.86 44.59
N VAL C 305 -5.18 13.01 43.57
CA VAL C 305 -4.37 13.32 42.41
C VAL C 305 -4.80 14.67 41.79
N VAL C 306 -6.10 14.83 41.56
CA VAL C 306 -6.66 16.03 40.96
C VAL C 306 -6.54 17.24 41.90
N ALA C 307 -6.85 17.02 43.19
CA ALA C 307 -6.70 18.07 44.22
C ALA C 307 -5.28 18.59 44.32
N ASN C 308 -4.33 17.67 44.26
CA ASN C 308 -2.91 18.01 44.30
C ASN C 308 -2.44 18.78 43.08
N CYS C 309 -2.94 18.37 41.91
CA CYS C 309 -2.63 19.06 40.69
C CYS C 309 -3.21 20.47 40.73
N ARG C 310 -4.44 20.59 41.24
CA ARG C 310 -5.09 21.91 41.44
C ARG C 310 -4.28 22.82 42.39
N ALA C 311 -3.78 22.27 43.49
CA ALA C 311 -2.95 23.01 44.43
C ALA C 311 -1.67 23.53 43.79
N LEU C 312 -0.99 22.65 43.06
CA LEU C 312 0.20 23.02 42.28
C LEU C 312 -0.10 24.09 41.24
N ALA C 313 -1.15 23.86 40.46
CA ALA C 313 -1.57 24.79 39.41
C ALA C 313 -1.81 26.18 39.97
N ASN C 314 -2.56 26.27 41.06
CA ASN C 314 -2.91 27.56 41.66
C ASN C 314 -1.69 28.31 42.16
N ARG C 315 -0.74 27.60 42.77
CA ARG C 315 0.48 28.23 43.27
C ARG C 315 1.40 28.71 42.15
N LEU C 316 1.48 27.94 41.06
CA LEU C 316 2.23 28.36 39.88
C LEU C 316 1.64 29.64 39.29
N VAL C 317 0.32 29.73 39.24
CA VAL C 317 -0.34 30.97 38.77
C VAL C 317 -0.02 32.15 39.71
N GLU C 318 0.05 31.91 41.02
CA GLU C 318 0.50 32.94 41.97
C GLU C 318 1.94 33.39 41.70
N HIS C 319 2.80 32.48 41.24
CA HIS C 319 4.17 32.82 40.81
C HIS C 319 4.23 33.40 39.38
N GLU C 320 3.07 33.65 38.78
CA GLU C 320 2.91 34.33 37.49
C GLU C 320 3.23 33.46 36.26
N TYR C 321 3.17 32.14 36.40
CA TYR C 321 3.29 31.25 35.25
C TYR C 321 1.99 31.14 34.51
N LYS C 322 2.10 31.05 33.20
CA LYS C 322 0.97 30.79 32.29
C LYS C 322 0.80 29.28 32.11
N LEU C 323 -0.43 28.82 32.30
CA LEU C 323 -0.78 27.42 32.12
C LEU C 323 -1.55 27.26 30.83
N VAL C 324 -1.23 26.26 30.04
CA VAL C 324 -1.99 26.02 28.80
C VAL C 324 -3.44 25.65 29.17
N SER C 325 -4.40 26.34 28.56
CA SER C 325 -5.82 26.23 28.87
C SER C 325 -6.24 26.91 30.19
N GLY C 326 -5.32 27.58 30.88
CA GLY C 326 -5.65 28.29 32.10
C GLY C 326 -5.83 27.44 33.35
N GLY C 327 -5.35 26.19 33.33
CA GLY C 327 -5.56 25.26 34.45
C GLY C 327 -5.63 23.82 33.96
N SER C 328 -6.29 22.99 34.74
CA SER C 328 -6.40 21.57 34.43
C SER C 328 -7.60 20.95 35.13
N ASP C 329 -8.17 19.92 34.49
CA ASP C 329 -9.22 19.10 35.05
C ASP C 329 -8.66 17.77 35.56
N ASN C 330 -7.37 17.51 35.39
CA ASN C 330 -6.85 16.17 35.58
C ASN C 330 -5.57 16.15 36.46
N HIS C 331 -4.72 15.20 36.18
CA HIS C 331 -3.48 14.94 36.87
C HIS C 331 -2.27 15.80 36.46
N LEU C 332 -2.38 16.57 35.39
CA LEU C 332 -1.24 17.32 34.89
C LEU C 332 -1.49 18.79 34.66
N VAL C 333 -0.41 19.56 34.64
CA VAL C 333 -0.41 20.93 34.11
C VAL C 333 0.62 21.02 33.01
N LEU C 334 0.30 21.81 32.00
CA LEU C 334 1.25 22.17 30.97
C LEU C 334 1.55 23.67 31.13
N VAL C 335 2.79 23.98 31.54
CA VAL C 335 3.21 25.37 31.81
C VAL C 335 3.84 25.94 30.55
N ASP C 336 3.33 27.07 30.08
CA ASP C 336 3.93 27.81 28.94
C ASP C 336 4.99 28.72 29.54
N LEU C 337 6.26 28.41 29.33
CA LEU C 337 7.35 29.19 29.91
C LEU C 337 7.78 30.38 29.03
N ARG C 338 7.18 30.52 27.85
CA ARG C 338 7.58 31.58 26.90
C ARG C 338 7.52 32.97 27.54
N PRO C 339 6.41 33.33 28.22
CA PRO C 339 6.36 34.64 28.88
C PRO C 339 7.43 34.85 29.97
N SER C 340 7.92 33.76 30.58
CA SER C 340 8.99 33.82 31.57
C SER C 340 10.39 33.97 30.95
N GLY C 341 10.49 33.85 29.63
CA GLY C 341 11.74 34.11 28.91
C GLY C 341 12.70 32.93 28.81
N ILE C 342 12.17 31.72 28.88
CA ILE C 342 13.00 30.53 28.79
C ILE C 342 12.17 29.34 28.30
N ASP C 343 12.84 28.35 27.73
CA ASP C 343 12.24 27.14 27.17
C ASP C 343 12.29 26.00 28.18
N GLY C 344 11.54 24.94 27.88
CA GLY C 344 11.45 23.77 28.71
C GLY C 344 12.68 22.90 28.75
N ALA C 345 13.49 22.86 27.70
CA ALA C 345 14.71 22.04 27.71
C ALA C 345 15.72 22.52 28.75
N ARG C 346 15.93 23.83 28.82
CA ARG C 346 16.87 24.38 29.80
C ARG C 346 16.34 24.14 31.22
N VAL C 347 15.05 24.41 31.41
CA VAL C 347 14.40 24.26 32.73
C VAL C 347 14.37 22.80 33.16
N GLU C 348 14.02 21.89 32.23
CA GLU C 348 14.05 20.47 32.56
C GLU C 348 15.41 20.03 33.14
N LYS C 349 16.48 20.48 32.51
CA LYS C 349 17.82 20.07 32.92
C LYS C 349 18.21 20.56 34.30
N ILE C 350 17.98 21.85 34.54
CA ILE C 350 18.27 22.43 35.84
C ILE C 350 17.44 21.75 36.93
N LEU C 351 16.14 21.57 36.70
CA LEU C 351 15.28 20.86 37.67
C LEU C 351 15.76 19.41 37.92
N ASP C 352 16.23 18.74 36.87
CA ASP C 352 16.75 17.38 37.01
C ASP C 352 18.00 17.32 37.90
N MET C 353 18.91 18.29 37.71
CA MET C 353 20.08 18.43 38.57
C MET C 353 19.70 18.65 40.04
N ALA C 354 18.54 19.25 40.28
CA ALA C 354 18.02 19.47 41.65
C ALA C 354 17.06 18.34 42.15
N SER C 355 17.09 17.18 41.49
CA SER C 355 16.27 16.01 41.84
C SER C 355 14.74 16.21 41.63
N ILE C 356 14.34 17.14 40.78
CA ILE C 356 12.95 17.25 40.31
C ILE C 356 12.91 16.72 38.89
N THR C 357 12.19 15.63 38.67
CA THR C 357 12.07 15.07 37.32
C THR C 357 10.72 15.44 36.74
N LEU C 358 10.75 16.05 35.56
CA LEU C 358 9.55 16.30 34.80
C LEU C 358 9.95 16.29 33.31
N ASN C 359 9.07 16.71 32.41
CA ASN C 359 9.36 16.74 30.99
C ASN C 359 9.22 18.10 30.40
N LYS C 360 10.19 18.51 29.58
CA LYS C 360 9.94 19.54 28.58
C LYS C 360 8.81 19.06 27.67
N ASN C 361 8.07 19.99 27.11
CA ASN C 361 6.90 19.66 26.30
C ASN C 361 6.57 20.83 25.38
N SER C 362 6.26 20.52 24.12
CA SER C 362 5.80 21.54 23.19
C SER C 362 4.53 22.17 23.70
N VAL C 363 4.35 23.42 23.32
CA VAL C 363 3.24 24.25 23.72
C VAL C 363 2.61 24.84 22.42
N PRO C 364 1.26 25.02 22.38
CA PRO C 364 0.64 25.58 21.15
C PRO C 364 1.18 26.97 20.85
N GLY C 365 1.62 27.18 19.61
CA GLY C 365 2.28 28.44 19.25
C GLY C 365 3.79 28.37 19.15
N ASP C 366 4.42 27.30 19.67
CA ASP C 366 5.86 27.11 19.45
C ASP C 366 6.18 27.08 17.95
N LYS C 367 7.30 27.71 17.58
CA LYS C 367 7.79 27.69 16.19
C LYS C 367 8.36 26.31 15.80
N SER C 368 9.13 25.72 16.70
CA SER C 368 9.85 24.48 16.43
C SER C 368 9.73 23.48 17.57
N ALA C 369 9.60 22.20 17.21
CA ALA C 369 9.73 21.09 18.15
C ALA C 369 11.13 21.03 18.78
N LEU C 370 12.13 21.63 18.13
CA LEU C 370 13.50 21.67 18.65
C LEU C 370 13.66 22.54 19.88
N VAL C 371 12.73 23.48 20.08
CA VAL C 371 12.76 24.38 21.24
C VAL C 371 11.38 24.33 21.89
N PRO C 372 11.13 23.30 22.72
CA PRO C 372 9.82 23.22 23.38
C PRO C 372 9.64 24.35 24.36
N GLY C 373 8.47 24.97 24.31
CA GLY C 373 8.21 26.19 25.07
C GLY C 373 7.74 25.93 26.50
N GLY C 374 7.47 24.68 26.83
CA GLY C 374 6.82 24.37 28.11
C GLY C 374 7.41 23.21 28.89
N ILE C 375 6.83 23.01 30.07
CA ILE C 375 7.05 21.80 30.86
C ILE C 375 5.71 21.16 31.24
N ARG C 376 5.72 19.83 31.29
CA ARG C 376 4.58 19.05 31.70
C ARG C 376 4.88 18.54 33.11
N ILE C 377 3.93 18.76 34.03
CA ILE C 377 4.09 18.39 35.45
C ILE C 377 2.85 17.60 35.88
N GLY C 378 3.05 16.47 36.54
CA GLY C 378 1.97 15.62 36.98
C GLY C 378 2.08 15.24 38.45
N SER C 379 0.93 15.10 39.08
CA SER C 379 0.81 14.70 40.47
C SER C 379 0.67 13.20 40.82
N PRO C 380 0.40 12.27 39.85
CA PRO C 380 0.15 10.90 40.34
C PRO C 380 1.25 10.23 41.19
N ALA C 381 2.51 10.32 40.78
CA ALA C 381 3.57 9.58 41.45
C ALA C 381 3.77 10.04 42.92
N MET C 382 3.89 11.35 43.12
CA MET C 382 4.08 11.87 44.46
C MET C 382 2.80 11.78 45.31
N THR C 383 1.64 11.77 44.69
CA THR C 383 0.39 11.48 45.43
C THR C 383 0.38 10.04 45.99
N THR C 384 0.83 9.08 45.19
CA THR C 384 1.02 7.70 45.66
C THR C 384 1.91 7.61 46.90
N ARG C 385 2.97 8.41 46.96
CA ARG C 385 3.85 8.42 48.11
C ARG C 385 3.24 9.07 49.34
N GLY C 386 2.17 9.83 49.15
CA GLY C 386 1.40 10.37 50.26
C GLY C 386 1.38 11.89 50.39
N LEU C 387 1.99 12.61 49.43
CA LEU C 387 1.98 14.09 49.47
C LEU C 387 0.55 14.62 49.31
N GLY C 388 0.27 15.73 50.00
CA GLY C 388 -1.01 16.40 49.95
C GLY C 388 -0.92 17.76 49.31
N GLU C 389 -2.02 18.50 49.42
CA GLU C 389 -2.13 19.82 48.77
C GLU C 389 -1.07 20.83 49.20
N LYS C 390 -0.77 20.89 50.50
CA LYS C 390 0.27 21.81 50.99
C LYS C 390 1.66 21.46 50.46
N GLU C 391 1.93 20.18 50.32
CA GLU C 391 3.20 19.72 49.78
C GLU C 391 3.28 20.02 48.29
N PHE C 392 2.17 19.96 47.57
CA PHE C 392 2.19 20.34 46.16
C PHE C 392 2.38 21.85 45.95
N GLU C 393 1.93 22.68 46.90
CA GLU C 393 2.22 24.11 46.84
C GLU C 393 3.72 24.34 47.05
N LEU C 394 4.31 23.59 47.98
CA LEU C 394 5.74 23.63 48.17
C LEU C 394 6.48 23.20 46.89
N ILE C 395 6.01 22.15 46.24
CA ILE C 395 6.58 21.76 44.93
C ILE C 395 6.55 22.90 43.90
N ALA C 396 5.45 23.63 43.81
CA ALA C 396 5.36 24.77 42.90
C ALA C 396 6.43 25.83 43.21
N ASP C 397 6.64 26.09 44.51
CA ASP C 397 7.69 27.01 44.97
C ASP C 397 9.07 26.55 44.57
N LEU C 398 9.30 25.25 44.66
CA LEU C 398 10.59 24.64 44.30
C LEU C 398 10.81 24.73 42.79
N ILE C 399 9.76 24.46 42.02
CA ILE C 399 9.84 24.60 40.57
C ILE C 399 10.18 26.05 40.20
N HIS C 400 9.53 27.00 40.84
CA HIS C 400 9.79 28.42 40.62
C HIS C 400 11.25 28.80 40.91
N GLU C 401 11.80 28.28 42.00
CA GLU C 401 13.21 28.49 42.34
C GLU C 401 14.12 27.95 41.22
N GLY C 402 13.78 26.76 40.74
CA GLY C 402 14.49 26.13 39.65
C GLY C 402 14.41 26.90 38.34
N VAL C 403 13.26 27.48 38.04
CA VAL C 403 13.13 28.31 36.83
C VAL C 403 14.03 29.56 36.98
N ARG C 404 14.04 30.17 38.15
CA ARG C 404 14.89 31.35 38.38
C ARG C 404 16.39 31.03 38.20
N ILE C 405 16.82 29.88 38.69
CA ILE C 405 18.21 29.44 38.48
C ILE C 405 18.50 29.23 36.98
N SER C 406 17.55 28.64 36.26
CA SER C 406 17.69 28.39 34.83
C SER C 406 17.86 29.69 34.06
N LEU C 407 17.08 30.70 34.43
CA LEU C 407 17.19 32.03 33.81
C LEU C 407 18.56 32.65 34.09
N GLU C 408 19.02 32.56 35.33
CA GLU C 408 20.35 33.05 35.66
C GLU C 408 21.42 32.29 34.87
N ALA C 409 21.27 30.97 34.74
CA ALA C 409 22.22 30.15 33.98
C ALA C 409 22.26 30.55 32.50
N LYS C 410 21.08 30.81 31.95
CA LYS C 410 20.91 31.18 30.55
C LYS C 410 21.74 32.43 30.22
N SER C 411 21.62 33.44 31.08
CA SER C 411 22.37 34.69 30.96
C SER C 411 23.91 34.52 30.97
N LEU C 412 24.42 33.47 31.61
CA LEU C 412 25.85 33.17 31.64
C LEU C 412 26.37 32.38 30.44
N VAL C 413 25.49 31.81 29.61
CA VAL C 413 25.92 30.98 28.50
C VAL C 413 26.04 31.84 27.25
N SER C 414 27.19 31.75 26.59
CA SER C 414 27.47 32.56 25.40
C SER C 414 26.56 32.18 24.21
N GLY C 415 26.56 30.89 23.85
CA GLY C 415 25.75 30.43 22.73
C GLY C 415 24.25 30.58 22.94
N THR C 416 23.51 30.48 21.84
CA THR C 416 22.05 30.34 21.87
C THR C 416 21.60 28.87 21.70
N LYS C 417 22.56 27.97 21.51
CA LYS C 417 22.26 26.58 21.21
C LYS C 417 22.02 25.84 22.53
N VAL C 418 20.98 25.02 22.56
CA VAL C 418 20.67 24.22 23.76
C VAL C 418 21.88 23.38 24.20
N GLN C 419 22.68 22.89 23.25
CA GLN C 419 23.87 22.11 23.60
C GLN C 419 24.87 22.87 24.46
N ASP C 420 25.06 24.16 24.17
CA ASP C 420 26.02 24.99 24.90
C ASP C 420 25.57 25.19 26.34
N PHE C 421 24.28 25.36 26.53
CA PHE C 421 23.68 25.39 27.88
C PHE C 421 23.96 24.10 28.66
N LEU C 422 23.66 22.95 28.05
CA LEU C 422 23.91 21.63 28.67
C LEU C 422 25.36 21.46 29.09
N ASN C 423 26.29 21.90 28.24
CA ASN C 423 27.72 21.82 28.56
C ASN C 423 28.12 22.73 29.71
N PHE C 424 27.59 23.96 29.71
CA PHE C 424 27.83 24.91 30.80
C PHE C 424 27.35 24.38 32.15
N VAL C 425 26.11 23.90 32.20
CA VAL C 425 25.48 23.57 33.49
C VAL C 425 26.02 22.27 34.08
N LEU C 426 26.57 21.41 33.23
CA LEU C 426 27.19 20.15 33.63
C LEU C 426 28.69 20.25 33.88
N ALA C 427 29.33 21.32 33.42
CA ALA C 427 30.74 21.54 33.69
C ALA C 427 30.99 21.53 35.21
N PRO C 428 32.07 20.84 35.66
CA PRO C 428 32.30 20.52 37.09
C PRO C 428 32.33 21.72 38.04
N GLU C 429 32.67 22.90 37.51
CA GLU C 429 32.73 24.16 38.27
C GLU C 429 31.59 25.17 37.97
N PHE C 430 30.59 24.76 37.16
CA PHE C 430 29.34 25.51 36.94
C PHE C 430 29.06 26.48 38.09
N PRO C 431 29.03 27.80 37.81
CA PRO C 431 29.05 28.74 38.93
C PRO C 431 27.72 28.89 39.68
N LEU C 432 26.64 28.23 39.24
CA LEU C 432 25.41 28.19 40.04
C LEU C 432 25.22 26.84 40.74
N GLY C 433 26.30 26.08 40.89
CA GLY C 433 26.27 24.77 41.56
C GLY C 433 25.72 24.80 42.98
N ASP C 434 26.12 25.83 43.73
CA ASP C 434 25.65 26.01 45.11
C ASP C 434 24.16 26.29 45.16
N LYS C 435 23.65 27.07 44.20
CA LYS C 435 22.21 27.33 44.13
C LYS C 435 21.41 26.08 43.83
N VAL C 436 21.91 25.29 42.88
CA VAL C 436 21.27 24.02 42.51
C VAL C 436 21.35 23.07 43.70
N SER C 437 22.51 23.00 44.35
CA SER C 437 22.67 22.16 45.55
C SER C 437 21.72 22.53 46.68
N ASN C 438 21.59 23.82 46.95
CA ASN C 438 20.63 24.34 47.93
C ASN C 438 19.17 24.01 47.58
N LEU C 439 18.80 24.10 46.29
CA LEU C 439 17.48 23.69 45.87
C LEU C 439 17.31 22.17 46.03
N ARG C 440 18.33 21.41 45.67
CA ARG C 440 18.25 19.95 45.78
C ARG C 440 18.01 19.52 47.22
N ARG C 441 18.65 20.20 48.17
CA ARG C 441 18.43 19.88 49.58
C ARG C 441 16.98 20.07 50.00
N LYS C 442 16.34 21.16 49.53
CA LYS C 442 14.93 21.40 49.80
C LYS C 442 14.04 20.33 49.18
N VAL C 443 14.34 19.99 47.92
CA VAL C 443 13.64 18.93 47.18
C VAL C 443 13.73 17.59 47.92
N GLU C 444 14.96 17.18 48.25
CA GLU C 444 15.19 15.89 48.90
C GLU C 444 14.64 15.85 50.33
N ALA C 445 14.66 16.99 51.01
CA ALA C 445 14.08 17.09 52.35
C ALA C 445 12.55 16.96 52.38
N LEU C 446 11.88 17.27 51.28
CA LEU C 446 10.46 16.98 51.12
C LEU C 446 10.25 15.50 50.80
N ALA C 447 10.93 15.01 49.76
CA ALA C 447 10.77 13.62 49.30
C ALA C 447 11.05 12.57 50.35
N THR C 448 12.11 12.73 51.13
CA THR C 448 12.54 11.67 52.05
C THR C 448 11.66 11.55 53.30
N GLN C 449 10.68 12.44 53.44
CA GLN C 449 9.65 12.28 54.46
C GLN C 449 8.59 11.25 54.08
N TYR C 450 8.64 10.75 52.84
CA TYR C 450 7.61 9.85 52.34
C TYR C 450 8.20 8.52 51.93
N PRO C 451 7.50 7.43 52.24
CA PRO C 451 8.01 6.13 51.83
C PRO C 451 7.72 5.91 50.37
N ILE C 452 8.26 4.83 49.87
CA ILE C 452 8.07 4.45 48.50
C ILE C 452 7.64 2.97 48.49
N PRO C 453 6.52 2.65 47.82
CA PRO C 453 6.07 1.24 47.77
C PRO C 453 7.06 0.36 47.02
N GLY C 454 6.78 -0.94 47.03
CA GLY C 454 7.63 -1.92 46.36
C GLY C 454 8.28 -2.89 47.32
N VAL C 455 8.90 -3.91 46.74
CA VAL C 455 9.57 -5.00 47.51
C VAL C 455 10.81 -4.50 48.26
N PHE D 4 -1.20 4.93 53.62
CA PHE D 4 -1.38 3.82 52.62
C PHE D 4 -0.91 2.47 53.20
N LEU D 5 -1.13 1.40 52.44
CA LEU D 5 -0.66 0.05 52.77
C LEU D 5 0.38 -0.39 51.75
N ASP D 6 1.20 -1.40 52.07
CA ASP D 6 1.98 -2.06 51.02
C ASP D 6 2.11 -3.56 51.34
N TYR D 7 0.91 -4.18 51.45
CA TYR D 7 0.76 -5.61 51.67
C TYR D 7 1.50 -6.44 50.64
N GLY D 8 2.02 -7.58 51.06
CA GLY D 8 2.55 -8.56 50.14
C GLY D 8 1.43 -9.19 49.35
N LEU D 9 1.79 -9.90 48.28
CA LEU D 9 0.82 -10.53 47.39
C LEU D 9 -0.17 -11.47 48.11
N SER D 10 0.34 -12.30 49.03
CA SER D 10 -0.54 -13.26 49.73
C SER D 10 -1.65 -12.53 50.50
N GLU D 11 -1.37 -11.33 51.01
CA GLU D 11 -2.38 -10.54 51.72
C GLU D 11 -3.21 -9.66 50.76
N ALA D 12 -2.53 -8.98 49.83
CA ALA D 12 -3.22 -8.09 48.88
C ALA D 12 -4.17 -8.83 47.94
N ASP D 13 -3.78 -10.02 47.46
CA ASP D 13 -4.54 -10.74 46.41
C ASP D 13 -4.40 -12.25 46.57
N PRO D 14 -5.10 -12.83 47.56
CA PRO D 14 -5.00 -14.28 47.78
C PRO D 14 -5.37 -15.11 46.56
N ASP D 15 -6.30 -14.64 45.72
CA ASP D 15 -6.62 -15.39 44.48
C ASP D 15 -5.45 -15.49 43.49
N VAL D 16 -4.77 -14.38 43.20
CA VAL D 16 -3.59 -14.40 42.33
C VAL D 16 -2.45 -15.20 42.99
N HIS D 17 -2.26 -15.02 44.30
CA HIS D 17 -1.26 -15.82 45.05
C HIS D 17 -1.53 -17.33 44.89
N ALA D 18 -2.80 -17.72 45.02
CA ALA D 18 -3.19 -19.12 44.88
C ALA D 18 -2.92 -19.68 43.48
N ILE D 19 -3.19 -18.87 42.46
CA ILE D 19 -2.91 -19.23 41.07
C ILE D 19 -1.42 -19.45 40.84
N ILE D 20 -0.58 -18.58 41.39
CA ILE D 20 0.88 -18.73 41.24
C ILE D 20 1.34 -19.99 41.98
N ASN D 21 0.79 -20.24 43.16
CA ASN D 21 1.06 -21.51 43.88
C ASN D 21 0.74 -22.73 43.01
N LYS D 22 -0.43 -22.73 42.38
CA LYS D 22 -0.80 -23.80 41.47
C LYS D 22 0.14 -23.94 40.28
N GLU D 23 0.54 -22.81 39.68
CA GLU D 23 1.46 -22.85 38.53
C GLU D 23 2.85 -23.32 38.93
N LYS D 24 3.31 -22.93 40.11
CA LYS D 24 4.61 -23.36 40.63
C LYS D 24 4.61 -24.89 40.78
N ASP D 25 3.55 -25.43 41.34
CA ASP D 25 3.38 -26.87 41.49
C ASP D 25 3.32 -27.60 40.15
N ARG D 26 2.56 -27.05 39.20
CA ARG D 26 2.47 -27.63 37.86
C ARG D 26 3.83 -27.69 37.18
N GLN D 27 4.60 -26.59 37.27
CA GLN D 27 5.94 -26.56 36.70
C GLN D 27 6.82 -27.61 37.37
N PHE D 28 6.73 -27.69 38.69
CA PHE D 28 7.51 -28.68 39.46
C PHE D 28 7.20 -30.13 39.09
N ARG D 29 5.91 -30.45 38.98
CA ARG D 29 5.46 -31.83 38.73
C ARG D 29 5.51 -32.32 37.29
N SER D 30 5.66 -31.42 36.33
CA SER D 30 5.52 -31.79 34.91
C SER D 30 6.82 -31.96 34.20
N LEU D 31 6.78 -32.76 33.12
CA LEU D 31 7.87 -32.80 32.16
C LEU D 31 7.55 -31.74 31.13
N GLU D 32 8.23 -30.60 31.22
N GLU D 32 8.24 -30.60 31.24
CA GLU D 32 8.00 -29.50 30.31
CA GLU D 32 8.11 -29.49 30.31
C GLU D 32 8.91 -29.68 29.10
C GLU D 32 8.96 -29.75 29.10
N LEU D 33 8.31 -30.17 28.01
CA LEU D 33 9.01 -30.50 26.77
C LEU D 33 8.67 -29.57 25.61
N ILE D 34 8.03 -28.43 25.91
CA ILE D 34 7.79 -27.41 24.87
C ILE D 34 9.16 -26.84 24.49
N ALA D 35 9.49 -26.89 23.20
CA ALA D 35 10.85 -26.58 22.76
C ALA D 35 11.24 -25.13 22.94
N SER D 36 10.23 -24.27 23.02
CA SER D 36 10.42 -22.84 23.27
C SER D 36 10.38 -22.41 24.74
N GLU D 37 10.16 -23.34 25.65
N GLU D 37 10.13 -23.33 25.66
CA GLU D 37 10.06 -23.01 27.06
CA GLU D 37 10.06 -22.97 27.07
C GLU D 37 11.39 -23.22 27.78
C GLU D 37 11.39 -23.20 27.77
N ASN D 38 11.56 -22.52 28.89
CA ASN D 38 12.69 -22.74 29.77
C ASN D 38 12.32 -22.28 31.15
N PHE D 39 13.23 -22.43 32.11
CA PHE D 39 13.03 -21.97 33.47
C PHE D 39 14.08 -20.93 33.76
N THR D 40 13.66 -19.67 33.94
CA THR D 40 14.59 -18.61 34.21
C THR D 40 14.97 -18.61 35.69
N SER D 41 16.06 -17.93 36.00
CA SER D 41 16.67 -18.03 37.29
C SER D 41 15.99 -17.16 38.35
N LYS D 42 16.28 -17.46 39.60
CA LYS D 42 15.89 -16.61 40.70
C LYS D 42 16.42 -15.19 40.53
N ALA D 43 17.68 -15.05 40.14
CA ALA D 43 18.31 -13.74 40.00
C ALA D 43 17.60 -12.90 38.91
N VAL D 44 17.27 -13.52 37.77
CA VAL D 44 16.50 -12.84 36.72
C VAL D 44 15.15 -12.37 37.29
N MET D 45 14.41 -13.28 37.94
CA MET D 45 13.10 -12.93 38.53
C MET D 45 13.19 -11.77 39.55
N GLU D 46 14.24 -11.79 40.36
CA GLU D 46 14.47 -10.71 41.33
C GLU D 46 14.70 -9.37 40.64
N ALA D 47 15.41 -9.36 39.51
CA ALA D 47 15.59 -8.10 38.77
C ALA D 47 14.26 -7.64 38.13
N VAL D 48 13.52 -8.59 37.56
CA VAL D 48 12.29 -8.26 36.85
C VAL D 48 11.22 -7.76 37.85
N GLY D 49 11.22 -8.36 39.04
CA GLY D 49 10.31 -7.98 40.12
C GLY D 49 10.79 -6.87 41.03
N SER D 50 11.59 -5.95 40.51
CA SER D 50 12.21 -4.90 41.31
C SER D 50 11.58 -3.56 41.01
N CYS D 51 12.07 -2.54 41.71
CA CYS D 51 11.70 -1.14 41.48
C CYS D 51 12.10 -0.59 40.13
N LEU D 52 12.86 -1.37 39.32
CA LEU D 52 13.11 -0.98 37.96
C LEU D 52 11.82 -0.77 37.16
N THR D 53 10.72 -1.42 37.54
CA THR D 53 9.47 -1.16 36.80
CA THR D 53 9.43 -1.17 36.87
C THR D 53 9.02 0.30 36.95
N ASN D 54 9.38 0.95 38.07
CA ASN D 54 9.10 2.38 38.30
C ASN D 54 10.17 3.33 37.80
N LYS D 55 11.23 2.81 37.16
CA LYS D 55 12.28 3.65 36.62
C LYS D 55 11.83 4.17 35.26
N TYR D 56 11.94 5.47 35.08
CA TYR D 56 11.78 6.09 33.75
C TYR D 56 13.18 6.37 33.25
N SER D 57 13.53 5.82 32.08
CA SER D 57 14.80 6.14 31.42
C SER D 57 14.50 7.13 30.29
N GLU D 58 13.66 6.67 29.36
CA GLU D 58 13.25 7.46 28.22
C GLU D 58 11.78 7.22 27.97
N GLY D 59 11.12 8.22 27.41
CA GLY D 59 9.68 8.12 27.12
C GLY D 59 9.32 8.93 25.91
N LEU D 60 8.15 8.65 25.33
CA LEU D 60 7.69 9.39 24.15
C LEU D 60 7.48 10.89 24.47
N PRO D 61 7.69 11.77 23.47
CA PRO D 61 8.02 11.42 22.08
C PRO D 61 9.50 11.05 21.83
N GLY D 62 10.39 11.29 22.80
CA GLY D 62 11.80 10.87 22.70
C GLY D 62 12.73 11.99 22.29
N LYS D 63 14.03 11.75 22.46
CA LYS D 63 15.04 12.81 22.30
C LYS D 63 15.16 13.31 20.86
N ARG D 64 15.05 12.40 19.89
CA ARG D 64 15.07 12.76 18.46
C ARG D 64 14.03 13.83 18.06
N TYR D 65 12.79 13.71 18.56
CA TYR D 65 11.73 14.72 18.36
C TYR D 65 12.17 16.15 18.70
N TYR D 66 12.88 16.28 19.83
CA TYR D 66 13.43 17.57 20.28
C TYR D 66 14.81 17.93 19.69
N GLY D 67 15.35 17.06 18.83
CA GLY D 67 16.70 17.25 18.27
C GLY D 67 17.82 16.97 19.27
N GLY D 68 17.52 16.16 20.30
CA GLY D 68 18.46 15.92 21.41
C GLY D 68 19.49 14.85 21.13
N ASN D 69 20.39 14.66 22.09
CA ASN D 69 21.48 13.68 21.98
C ASN D 69 21.00 12.24 22.23
N GLU D 70 21.88 11.28 22.02
CA GLU D 70 21.62 9.88 22.41
C GLU D 70 21.40 9.79 23.94
N HIS D 71 20.41 9.00 24.35
CA HIS D 71 20.17 8.80 25.77
C HIS D 71 21.19 7.80 26.36
N ILE D 72 21.89 8.23 27.41
CA ILE D 72 22.85 7.37 28.14
C ILE D 72 22.14 6.76 29.36
N ASP D 73 22.14 5.43 29.47
CA ASP D 73 21.64 4.71 30.67
C ASP D 73 22.56 3.54 31.05
N GLU D 74 22.94 3.51 32.32
CA GLU D 74 23.96 2.57 32.79
C GLU D 74 23.52 1.12 32.57
N LEU D 75 22.29 0.81 32.94
CA LEU D 75 21.79 -0.55 32.81
C LEU D 75 21.68 -0.98 31.32
N GLU D 76 21.16 -0.09 30.47
CA GLU D 76 21.08 -0.41 29.07
C GLU D 76 22.45 -0.65 28.44
N ILE D 77 23.41 0.20 28.76
CA ILE D 77 24.77 0.04 28.24
C ILE D 77 25.39 -1.29 28.68
N LEU D 78 25.23 -1.62 29.96
CA LEU D 78 25.72 -2.87 30.49
C LEU D 78 25.13 -4.04 29.73
N CYS D 79 23.82 -3.97 29.53
CA CYS D 79 23.09 -4.98 28.81
C CYS D 79 23.62 -5.15 27.38
N GLN D 80 23.80 -4.02 26.70
CA GLN D 80 24.39 -4.03 25.36
C GLN D 80 25.78 -4.65 25.34
N GLN D 81 26.65 -4.25 26.29
CA GLN D 81 28.02 -4.79 26.35
C GLN D 81 27.97 -6.30 26.56
N ARG D 82 27.13 -6.74 27.47
CA ARG D 82 27.02 -8.16 27.77
C ARG D 82 26.47 -9.00 26.63
N ALA D 83 25.50 -8.45 25.89
CA ALA D 83 24.94 -9.07 24.67
C ALA D 83 26.01 -9.27 23.62
N LEU D 84 26.80 -8.23 23.35
CA LEU D 84 27.89 -8.37 22.38
C LEU D 84 28.89 -9.43 22.82
N ALA D 85 29.27 -9.40 24.10
CA ALA D 85 30.20 -10.36 24.67
C ALA D 85 29.68 -11.79 24.62
N ALA D 86 28.41 -12.00 24.94
CA ALA D 86 27.84 -13.33 24.91
C ALA D 86 27.90 -14.00 23.52
N PHE D 87 27.85 -13.19 22.46
CA PHE D 87 27.88 -13.68 21.10
C PHE D 87 29.24 -13.46 20.43
N HIS D 88 30.26 -13.13 21.24
CA HIS D 88 31.63 -12.96 20.78
C HIS D 88 31.76 -11.96 19.62
N LEU D 89 31.13 -10.80 19.80
CA LEU D 89 31.06 -9.77 18.77
C LEU D 89 31.96 -8.58 19.08
N ASP D 90 32.64 -8.09 18.06
CA ASP D 90 33.42 -6.84 18.11
C ASP D 90 32.43 -5.68 18.03
N GLY D 91 32.44 -4.83 19.05
CA GLY D 91 31.55 -3.66 19.11
C GLY D 91 31.81 -2.56 18.07
N ASP D 92 32.96 -2.58 17.43
CA ASP D 92 33.18 -1.73 16.26
C ASP D 92 32.40 -2.20 15.03
N LYS D 93 32.08 -3.50 14.98
CA LYS D 93 31.41 -4.07 13.81
C LYS D 93 29.92 -4.37 14.03
N TRP D 94 29.53 -4.60 15.28
CA TRP D 94 28.14 -4.96 15.63
C TRP D 94 27.63 -4.05 16.72
N GLY D 95 26.36 -3.68 16.60
CA GLY D 95 25.61 -3.05 17.68
C GLY D 95 24.38 -3.88 18.04
N VAL D 96 23.71 -3.48 19.12
CA VAL D 96 22.54 -4.23 19.59
C VAL D 96 21.57 -3.26 20.20
N ASN D 97 20.28 -3.49 19.93
CA ASN D 97 19.21 -2.80 20.60
C ASN D 97 18.52 -3.82 21.49
N VAL D 98 18.43 -3.52 22.77
CA VAL D 98 17.90 -4.44 23.79
C VAL D 98 16.50 -4.05 24.25
N GLN D 99 15.87 -3.09 23.57
CA GLN D 99 14.56 -2.59 23.94
C GLN D 99 13.34 -3.36 23.42
N PRO D 100 13.47 -4.22 22.38
CA PRO D 100 12.21 -4.83 21.90
C PRO D 100 11.47 -5.63 22.97
N LEU D 101 10.15 -5.54 22.94
CA LEU D 101 9.34 -6.13 24.00
C LEU D 101 9.17 -7.64 23.91
N SER D 102 9.36 -8.20 22.72
CA SER D 102 9.30 -9.63 22.50
C SER D 102 9.91 -9.92 21.12
N GLY D 103 9.90 -11.20 20.72
CA GLY D 103 10.46 -11.59 19.43
C GLY D 103 9.71 -11.04 18.22
N SER D 104 8.38 -11.13 18.25
CA SER D 104 7.58 -10.64 17.12
C SER D 104 7.75 -9.13 16.88
N PRO D 105 7.62 -8.29 17.92
CA PRO D 105 7.93 -6.84 17.71
C PRO D 105 9.39 -6.53 17.36
N ALA D 106 10.35 -7.34 17.81
CA ALA D 106 11.73 -7.19 17.39
C ALA D 106 11.81 -7.35 15.85
N ASN D 107 11.19 -8.41 15.34
CA ASN D 107 11.18 -8.66 13.89
C ASN D 107 10.49 -7.57 13.14
N PHE D 108 9.34 -7.13 13.64
CA PHE D 108 8.58 -6.08 12.95
C PHE D 108 9.32 -4.73 12.91
N ALA D 109 10.10 -4.46 13.93
CA ALA D 109 10.93 -3.27 13.95
C ALA D 109 12.03 -3.33 12.91
N VAL D 110 12.60 -4.51 12.69
CA VAL D 110 13.63 -4.68 11.66
C VAL D 110 12.99 -4.37 10.31
N TYR D 111 11.83 -4.96 10.05
CA TYR D 111 11.16 -4.74 8.76
C TYR D 111 10.87 -3.26 8.56
N THR D 112 10.33 -2.61 9.58
CA THR D 112 10.04 -1.19 9.57
C THR D 112 11.31 -0.38 9.32
N ALA D 113 12.42 -0.79 9.91
CA ALA D 113 13.68 -0.08 9.73
C ALA D 113 14.24 -0.11 8.31
N ILE D 114 14.23 -1.28 7.68
CA ILE D 114 14.95 -1.47 6.42
C ILE D 114 14.07 -1.61 5.19
N LEU D 115 12.75 -1.78 5.38
CA LEU D 115 11.80 -1.96 4.26
C LEU D 115 10.74 -0.88 4.26
N LYS D 116 10.16 -0.66 3.09
CA LYS D 116 8.97 0.15 2.93
C LYS D 116 7.77 -0.76 2.96
N PRO D 117 6.57 -0.23 3.25
CA PRO D 117 5.39 -1.08 3.19
C PRO D 117 5.29 -1.80 1.85
N HIS D 118 4.90 -3.07 1.91
CA HIS D 118 4.72 -3.94 0.75
C HIS D 118 6.01 -4.38 0.10
N ASP D 119 7.16 -4.07 0.69
CA ASP D 119 8.39 -4.68 0.22
C ASP D 119 8.36 -6.19 0.47
N ARG D 120 9.18 -6.90 -0.30
CA ARG D 120 9.15 -8.35 -0.34
C ARG D 120 10.11 -9.03 0.64
N ILE D 121 9.59 -10.06 1.31
CA ILE D 121 10.28 -10.81 2.35
C ILE D 121 10.13 -12.30 2.05
N MET D 122 11.19 -13.08 2.24
CA MET D 122 11.04 -14.55 2.21
C MET D 122 11.48 -15.13 3.53
N GLY D 123 10.69 -16.05 4.05
CA GLY D 123 10.98 -16.79 5.28
C GLY D 123 10.59 -18.23 5.15
N LEU D 124 11.05 -19.07 6.07
CA LEU D 124 10.64 -20.48 6.03
C LEU D 124 9.14 -20.60 6.22
N ASP D 125 8.50 -21.47 5.42
CA ASP D 125 7.05 -21.65 5.44
C ASP D 125 6.60 -22.13 6.82
N LEU D 126 5.53 -21.54 7.32
CA LEU D 126 5.00 -21.91 8.66
C LEU D 126 4.77 -23.42 8.83
N PRO D 127 4.05 -24.06 7.89
CA PRO D 127 3.87 -25.52 7.96
C PRO D 127 5.14 -26.38 7.90
N HIS D 128 6.27 -25.79 7.49
CA HIS D 128 7.55 -26.45 7.45
C HIS D 128 8.49 -26.01 8.58
N GLY D 129 7.93 -25.39 9.63
CA GLY D 129 8.68 -25.05 10.82
C GLY D 129 9.11 -23.61 10.92
N GLY D 130 8.54 -22.75 10.08
CA GLY D 130 8.85 -21.33 10.13
C GLY D 130 8.15 -20.65 11.31
N HIS D 131 8.44 -19.37 11.48
CA HIS D 131 7.70 -18.61 12.46
C HIS D 131 6.72 -17.69 11.80
N LEU D 132 5.60 -17.54 12.47
CA LEU D 132 4.51 -16.74 11.94
C LEU D 132 4.91 -15.30 11.60
N SER D 133 5.76 -14.69 12.42
CA SER D 133 6.24 -13.32 12.21
C SER D 133 7.15 -13.13 10.99
N HIS D 134 7.55 -14.23 10.36
CA HIS D 134 8.30 -14.14 9.10
C HIS D 134 7.37 -14.08 7.89
N GLY D 135 6.06 -14.21 8.13
CA GLY D 135 5.02 -14.09 7.10
C GLY D 135 4.20 -15.36 7.10
N PHE D 136 2.90 -15.19 6.99
CA PHE D 136 1.99 -16.30 6.87
C PHE D 136 0.65 -15.81 6.33
N MET D 137 0.24 -16.43 5.23
CA MET D 137 -1.04 -16.20 4.62
C MET D 137 -1.65 -17.53 4.27
N THR D 138 -2.95 -17.63 4.49
CA THR D 138 -3.75 -18.76 4.04
C THR D 138 -4.36 -18.35 2.71
N ALA D 139 -5.09 -19.27 2.09
CA ALA D 139 -5.91 -18.97 0.93
C ALA D 139 -6.96 -17.89 1.23
N LYS D 140 -7.44 -17.82 2.47
CA LYS D 140 -8.50 -16.87 2.84
C LYS D 140 -7.97 -15.51 3.32
N ARG D 141 -6.85 -15.46 4.03
CA ARG D 141 -6.43 -14.23 4.69
C ARG D 141 -4.94 -14.10 5.02
N ARG D 142 -4.55 -12.86 5.26
CA ARG D 142 -3.21 -12.52 5.71
C ARG D 142 -3.22 -12.64 7.23
N VAL D 143 -2.59 -13.68 7.74
CA VAL D 143 -2.74 -14.01 9.16
C VAL D 143 -1.74 -13.21 9.99
N SER D 144 -0.48 -13.22 9.58
CA SER D 144 0.57 -12.44 10.24
C SER D 144 0.46 -10.97 9.82
N GLY D 145 0.66 -10.06 10.77
CA GLY D 145 0.93 -8.64 10.47
C GLY D 145 2.05 -8.43 9.49
N THR D 146 3.03 -9.30 9.51
CA THR D 146 4.10 -9.27 8.51
C THR D 146 3.57 -9.38 7.10
N SER D 147 2.58 -10.24 6.89
CA SER D 147 1.98 -10.45 5.57
C SER D 147 0.92 -9.42 5.20
N ILE D 148 0.47 -8.63 6.16
CA ILE D 148 -0.44 -7.51 5.92
C ILE D 148 0.35 -6.31 5.41
N TYR D 149 1.41 -5.97 6.12
CA TYR D 149 2.19 -4.74 5.82
C TYR D 149 3.33 -4.93 4.84
N PHE D 150 3.72 -6.18 4.60
CA PHE D 150 4.78 -6.56 3.66
C PHE D 150 4.26 -7.69 2.81
N GLU D 151 4.98 -7.95 1.71
CA GLU D 151 4.67 -8.99 0.77
C GLU D 151 5.61 -10.19 0.99
N SER D 152 5.09 -11.17 1.73
CA SER D 152 5.85 -12.38 2.05
C SER D 152 5.61 -13.54 1.07
N MET D 153 6.67 -14.27 0.77
CA MET D 153 6.57 -15.52 0.03
C MET D 153 7.48 -16.53 0.72
N PRO D 154 6.97 -17.71 1.04
CA PRO D 154 7.77 -18.66 1.82
C PRO D 154 8.76 -19.43 0.96
N TYR D 155 9.81 -19.95 1.60
CA TYR D 155 10.58 -21.07 1.04
C TYR D 155 10.32 -22.32 1.87
N ARG D 156 10.58 -23.47 1.25
CA ARG D 156 10.14 -24.75 1.77
C ARG D 156 11.33 -25.72 1.92
N LEU D 157 11.10 -26.73 2.75
CA LEU D 157 11.95 -27.90 2.85
C LEU D 157 11.77 -28.78 1.62
N ASP D 158 12.83 -29.53 1.30
CA ASP D 158 12.74 -30.73 0.45
C ASP D 158 12.05 -31.79 1.28
N GLU D 159 10.84 -32.16 0.89
CA GLU D 159 10.02 -33.06 1.69
C GLU D 159 10.60 -34.48 1.85
N SER D 160 11.42 -34.93 0.90
CA SER D 160 12.09 -36.24 1.03
C SER D 160 13.26 -36.25 2.02
N THR D 161 13.85 -35.09 2.32
CA THR D 161 15.00 -35.01 3.23
C THR D 161 14.70 -34.26 4.54
N GLY D 162 13.68 -33.42 4.55
CA GLY D 162 13.37 -32.60 5.73
C GLY D 162 14.31 -31.43 5.92
N VAL D 163 15.11 -31.10 4.90
CA VAL D 163 16.10 -30.05 4.95
C VAL D 163 15.63 -28.93 4.02
N ILE D 164 16.01 -27.70 4.35
CA ILE D 164 15.68 -26.52 3.53
C ILE D 164 16.10 -26.80 2.06
N ASP D 165 15.18 -26.58 1.14
CA ASP D 165 15.47 -26.79 -0.28
C ASP D 165 16.22 -25.56 -0.80
N TYR D 166 17.53 -25.57 -0.61
CA TYR D 166 18.38 -24.42 -0.96
C TYR D 166 18.38 -24.14 -2.46
N ASP D 167 18.37 -25.21 -3.27
CA ASP D 167 18.31 -25.10 -4.73
C ASP D 167 17.04 -24.40 -5.17
N MET D 168 15.91 -24.74 -4.56
CA MET D 168 14.66 -24.08 -4.94
C MET D 168 14.62 -22.63 -4.46
N LEU D 169 15.14 -22.38 -3.25
CA LEU D 169 15.24 -21.00 -2.75
C LEU D 169 16.06 -20.11 -3.67
N GLU D 170 17.19 -20.63 -4.18
CA GLU D 170 18.00 -19.92 -5.14
C GLU D 170 17.16 -19.49 -6.35
N LYS D 171 16.37 -20.41 -6.89
CA LYS D 171 15.51 -20.14 -8.06
C LYS D 171 14.39 -19.16 -7.76
N THR D 172 13.66 -19.39 -6.68
CA THR D 172 12.48 -18.58 -6.37
C THR D 172 12.86 -17.17 -5.90
N ALA D 173 13.96 -17.03 -5.17
CA ALA D 173 14.50 -15.71 -4.85
C ALA D 173 14.86 -14.90 -6.07
N ALA D 174 15.45 -15.55 -7.07
CA ALA D 174 15.78 -14.85 -8.32
C ALA D 174 14.55 -14.31 -9.04
N LEU D 175 13.42 -15.00 -8.93
CA LEU D 175 12.16 -14.57 -9.54
C LEU D 175 11.39 -13.54 -8.71
N PHE D 176 11.28 -13.82 -7.42
CA PHE D 176 10.54 -12.95 -6.49
C PHE D 176 11.31 -11.68 -6.10
N ARG D 177 12.64 -11.75 -6.06
CA ARG D 177 13.49 -10.61 -5.74
C ARG D 177 13.10 -10.00 -4.38
N PRO D 178 13.20 -10.80 -3.32
CA PRO D 178 12.94 -10.23 -2.01
C PRO D 178 13.92 -9.11 -1.65
N LYS D 179 13.47 -8.14 -0.87
CA LYS D 179 14.36 -7.16 -0.26
C LYS D 179 15.02 -7.68 1.00
N LEU D 180 14.41 -8.67 1.65
CA LEU D 180 14.91 -9.30 2.87
C LEU D 180 14.67 -10.79 2.81
N ILE D 181 15.73 -11.57 3.11
CA ILE D 181 15.56 -13.01 3.30
C ILE D 181 15.83 -13.29 4.76
N ILE D 182 14.93 -14.07 5.36
CA ILE D 182 15.02 -14.47 6.77
C ILE D 182 15.37 -15.93 6.86
N ALA D 183 16.40 -16.22 7.64
CA ALA D 183 16.75 -17.56 8.06
C ALA D 183 16.37 -17.70 9.54
N GLY D 184 16.16 -18.94 9.97
CA GLY D 184 15.77 -19.21 11.35
C GLY D 184 14.36 -19.78 11.37
N ALA D 185 14.00 -20.45 12.45
CA ALA D 185 12.83 -21.29 12.49
C ALA D 185 12.37 -21.58 13.91
N SER D 186 11.12 -21.97 14.02
N SER D 186 11.11 -21.96 14.05
CA SER D 186 10.53 -22.42 15.31
CA SER D 186 10.57 -22.43 15.35
C SER D 186 10.56 -23.93 15.51
C SER D 186 10.62 -23.94 15.52
N ALA D 187 10.66 -24.68 14.41
CA ALA D 187 10.60 -26.13 14.45
C ALA D 187 11.43 -26.76 13.34
N TYR D 188 12.67 -26.32 13.21
CA TYR D 188 13.62 -26.90 12.27
C TYR D 188 14.74 -27.58 13.03
N PRO D 189 14.91 -28.89 12.83
CA PRO D 189 15.84 -29.65 13.66
C PRO D 189 17.29 -29.64 13.21
N ARG D 190 17.63 -28.89 12.17
CA ARG D 190 19.01 -28.88 11.68
C ARG D 190 19.59 -27.50 11.74
N ASP D 191 20.91 -27.42 11.67
CA ASP D 191 21.62 -26.15 11.54
C ASP D 191 21.38 -25.57 10.11
N ILE D 192 21.64 -24.28 9.96
CA ILE D 192 21.39 -23.53 8.73
C ILE D 192 22.69 -23.32 7.98
N ASP D 193 22.64 -23.47 6.65
CA ASP D 193 23.79 -23.19 5.79
C ASP D 193 23.83 -21.69 5.52
N TYR D 194 24.47 -20.96 6.43
CA TYR D 194 24.49 -19.49 6.34
C TYR D 194 25.23 -18.97 5.11
N ALA D 195 26.31 -19.66 4.72
CA ALA D 195 27.05 -19.28 3.51
C ALA D 195 26.16 -19.30 2.30
N ARG D 196 25.29 -20.30 2.22
CA ARG D 196 24.38 -20.44 1.07
C ARG D 196 23.27 -19.38 1.09
N PHE D 197 22.75 -19.07 2.27
CA PHE D 197 21.84 -17.92 2.40
C PHE D 197 22.49 -16.60 1.94
N ARG D 198 23.76 -16.39 2.28
CA ARG D 198 24.49 -15.20 1.86
C ARG D 198 24.65 -15.15 0.33
N LYS D 199 25.02 -16.30 -0.25
CA LYS D 199 25.14 -16.40 -1.71
C LYS D 199 23.81 -16.00 -2.37
N ILE D 200 22.72 -16.58 -1.87
CA ILE D 200 21.39 -16.32 -2.44
C ILE D 200 20.95 -14.86 -2.21
N ALA D 201 21.13 -14.36 -0.99
CA ALA D 201 20.81 -12.96 -0.72
C ALA D 201 21.57 -12.01 -1.65
N ASP D 202 22.88 -12.24 -1.80
CA ASP D 202 23.71 -11.41 -2.69
C ASP D 202 23.25 -11.50 -4.16
N SER D 203 22.73 -12.64 -4.57
CA SER D 203 22.20 -12.83 -5.96
C SER D 203 21.09 -11.84 -6.34
N VAL D 204 20.33 -11.33 -5.37
CA VAL D 204 19.26 -10.36 -5.61
C VAL D 204 19.43 -9.05 -4.83
N GLY D 205 20.55 -8.87 -4.15
CA GLY D 205 20.80 -7.63 -3.42
C GLY D 205 19.93 -7.47 -2.19
N ALA D 206 19.55 -8.61 -1.59
CA ALA D 206 18.65 -8.61 -0.43
C ALA D 206 19.45 -8.44 0.85
N PHE D 207 18.85 -7.79 1.82
CA PHE D 207 19.30 -7.91 3.21
C PHE D 207 19.10 -9.36 3.66
N LEU D 208 19.92 -9.79 4.63
CA LEU D 208 19.87 -11.15 5.15
C LEU D 208 19.82 -11.07 6.67
N MET D 209 18.81 -11.71 7.26
CA MET D 209 18.60 -11.72 8.70
C MET D 209 18.50 -13.15 9.19
N MET D 210 18.98 -13.38 10.42
CA MET D 210 18.78 -14.61 11.12
C MET D 210 17.94 -14.31 12.34
N ASP D 211 16.88 -15.09 12.53
CA ASP D 211 16.06 -15.06 13.73
C ASP D 211 16.49 -16.26 14.55
N MET D 212 17.31 -16.02 15.56
CA MET D 212 17.85 -17.11 16.37
C MET D 212 17.10 -17.39 17.69
N ALA D 213 15.85 -16.94 17.78
CA ALA D 213 15.07 -17.13 19.00
C ALA D 213 15.16 -18.53 19.60
N HIS D 214 15.03 -19.57 18.80
CA HIS D 214 15.01 -20.94 19.35
C HIS D 214 16.38 -21.48 19.69
N VAL D 215 17.45 -20.92 19.12
CA VAL D 215 18.78 -21.50 19.14
C VAL D 215 19.87 -20.55 19.66
N SER D 216 19.48 -19.39 20.20
CA SER D 216 20.47 -18.36 20.58
C SER D 216 21.55 -18.86 21.53
N GLY D 217 21.16 -19.65 22.51
CA GLY D 217 22.11 -20.18 23.50
C GLY D 217 23.08 -21.17 22.89
N LEU D 218 22.61 -21.95 21.91
CA LEU D 218 23.48 -22.90 21.20
C LEU D 218 24.50 -22.15 20.35
N ILE D 219 24.10 -20.99 19.85
CA ILE D 219 25.01 -20.13 19.10
C ILE D 219 26.02 -19.48 20.04
N ALA D 220 25.55 -18.92 21.14
CA ALA D 220 26.47 -18.29 22.11
C ALA D 220 27.52 -19.28 22.60
N ALA D 221 27.12 -20.54 22.78
CA ALA D 221 28.00 -21.59 23.32
C ALA D 221 28.83 -22.29 22.25
N SER D 222 28.75 -21.81 21.01
CA SER D 222 29.44 -22.38 19.85
C SER D 222 29.10 -23.83 19.58
N VAL D 223 27.88 -24.24 19.95
CA VAL D 223 27.41 -25.58 19.65
C VAL D 223 26.99 -25.64 18.18
N LEU D 224 26.25 -24.63 17.72
CA LEU D 224 25.86 -24.51 16.32
C LEU D 224 26.69 -23.42 15.65
N ALA D 225 26.59 -23.36 14.33
CA ALA D 225 27.30 -22.36 13.54
C ALA D 225 26.86 -20.94 13.88
N ASP D 226 27.77 -20.02 13.63
CA ASP D 226 27.58 -18.62 13.98
C ASP D 226 26.96 -17.85 12.82
N PRO D 227 25.70 -17.37 12.96
CA PRO D 227 25.10 -16.57 11.89
C PRO D 227 25.81 -15.22 11.71
N PHE D 228 26.47 -14.72 12.75
CA PHE D 228 27.12 -13.41 12.69
C PHE D 228 28.31 -13.37 11.71
N GLU D 229 28.81 -14.52 11.31
CA GLU D 229 29.82 -14.60 10.24
C GLU D 229 29.28 -14.17 8.85
N PHE D 230 27.97 -14.29 8.64
CA PHE D 230 27.34 -14.11 7.33
C PHE D 230 26.19 -13.12 7.19
N VAL D 231 25.38 -12.93 8.22
CA VAL D 231 24.14 -12.14 8.08
C VAL D 231 24.35 -10.69 8.44
N ASP D 232 23.38 -9.85 8.13
CA ASP D 232 23.47 -8.40 8.39
C ASP D 232 22.88 -8.06 9.76
N ILE D 233 21.82 -8.79 10.10
CA ILE D 233 20.95 -8.53 11.25
C ILE D 233 20.58 -9.87 11.92
N VAL D 234 20.60 -9.91 13.25
CA VAL D 234 20.16 -11.07 14.01
C VAL D 234 19.11 -10.62 15.02
N THR D 235 17.97 -11.29 15.04
CA THR D 235 16.97 -11.02 16.08
C THR D 235 16.86 -12.21 16.98
N THR D 236 16.32 -11.98 18.17
CA THR D 236 16.13 -13.06 19.10
C THR D 236 15.13 -12.69 20.18
N THR D 237 14.49 -13.71 20.74
CA THR D 237 13.79 -13.59 22.02
C THR D 237 14.87 -13.71 23.11
N THR D 238 14.54 -13.29 24.31
CA THR D 238 15.45 -13.42 25.44
C THR D 238 15.08 -14.57 26.41
N HIS D 239 13.89 -15.18 26.21
N HIS D 239 13.80 -14.91 26.41
CA HIS D 239 13.35 -16.20 27.14
CA HIS D 239 13.33 -16.17 26.92
C HIS D 239 13.63 -17.72 26.92
C HIS D 239 13.74 -17.17 25.86
N1 LLP D 240 10.65 -16.03 16.04
C2 LLP D 240 10.96 -17.29 16.37
C2' LLP D 240 11.86 -18.12 15.44
C3 LLP D 240 10.48 -17.81 17.56
O3 LLP D 240 10.82 -19.14 17.87
C4 LLP D 240 9.68 -17.05 18.38
C4' LLP D 240 9.23 -17.70 19.68
C5 LLP D 240 9.38 -15.75 18.02
C6 LLP D 240 9.87 -15.27 16.82
C5' LLP D 240 8.47 -14.72 18.72
OP4 LLP D 240 8.65 -14.53 20.09
P LLP D 240 7.40 -13.90 20.94
OP1 LLP D 240 8.02 -13.45 22.25
OP2 LLP D 240 6.75 -12.77 20.16
OP3 LLP D 240 6.49 -15.09 21.22
N LLP D 240 13.15 -18.33 25.85
CA LLP D 240 13.68 -19.56 25.25
CB LLP D 240 13.38 -19.51 23.74
CG LLP D 240 12.05 -18.86 23.39
CD LLP D 240 11.68 -19.19 21.93
CE LLP D 240 10.30 -18.57 21.72
NZ LLP D 240 10.23 -18.00 20.40
C LLP D 240 15.14 -19.96 25.57
O LLP D 240 15.50 -20.20 26.68
N SER D 241 15.98 -20.04 24.55
CA SER D 241 17.30 -20.62 24.67
C SER D 241 18.26 -19.85 25.61
N LEU D 242 18.13 -18.52 25.67
CA LEU D 242 18.97 -17.70 26.53
C LEU D 242 18.57 -17.78 28.00
N ARG D 243 17.37 -18.29 28.29
CA ARG D 243 16.86 -18.44 29.66
C ARG D 243 16.73 -17.15 30.42
N GLY D 244 16.40 -16.08 29.71
CA GLY D 244 16.19 -14.82 30.33
C GLY D 244 14.73 -14.45 30.55
N PRO D 245 14.47 -13.17 30.80
CA PRO D 245 13.11 -12.71 30.92
C PRO D 245 12.46 -12.66 29.53
N ARG D 246 11.17 -12.40 29.48
CA ARG D 246 10.46 -12.31 28.20
C ARG D 246 10.76 -10.95 27.57
N GLY D 247 11.29 -10.96 26.35
CA GLY D 247 11.87 -9.79 25.75
C GLY D 247 12.46 -10.16 24.40
N GLY D 248 13.17 -9.20 23.82
CA GLY D 248 13.80 -9.40 22.52
C GLY D 248 15.01 -8.52 22.37
N MET D 249 15.84 -8.85 21.37
CA MET D 249 17.00 -8.05 21.01
C MET D 249 17.15 -8.08 19.52
N ILE D 250 17.79 -7.02 19.02
CA ILE D 250 18.16 -6.91 17.61
C ILE D 250 19.63 -6.54 17.52
N PHE D 251 20.40 -7.38 16.86
CA PHE D 251 21.81 -7.07 16.56
C PHE D 251 21.93 -6.66 15.10
N PHE D 252 22.88 -5.78 14.80
CA PHE D 252 23.04 -5.26 13.45
C PHE D 252 24.47 -4.88 13.16
N LYS D 253 24.87 -5.02 11.90
CA LYS D 253 26.13 -4.45 11.47
C LYS D 253 26.16 -2.94 11.62
N LYS D 254 27.31 -2.42 12.04
CA LYS D 254 27.54 -0.99 12.11
C LYS D 254 28.10 -0.39 10.81
N ASP D 255 28.72 -1.19 9.95
CA ASP D 255 29.09 -0.72 8.60
C ASP D 255 27.84 -0.63 7.75
N ALA D 256 27.77 0.36 6.86
CA ALA D 256 26.61 0.51 5.96
C ALA D 256 26.36 -0.78 5.18
N VAL D 257 25.10 -1.17 5.05
CA VAL D 257 24.71 -2.35 4.31
C VAL D 257 23.74 -1.90 3.23
N HIS D 258 24.09 -2.14 1.96
CA HIS D 258 23.30 -1.64 0.83
C HIS D 258 22.99 -0.14 1.00
N GLY D 259 24.02 0.62 1.39
CA GLY D 259 23.90 2.06 1.61
C GLY D 259 23.08 2.54 2.80
N VAL D 260 22.73 1.64 3.73
CA VAL D 260 21.83 1.94 4.86
C VAL D 260 22.59 1.83 6.17
N ASP D 261 22.46 2.87 6.99
CA ASP D 261 22.96 2.88 8.37
C ASP D 261 21.94 2.09 9.20
N LEU D 262 22.24 0.81 9.41
CA LEU D 262 21.33 -0.07 10.13
C LEU D 262 21.10 0.38 11.57
N GLU D 263 22.13 0.93 12.20
CA GLU D 263 22.03 1.36 13.61
C GLU D 263 20.95 2.41 13.81
N SER D 264 21.04 3.48 13.03
CA SER D 264 20.07 4.56 13.07
C SER D 264 18.67 4.08 12.69
N ALA D 265 18.59 3.32 11.63
CA ALA D 265 17.32 2.80 11.14
C ALA D 265 16.59 1.95 12.18
N ILE D 266 17.29 0.99 12.76
CA ILE D 266 16.72 0.05 13.73
C ILE D 266 16.36 0.77 15.02
N ASN D 267 17.26 1.61 15.50
CA ASN D 267 16.99 2.29 16.77
C ASN D 267 15.74 3.18 16.63
N ASN D 268 15.64 3.90 15.53
CA ASN D 268 14.44 4.74 15.26
C ASN D 268 13.14 3.99 15.08
N ALA D 269 13.21 2.79 14.51
CA ALA D 269 12.01 1.95 14.32
C ALA D 269 11.49 1.41 15.64
N VAL D 270 12.39 1.00 16.52
CA VAL D 270 12.01 0.51 17.84
C VAL D 270 11.37 1.62 18.66
N PHE D 271 12.08 2.73 18.76
CA PHE D 271 11.62 3.86 19.53
C PHE D 271 12.10 5.14 18.90
N PRO D 272 11.19 6.04 18.52
CA PRO D 272 9.78 6.03 18.88
C PRO D 272 8.86 5.33 17.84
N GLY D 273 9.43 4.69 16.82
CA GLY D 273 8.66 4.17 15.71
C GLY D 273 7.50 3.32 16.18
N LEU D 274 7.81 2.31 16.98
CA LEU D 274 6.83 1.26 17.30
C LEU D 274 6.53 1.05 18.77
N GLN D 275 7.42 1.53 19.63
CA GLN D 275 7.26 1.38 21.07
C GLN D 275 7.43 2.72 21.74
N GLY D 276 7.02 2.77 23.00
CA GLY D 276 7.28 3.89 23.88
C GLY D 276 8.53 3.59 24.72
N GLY D 277 8.55 4.04 25.95
CA GLY D 277 9.76 3.89 26.77
C GLY D 277 10.15 2.45 27.07
N PRO D 278 11.46 2.19 27.25
CA PRO D 278 11.90 0.82 27.54
C PRO D 278 11.38 0.27 28.87
N HIS D 279 11.29 -1.06 28.95
CA HIS D 279 10.89 -1.75 30.16
C HIS D 279 12.15 -2.08 30.91
N ASN D 280 12.50 -1.22 31.86
CA ASN D 280 13.81 -1.35 32.53
C ASN D 280 13.94 -2.55 33.44
N HIS D 281 12.82 -3.00 34.00
CA HIS D 281 12.79 -4.25 34.74
C HIS D 281 13.18 -5.45 33.90
N THR D 282 12.65 -5.52 32.68
CA THR D 282 13.03 -6.57 31.77
C THR D 282 14.48 -6.46 31.35
N ILE D 283 14.92 -5.25 31.06
CA ILE D 283 16.34 -5.03 30.68
C ILE D 283 17.28 -5.43 31.84
N GLY D 284 16.86 -5.18 33.07
CA GLY D 284 17.57 -5.70 34.26
C GLY D 284 17.73 -7.19 34.25
N GLY D 285 16.64 -7.91 34.07
CA GLY D 285 16.69 -9.36 33.97
C GLY D 285 17.52 -9.85 32.80
N LEU D 286 17.44 -9.15 31.68
CA LEU D 286 18.22 -9.51 30.49
C LEU D 286 19.72 -9.41 30.77
N ALA D 287 20.11 -8.32 31.41
CA ALA D 287 21.52 -8.14 31.75
C ALA D 287 22.02 -9.30 32.61
N VAL D 288 21.22 -9.73 33.59
CA VAL D 288 21.54 -10.88 34.46
C VAL D 288 21.73 -12.15 33.62
N CYS D 289 20.80 -12.45 32.70
CA CYS D 289 20.96 -13.68 31.94
C CYS D 289 22.13 -13.62 30.96
N LEU D 290 22.44 -12.43 30.44
CA LEU D 290 23.57 -12.28 29.52
C LEU D 290 24.92 -12.45 30.21
N LYS D 291 25.01 -12.07 31.48
CA LYS D 291 26.19 -12.42 32.30
C LYS D 291 26.35 -13.94 32.38
N TYR D 292 25.30 -14.62 32.75
CA TYR D 292 25.36 -16.07 32.90
C TYR D 292 25.69 -16.73 31.56
N ALA D 293 25.18 -16.16 30.47
CA ALA D 293 25.41 -16.71 29.11
C ALA D 293 26.91 -16.78 28.69
N GLN D 294 27.75 -15.99 29.34
CA GLN D 294 29.20 -15.99 29.13
C GLN D 294 29.96 -17.03 29.94
N SER D 295 29.29 -17.78 30.80
CA SER D 295 29.96 -18.65 31.76
C SER D 295 30.24 -20.04 31.19
N PRO D 296 31.28 -20.72 31.71
CA PRO D 296 31.50 -22.13 31.36
C PRO D 296 30.31 -23.05 31.64
N ASP D 297 29.59 -22.79 32.71
CA ASP D 297 28.44 -23.61 33.06
C ASP D 297 27.31 -23.50 32.02
N PHE D 298 27.10 -22.31 31.48
CA PHE D 298 26.13 -22.12 30.38
C PHE D 298 26.55 -22.91 29.15
N LYS D 299 27.83 -22.90 28.82
CA LYS D 299 28.34 -23.68 27.70
C LYS D 299 28.15 -25.20 27.91
N ASN D 300 28.43 -25.69 29.10
CA ASN D 300 28.15 -27.09 29.45
C ASN D 300 26.67 -27.41 29.34
N TYR D 301 25.86 -26.52 29.88
CA TYR D 301 24.40 -26.64 29.75
C TYR D 301 23.94 -26.80 28.30
N GLN D 302 24.40 -25.94 27.42
CA GLN D 302 23.99 -25.98 26.02
C GLN D 302 24.47 -27.26 25.33
N ASN D 303 25.68 -27.72 25.63
CA ASN D 303 26.11 -29.03 25.15
C ASN D 303 25.24 -30.18 25.66
N GLN D 304 24.82 -30.12 26.93
CA GLN D 304 23.90 -31.10 27.50
C GLN D 304 22.51 -31.07 26.85
N VAL D 305 22.06 -29.87 26.47
CA VAL D 305 20.80 -29.74 25.73
C VAL D 305 20.82 -30.59 24.44
N VAL D 306 21.89 -30.49 23.67
CA VAL D 306 22.04 -31.26 22.43
C VAL D 306 22.16 -32.76 22.69
N ALA D 307 22.97 -33.14 23.69
CA ALA D 307 23.16 -34.54 24.05
C ALA D 307 21.84 -35.15 24.51
N ASN D 308 21.07 -34.39 25.30
CA ASN D 308 19.79 -34.87 25.78
C ASN D 308 18.78 -35.08 24.64
N CYS D 309 18.73 -34.12 23.72
CA CYS D 309 17.87 -34.25 22.57
C CYS D 309 18.27 -35.49 21.73
N ARG D 310 19.57 -35.72 21.61
CA ARG D 310 20.05 -36.90 20.86
C ARG D 310 19.66 -38.20 21.55
N ALA D 311 19.77 -38.26 22.87
CA ALA D 311 19.37 -39.45 23.66
C ALA D 311 17.89 -39.74 23.46
N LEU D 312 17.06 -38.69 23.57
CA LEU D 312 15.62 -38.80 23.34
C LEU D 312 15.32 -39.28 21.93
N ALA D 313 15.91 -38.61 20.94
CA ALA D 313 15.70 -38.93 19.53
C ALA D 313 16.01 -40.39 19.27
N ASN D 314 17.15 -40.83 19.75
CA ASN D 314 17.61 -42.21 19.50
C ASN D 314 16.67 -43.23 20.12
N ARG D 315 16.18 -42.95 21.32
CA ARG D 315 15.24 -43.85 21.99
C ARG D 315 13.89 -43.87 21.29
N LEU D 316 13.42 -42.72 20.79
CA LEU D 316 12.18 -42.69 19.99
C LEU D 316 12.29 -43.50 18.70
N VAL D 317 13.45 -43.46 18.07
CA VAL D 317 13.73 -44.32 16.90
C VAL D 317 13.71 -45.81 17.29
N GLU D 318 14.26 -46.16 18.45
CA GLU D 318 14.13 -47.54 18.99
C GLU D 318 12.66 -47.97 19.16
N HIS D 319 11.79 -47.03 19.51
CA HIS D 319 10.34 -47.25 19.54
C HIS D 319 9.63 -47.11 18.21
N GLU D 320 10.41 -47.00 17.12
CA GLU D 320 9.93 -47.02 15.73
C GLU D 320 9.21 -45.74 15.29
N TYR D 321 9.54 -44.61 15.92
CA TYR D 321 9.08 -43.30 15.46
C TYR D 321 9.98 -42.77 14.35
N LYS D 322 9.35 -42.14 13.37
CA LYS D 322 10.05 -41.41 12.31
C LYS D 322 10.25 -39.97 12.78
N LEU D 323 11.47 -39.48 12.59
CA LEU D 323 11.84 -38.12 12.91
C LEU D 323 12.01 -37.35 11.62
N VAL D 324 11.40 -36.17 11.54
CA VAL D 324 11.55 -35.31 10.38
C VAL D 324 13.04 -34.95 10.27
N SER D 325 13.58 -35.11 9.05
CA SER D 325 15.01 -34.97 8.75
C SER D 325 15.89 -36.13 9.26
N GLY D 326 15.26 -37.12 9.88
CA GLY D 326 15.97 -38.29 10.38
C GLY D 326 16.70 -38.09 11.68
N GLY D 327 16.46 -36.99 12.39
CA GLY D 327 17.20 -36.67 13.63
C GLY D 327 17.24 -35.18 13.90
N SER D 328 18.26 -34.73 14.62
CA SER D 328 18.40 -33.32 14.98
C SER D 328 19.85 -32.95 15.24
N ASP D 329 20.20 -31.70 14.97
CA ASP D 329 21.51 -31.13 15.30
C ASP D 329 21.35 -30.25 16.58
N ASN D 330 20.12 -30.09 17.07
CA ASN D 330 19.86 -29.02 18.06
C ASN D 330 19.07 -29.54 19.28
N HIS D 331 18.21 -28.68 19.83
CA HIS D 331 17.48 -28.86 21.07
C HIS D 331 16.12 -29.51 20.88
N LEU D 332 15.69 -29.71 19.64
CA LEU D 332 14.37 -30.27 19.38
C LEU D 332 14.36 -31.42 18.38
N VAL D 333 13.29 -32.19 18.45
CA VAL D 333 12.95 -33.19 17.47
C VAL D 333 11.52 -32.95 17.05
N LEU D 334 11.24 -33.25 15.78
CA LEU D 334 9.93 -33.18 15.20
C LEU D 334 9.58 -34.61 14.79
N VAL D 335 8.62 -35.20 15.52
CA VAL D 335 8.21 -36.59 15.31
C VAL D 335 7.07 -36.60 14.31
N ASP D 336 7.22 -37.38 13.24
CA ASP D 336 6.16 -37.58 12.28
C ASP D 336 5.33 -38.79 12.74
N LEU D 337 4.12 -38.52 13.22
CA LEU D 337 3.27 -39.55 13.80
C LEU D 337 2.37 -40.27 12.78
N ARG D 338 2.41 -39.84 11.52
CA ARG D 338 1.54 -40.42 10.48
C ARG D 338 1.69 -41.95 10.36
N PRO D 339 2.93 -42.50 10.34
CA PRO D 339 3.10 -43.99 10.37
C PRO D 339 2.56 -44.71 11.60
N SER D 340 2.41 -44.00 12.71
CA SER D 340 1.83 -44.53 13.93
C SER D 340 0.30 -44.52 13.91
N GLY D 341 -0.29 -43.86 12.91
CA GLY D 341 -1.74 -43.89 12.71
C GLY D 341 -2.51 -42.90 13.58
N ILE D 342 -1.85 -41.81 13.97
CA ILE D 342 -2.52 -40.80 14.80
C ILE D 342 -1.84 -39.45 14.62
N ASP D 343 -2.60 -38.40 14.84
CA ASP D 343 -2.15 -37.02 14.67
C ASP D 343 -1.62 -36.44 15.98
N GLY D 344 -0.97 -35.29 15.84
CA GLY D 344 -0.39 -34.55 16.97
C GLY D 344 -1.40 -33.95 17.93
N ALA D 345 -2.59 -33.52 17.46
CA ALA D 345 -3.59 -32.91 18.38
C ALA D 345 -4.09 -33.91 19.43
N ARG D 346 -4.40 -35.12 18.98
CA ARG D 346 -4.86 -36.15 19.90
C ARG D 346 -3.77 -36.53 20.89
N VAL D 347 -2.54 -36.70 20.39
CA VAL D 347 -1.41 -37.10 21.22
C VAL D 347 -1.06 -35.99 22.22
N GLU D 348 -0.97 -34.75 21.77
CA GLU D 348 -0.68 -33.62 22.66
C GLU D 348 -1.61 -33.60 23.87
N LYS D 349 -2.90 -33.84 23.62
CA LYS D 349 -3.89 -33.81 24.67
C LYS D 349 -3.68 -34.91 25.72
N ILE D 350 -3.55 -36.15 25.26
CA ILE D 350 -3.34 -37.27 26.18
C ILE D 350 -2.07 -37.06 27.01
N LEU D 351 -0.99 -36.65 26.34
CA LEU D 351 0.27 -36.39 27.02
C LEU D 351 0.13 -35.28 28.07
N ASP D 352 -0.59 -34.20 27.73
CA ASP D 352 -0.84 -33.10 28.68
C ASP D 352 -1.57 -33.60 29.92
N MET D 353 -2.52 -34.51 29.72
CA MET D 353 -3.26 -35.13 30.81
C MET D 353 -2.35 -35.96 31.72
N ALA D 354 -1.28 -36.53 31.17
CA ALA D 354 -0.28 -37.25 31.96
C ALA D 354 0.92 -36.36 32.42
N SER D 355 0.74 -35.03 32.39
CA SER D 355 1.74 -34.04 32.81
C SER D 355 2.98 -34.00 31.92
N ILE D 356 2.84 -34.38 30.65
CA ILE D 356 3.90 -34.23 29.65
C ILE D 356 3.42 -33.13 28.71
N THR D 357 4.07 -31.97 28.78
CA THR D 357 3.62 -30.83 27.98
C THR D 357 4.55 -30.67 26.78
N LEU D 358 3.95 -30.71 25.61
CA LEU D 358 4.65 -30.48 24.35
C LEU D 358 3.64 -29.85 23.37
N ASN D 359 3.99 -29.78 22.09
CA ASN D 359 3.17 -29.15 21.04
C ASN D 359 2.92 -30.08 19.91
N LYS D 360 1.67 -30.11 19.44
CA LYS D 360 1.40 -30.58 18.11
C LYS D 360 2.09 -29.63 17.13
N ASN D 361 2.49 -30.17 15.99
CA ASN D 361 3.22 -29.42 14.99
C ASN D 361 2.99 -30.03 13.62
N SER D 362 2.79 -29.16 12.61
CA SER D 362 2.76 -29.61 11.23
C SER D 362 4.04 -30.32 10.82
N VAL D 363 3.88 -31.30 9.94
CA VAL D 363 4.93 -32.12 9.39
C VAL D 363 4.91 -31.91 7.86
N PRO D 364 6.09 -31.82 7.20
CA PRO D 364 6.07 -31.69 5.73
C PRO D 364 5.34 -32.87 5.07
N GLY D 365 4.43 -32.58 4.14
CA GLY D 365 3.56 -33.60 3.53
C GLY D 365 2.14 -33.70 4.11
N ASP D 366 1.87 -33.04 5.24
CA ASP D 366 0.50 -32.97 5.80
C ASP D 366 -0.44 -32.32 4.80
N LYS D 367 -1.65 -32.86 4.66
CA LYS D 367 -2.64 -32.33 3.71
C LYS D 367 -3.31 -31.04 4.22
N SER D 368 -3.43 -30.91 5.55
CA SER D 368 -4.15 -29.79 6.16
C SER D 368 -3.45 -29.34 7.45
N ALA D 369 -3.38 -28.03 7.67
CA ALA D 369 -2.94 -27.45 8.95
C ALA D 369 -3.92 -27.73 10.10
N LEU D 370 -5.18 -28.03 9.75
CA LEU D 370 -6.21 -28.39 10.74
C LEU D 370 -5.94 -29.74 11.41
N VAL D 371 -5.12 -30.59 10.79
CA VAL D 371 -4.75 -31.88 11.36
C VAL D 371 -3.21 -31.99 11.36
N PRO D 372 -2.55 -31.47 12.43
CA PRO D 372 -1.08 -31.54 12.41
C PRO D 372 -0.60 -32.98 12.60
N GLY D 373 0.32 -33.38 11.74
CA GLY D 373 0.77 -34.74 11.67
C GLY D 373 1.81 -35.14 12.70
N GLY D 374 2.37 -34.18 13.44
CA GLY D 374 3.50 -34.48 14.31
C GLY D 374 3.46 -33.79 15.65
N ILE D 375 4.52 -34.02 16.43
CA ILE D 375 4.72 -33.32 17.69
C ILE D 375 6.15 -32.79 17.72
N ARG D 376 6.32 -31.62 18.33
CA ARG D 376 7.62 -31.01 18.57
C ARG D 376 7.98 -31.21 20.03
N ILE D 377 9.20 -31.71 20.28
CA ILE D 377 9.67 -32.06 21.62
C ILE D 377 11.04 -31.37 21.78
N GLY D 378 11.24 -30.66 22.88
CA GLY D 378 12.51 -29.98 23.15
C GLY D 378 13.11 -30.32 24.50
N SER D 379 14.44 -30.34 24.55
CA SER D 379 15.19 -30.58 25.79
C SER D 379 15.59 -29.41 26.70
N PRO D 380 15.50 -28.13 26.27
CA PRO D 380 16.11 -27.11 27.14
C PRO D 380 15.56 -27.00 28.55
N ALA D 381 14.25 -26.99 28.69
CA ALA D 381 13.66 -26.80 30.02
C ALA D 381 14.03 -27.89 31.00
N MET D 382 13.88 -29.16 30.64
CA MET D 382 14.24 -30.22 31.59
C MET D 382 15.75 -30.37 31.78
N THR D 383 16.55 -29.98 30.79
CA THR D 383 18.01 -29.92 30.94
C THR D 383 18.39 -28.89 32.00
N THR D 384 17.68 -27.75 32.03
CA THR D 384 17.89 -26.73 33.05
C THR D 384 17.70 -27.30 34.45
N ARG D 385 16.72 -28.19 34.62
CA ARG D 385 16.45 -28.80 35.92
C ARG D 385 17.46 -29.88 36.32
N GLY D 386 18.27 -30.35 35.37
CA GLY D 386 19.38 -31.24 35.68
C GLY D 386 19.25 -32.63 35.09
N LEU D 387 18.24 -32.88 34.25
CA LEU D 387 18.09 -34.23 33.67
C LEU D 387 19.22 -34.47 32.69
N GLY D 388 19.67 -35.71 32.61
CA GLY D 388 20.69 -36.10 31.64
C GLY D 388 20.17 -37.11 30.63
N GLU D 389 21.10 -37.79 29.97
CA GLU D 389 20.76 -38.64 28.84
C GLU D 389 19.87 -39.82 29.21
N LYS D 390 20.21 -40.52 30.29
CA LYS D 390 19.38 -41.63 30.82
C LYS D 390 17.95 -41.19 31.09
N GLU D 391 17.81 -40.00 31.66
CA GLU D 391 16.47 -39.47 31.98
C GLU D 391 15.69 -39.12 30.72
N PHE D 392 16.38 -38.63 29.70
CA PHE D 392 15.74 -38.33 28.42
C PHE D 392 15.35 -39.61 27.64
N GLU D 393 16.09 -40.69 27.87
CA GLU D 393 15.67 -42.01 27.37
C GLU D 393 14.38 -42.44 28.06
N LEU D 394 14.30 -42.23 29.36
CA LEU D 394 13.06 -42.49 30.11
C LEU D 394 11.90 -41.62 29.56
N ILE D 395 12.18 -40.34 29.32
CA ILE D 395 11.16 -39.45 28.71
C ILE D 395 10.61 -40.02 27.39
N ALA D 396 11.49 -40.54 26.52
CA ALA D 396 11.08 -41.14 25.26
C ALA D 396 10.13 -42.31 25.52
N ASP D 397 10.47 -43.14 26.51
CA ASP D 397 9.60 -44.29 26.89
C ASP D 397 8.22 -43.80 27.37
N LEU D 398 8.21 -42.74 28.16
CA LEU D 398 6.96 -42.19 28.67
C LEU D 398 6.07 -41.57 27.58
N ILE D 399 6.68 -40.86 26.64
CA ILE D 399 5.97 -40.36 25.44
C ILE D 399 5.36 -41.52 24.66
N HIS D 400 6.14 -42.57 24.45
CA HIS D 400 5.67 -43.76 23.74
C HIS D 400 4.46 -44.40 24.40
N GLU D 401 4.51 -44.50 25.73
CA GLU D 401 3.36 -44.97 26.50
C GLU D 401 2.13 -44.09 26.25
N GLY D 402 2.31 -42.76 26.26
CA GLY D 402 1.21 -41.86 25.97
C GLY D 402 0.65 -41.95 24.56
N VAL D 403 1.51 -42.16 23.58
CA VAL D 403 1.07 -42.37 22.19
C VAL D 403 0.20 -43.63 22.12
N ARG D 404 0.63 -44.69 22.82
CA ARG D 404 -0.12 -45.96 22.85
C ARG D 404 -1.49 -45.75 23.48
N ILE D 405 -1.55 -44.99 24.57
CA ILE D 405 -2.83 -44.63 25.17
C ILE D 405 -3.70 -43.83 24.20
N SER D 406 -3.10 -42.86 23.49
CA SER D 406 -3.83 -42.04 22.51
C SER D 406 -4.47 -42.87 21.38
N LEU D 407 -3.72 -43.84 20.89
CA LEU D 407 -4.23 -44.76 19.86
C LEU D 407 -5.39 -45.61 20.35
N GLU D 408 -5.26 -46.10 21.58
CA GLU D 408 -6.37 -46.82 22.20
C GLU D 408 -7.59 -45.92 22.34
N ALA D 409 -7.41 -44.69 22.84
CA ALA D 409 -8.50 -43.71 22.96
C ALA D 409 -9.19 -43.43 21.62
N LYS D 410 -8.38 -43.24 20.57
CA LYS D 410 -8.90 -42.95 19.23
C LYS D 410 -9.88 -44.03 18.74
N SER D 411 -9.55 -45.29 18.97
CA SER D 411 -10.42 -46.41 18.59
C SER D 411 -11.77 -46.46 19.32
N LEU D 412 -11.85 -45.87 20.52
CA LEU D 412 -13.08 -45.84 21.30
C LEU D 412 -14.01 -44.69 20.94
N VAL D 413 -13.50 -43.71 20.20
CA VAL D 413 -14.27 -42.52 19.88
C VAL D 413 -15.03 -42.75 18.56
N SER D 414 -16.32 -42.41 18.58
CA SER D 414 -17.16 -42.41 17.38
C SER D 414 -16.93 -41.14 16.56
N GLY D 415 -16.39 -41.31 15.36
CA GLY D 415 -16.21 -40.22 14.41
C GLY D 415 -14.81 -39.63 14.40
N THR D 416 -14.64 -38.69 13.48
CA THR D 416 -13.34 -38.14 13.07
C THR D 416 -13.03 -36.81 13.75
N LYS D 417 -14.02 -36.16 14.35
CA LYS D 417 -13.86 -34.79 14.84
C LYS D 417 -13.03 -34.73 16.14
N VAL D 418 -11.99 -33.89 16.14
CA VAL D 418 -11.12 -33.72 17.32
C VAL D 418 -11.91 -33.31 18.56
N GLN D 419 -12.96 -32.50 18.40
CA GLN D 419 -13.87 -32.17 19.51
C GLN D 419 -14.49 -33.38 20.21
N ASP D 420 -14.88 -34.38 19.42
CA ASP D 420 -15.41 -35.64 19.95
C ASP D 420 -14.34 -36.44 20.72
N PHE D 421 -13.10 -36.44 20.20
CA PHE D 421 -11.99 -37.03 20.95
C PHE D 421 -11.80 -36.31 22.27
N LEU D 422 -11.78 -34.97 22.24
CA LEU D 422 -11.62 -34.14 23.44
C LEU D 422 -12.71 -34.37 24.48
N ASN D 423 -13.96 -34.46 24.03
CA ASN D 423 -15.07 -34.75 24.94
C ASN D 423 -14.95 -36.13 25.57
N PHE D 424 -14.49 -37.09 24.78
CA PHE D 424 -14.34 -38.44 25.27
C PHE D 424 -13.26 -38.52 26.36
N VAL D 425 -12.10 -37.95 26.09
CA VAL D 425 -10.96 -38.09 27.00
C VAL D 425 -11.09 -37.25 28.26
N LEU D 426 -11.82 -36.14 28.18
CA LEU D 426 -12.10 -35.30 29.34
C LEU D 426 -13.32 -35.72 30.15
N ALA D 427 -14.12 -36.66 29.64
CA ALA D 427 -15.27 -37.16 30.37
C ALA D 427 -14.82 -37.73 31.72
N PRO D 428 -15.61 -37.50 32.80
CA PRO D 428 -15.16 -37.95 34.13
C PRO D 428 -14.91 -39.46 34.25
N GLU D 429 -15.62 -40.26 33.45
CA GLU D 429 -15.49 -41.71 33.48
C GLU D 429 -14.67 -42.28 32.29
N PHE D 430 -13.85 -41.44 31.67
CA PHE D 430 -12.97 -41.84 30.56
C PHE D 430 -12.34 -43.21 30.86
N PRO D 431 -12.58 -44.24 30.01
CA PRO D 431 -12.19 -45.58 30.45
C PRO D 431 -10.69 -45.90 30.46
N LEU D 432 -9.86 -45.01 29.90
CA LEU D 432 -8.43 -45.15 29.99
C LEU D 432 -7.84 -44.23 31.06
N GLY D 433 -8.69 -43.69 31.95
CA GLY D 433 -8.26 -42.84 33.06
C GLY D 433 -7.19 -43.45 33.93
N ASP D 434 -7.31 -44.74 34.24
CA ASP D 434 -6.30 -45.41 35.08
C ASP D 434 -4.94 -45.49 34.35
N LYS D 435 -4.96 -45.77 33.04
CA LYS D 435 -3.72 -45.79 32.27
C LYS D 435 -3.07 -44.42 32.23
N VAL D 436 -3.86 -43.38 32.02
CA VAL D 436 -3.35 -41.99 32.10
C VAL D 436 -2.78 -41.67 33.50
N SER D 437 -3.49 -42.05 34.55
N SER D 437 -3.50 -42.06 34.54
CA SER D 437 -3.03 -41.84 35.92
CA SER D 437 -3.05 -41.87 35.92
C SER D 437 -1.71 -42.58 36.21
C SER D 437 -1.72 -42.57 36.20
N ASN D 438 -1.61 -43.83 35.74
CA ASN D 438 -0.36 -44.61 35.92
C ASN D 438 0.82 -43.97 35.20
N LEU D 439 0.59 -43.50 33.97
CA LEU D 439 1.63 -42.75 33.25
C LEU D 439 1.98 -41.42 33.98
N ARG D 440 0.98 -40.63 34.33
CA ARG D 440 1.19 -39.40 35.10
C ARG D 440 2.04 -39.60 36.36
N ARG D 441 1.79 -40.67 37.07
CA ARG D 441 2.58 -40.97 38.26
C ARG D 441 4.05 -41.20 37.93
N LYS D 442 4.34 -41.91 36.84
CA LYS D 442 5.72 -42.08 36.38
C LYS D 442 6.38 -40.78 35.92
N VAL D 443 5.62 -39.98 35.19
CA VAL D 443 6.06 -38.68 34.73
C VAL D 443 6.46 -37.79 35.92
N GLU D 444 5.55 -37.68 36.87
CA GLU D 444 5.78 -36.84 38.03
C GLU D 444 6.88 -37.38 38.95
N ALA D 445 7.03 -38.70 39.03
CA ALA D 445 8.10 -39.33 39.84
C ALA D 445 9.48 -38.98 39.27
N LEU D 446 9.58 -38.84 37.94
CA LEU D 446 10.80 -38.37 37.31
C LEU D 446 11.02 -36.89 37.56
N ALA D 447 10.03 -36.07 37.21
CA ALA D 447 10.18 -34.62 37.32
C ALA D 447 10.50 -34.13 38.74
N THR D 448 9.83 -34.68 39.74
CA THR D 448 9.97 -34.20 41.12
C THR D 448 11.28 -34.63 41.77
N GLN D 449 12.12 -35.42 41.08
CA GLN D 449 13.47 -35.67 41.59
C GLN D 449 14.43 -34.49 41.40
N TYR D 450 14.01 -33.50 40.60
CA TYR D 450 14.89 -32.43 40.18
C TYR D 450 14.41 -31.11 40.72
N PRO D 451 15.35 -30.22 41.07
CA PRO D 451 14.93 -28.92 41.54
C PRO D 451 14.45 -28.07 40.36
N ILE D 452 13.82 -26.96 40.67
CA ILE D 452 13.43 -25.99 39.66
C ILE D 452 13.92 -24.60 40.08
N PRO D 453 14.54 -23.84 39.13
CA PRO D 453 14.98 -22.50 39.55
C PRO D 453 13.81 -21.53 39.75
N GLY D 454 14.10 -20.43 40.41
CA GLY D 454 13.15 -19.33 40.53
C GLY D 454 13.03 -18.93 41.97
N VAL D 455 12.39 -17.79 42.19
CA VAL D 455 12.20 -17.24 43.54
C VAL D 455 11.39 -18.17 44.44
C ACT E . 4.88 -4.47 -29.86
O ACT E . 5.04 -5.70 -29.91
OXT ACT E . 5.14 -3.77 -30.87
CH3 ACT E . 4.40 -3.80 -28.59
C FMT F . -8.72 20.85 -24.83
O1 FMT F . -8.50 21.88 -25.48
O2 FMT F . -9.29 19.85 -25.36
C ACT G . -16.03 17.19 -18.89
O ACT G . -16.74 17.56 -19.85
OXT ACT G . -15.87 17.94 -17.91
CH3 ACT G . -15.39 15.82 -18.90
C FMT H . -2.27 3.56 32.41
O1 FMT H . -2.87 3.69 33.50
O2 FMT H . -1.04 3.24 32.41
C ACT I . 3.91 3.01 25.38
O ACT I . 4.12 2.31 24.34
OXT ACT I . 4.67 2.93 26.39
CH3 ACT I . 2.72 3.93 25.45
C FMT J . 7.09 0.34 25.35
O1 FMT J . 8.23 -0.21 25.27
O2 FMT J . 6.35 0.42 24.32
C FMT K . 15.79 -16.90 23.30
O1 FMT K . 16.75 -17.40 23.92
O2 FMT K . 14.72 -16.64 23.91
#